data_1SQQ
#
_entry.id   1SQQ
#
_cell.length_a   153.677
_cell.length_b   153.677
_cell.length_c   598.824
_cell.angle_alpha   90.00
_cell.angle_beta   90.00
_cell.angle_gamma   90.00
#
_symmetry.space_group_name_H-M   'I 41 2 2'
#
loop_
_entity.id
_entity.type
_entity.pdbx_description
1 polymer 'Ubiquinol-cytochrome-c reductase complex core protein I, mitochondrial precursor'
2 polymer 'Ubiquinol-cytochrome-c reductase complex core protein 2, mitochondrial precursor'
3 polymer 'Cytochrome b'
4 polymer 'Cytochrome c1, heme protein, mitochondrial'
5 polymer 'Ubiquinol-cytochrome c reductase iron-sulfur subunit, mitochondrial precursor (EC 1.10.2.2) (Rieske iron-sulfur protein) (RISP) [Contains: Ubiquinol-cytochrome c reductase 8 kDa protein (Complex III subunit IX)]'
6 polymer 'Ubiquinol-cytochrome c reductase complex 14 kDa protein'
7 polymer 'Ubiquinol-cytochrome c reductase complex ubiquinone-binding protein QP-C'
8 polymer 'Ubiquinol-cytochrome c reductase complex 11 kDa protein'
9 polymer 'Ubiquinol-cytochrome c reductase iron-sulfur subunit, mitochondrial precursor (EC 1.10.2.2) (Rieske iron-sulfur protein) (RISP) [Contains: Ubiquinol-cytochrome c reductase 8 kDa protein (Complex III subunit IX)]'
10 polymer 'Ubiquinol-cytochrome c reductase complex 7.2 kDa protein'
11 polymer 'Ubiquinol-cytochrome c reductase complex 6.4 kDa protein'
12 non-polymer 'HEME C'
13 non-polymer UBIQUINONE-2
14 non-polymer 'METHYL (2Z)-3-METHOXY-2-{2-[(E)-2-PHENYLVINYL]PHENYL}ACRYLATE'
15 non-polymer 'FE2/S2 (INORGANIC) CLUSTER'
16 water water
#
loop_
_entity_poly.entity_id
_entity_poly.type
_entity_poly.pdbx_seq_one_letter_code
_entity_poly.pdbx_strand_id
1 'polypeptide(L)'
;TATYAQALQSVPETQVSQLDNGLRVASEQSSQPTCTVGVWIDAGSRYESEKNNGAGYFVEHLAFKGTKNRPGNALEKEVE
SMGAHLNAYSTREHTAYYIKALSKDLPKAVELLADIVQNCSLEDSQIEKERDVILQELQENDTSMRDVVFNYLHATAFQG
TPLAQSVEGPSENVRKLSRADLTEYLSRHYKAPRMVLAAAGGLEHRQLLDLAQKHFSGLSGTYDEDAVPTLSPCRFTGSQ
ICHREDGLPLAHVAIAVEGPGWAHPDNVALQVANAIIGHYDCTYGGGAHLSSPLASIAATNKLCQSFQTFNICYADTGLL
GAHFVCDHMSIDDMMFVLQGQWMRLCTSATESEVLRGKNLLRNALVSHLDGTTPVCEDIGRSLLTYGRRIPLAEWESRIA
EVDARVVREVCSKYFYDQCPAVAGFGPIEQLPDYNRIRSGMFWLRF
;
A
2 'polypeptide(L)'
;SLKVAPKVKATEAPAGVPPHPQDLEFTRLPNGLVIASLENYAPASRIGLFIKAGSRYENSNNLGTSHLLRLASSLTTKGA
SSFKITRGIEAVGGKLSVTSTRENMAYTVECLRDDVDILMEFLLNVTTAPEFRRWEVAALQPQLRIDKAVALQNPQAHVI
ENLHAAAYRNALANSLYCPDYRIGKVTPVELHDYVQNHFTSARMALIGLGVSHPVLKQVAEQFLNIRGGLGLSGAKAKYH
GGEIREQNGDSLVHAALVAESAAIGSAEANAFSVLQHVLGAGPHVKRGSNATSSLYQAVAKGVHQPFDVSAFNASYSDSG
LFGFYTISQAASAGDVIKAAYNQVKTIAQGNLSNPDVQAAKNKLKAGYLMSVESSEGFLDEVGSQALAAGSYTPPSTVLQ
QIDAVADADVINAAKKFVSGRKSMAASGNLGHTPFIDEL
;
B
3 'polypeptide(L)'
;MTNIRKSHPLMKIVNNAFIDLPAPSNISSWWNFGSLLGICLILQILTGLFLAMHYTSDTTTAFSSVTHICRDVNYGWIIR
YMHANGASMFFICLYMHVGRGLYYGSYTFLETWNIGVILLLTVMATAFMGYVLPWGQMSFWGATVITNLLSAIPYIGTNL
VEWIWGGFSVDKATLTRFFAFHFILPFIIMAIAMVHLLFLHETGSNNPTGISSDVDKIPFHPYYTIKDILGALLLILALM
LLVLFAPDLLGDPDNYTPANPLNTPPHIKPEWYFLFAYAILRSIPNKLGGVLALAFSILILALIPLLHTSKQRSMMFRPL
SQCLFWALVADLLTLTWIGGQPVEHPYITIGQLASVLYFLLILVLMPTAGTIENKLLKW
;
C
4 'polypeptide(L)'
;SDLELHPPSYPWSHRGLLSSLDHTSIRRGFQVYKQVCSSCHSMDYVAYRHLVGVCYTEDEAKALAEEVEVQDGPNEDGEM
FMRPGKLSDYFPKPYPNPEAARAANNGALPPDLSYIVRARHGGEDYVFSLLTGYCEPPTGVSLREGLYFNPYFPGQAIGM
APPIYNEVLEFDDGTPATMSQVAKDVCTFLRWAAEPEHDHRKRMGLKMLLMMGLLLPLVYAMKRHKWSVLKSRKLAYRPP
K
;
D
5 'polypeptide(L)'
;SHTDIKVPDFSDYRRPEVLDSTKSSKESSEARKGFSYLVTATTTVGVAYAAKNVVSQFVSSMSASADVLAMSKIEIKLSD
IPEGKNMAFKWRGKPLFVRHRTKKEIDQEAAVEVSQLRDPQHDLERVKKPEWVILIGVCTHLGCVPIANAGDFGGYYCPC
HGSHYDASGRIRKGPAPLNLEVPSYEFTSDDMVIVG
;
E
6 'polypeptide(L)'
;AGRPAVSASSRWLEGIRKWYYNAAGFNKLGLMRDDTIHENDDVKEAIRRLPENLYDDRVFRIKRALDLSMRQQILPKEQW
TKYEEDKSYLEPYLKEVIRERKEREEWAKK
;
F
7 'polypeptide(L)'
;GRQFGHLTRVRHVITYSLSPFEQRAFPHYFSKGIPNVLRRTRACILRVAPPFVAFYLVYTWGTQEFEKSKRKNPAAYEND
R
;
G
8 'polypeptide(L)' GDPKEEEEEEEELVDPLTTVREQCEQLEKCVKARERLELCDERVSSRSQTEEDCTEELLDFLHARDHCVAHKLFNSLK H
9 'polypeptide(L)' MLSVAARSGPFAPVLSATSRGVAGALRPLVQAAVPATSESPVLDLKRSVLCRESLRGQAAGRPLVASVSLNVPASVRY I
10 'polypeptide(L)' VAPTLTARLYSLLFRRTSTFALTIVVGALFFERAFDQGADAIYEHINEGKLWKHIKHKYENK J
11 'polypeptide(L)' MLTRFLGPRYRQLARNWVPTASLWGAVGAVGLVWATDWRLILDWVPYINGKFKKDD K
#
loop_
_chem_comp.id
_chem_comp.type
_chem_comp.name
_chem_comp.formula
FES non-polymer 'FE2/S2 (INORGANIC) CLUSTER' 'Fe2 S2'
HEC non-polymer 'HEME C' 'C34 H34 Fe N4 O4'
OST non-polymer 'METHYL (2Z)-3-METHOXY-2-{2-[(E)-2-PHENYLVINYL]PHENYL}ACRYLATE' 'C19 H18 O3'
UQ2 non-polymer UBIQUINONE-2 'C19 H26 O4'
#
# COMPACT_ATOMS: atom_id res chain seq x y z
N THR A 1 -7.22 43.61 -38.46
CA THR A 1 -6.82 42.16 -38.54
C THR A 1 -8.02 41.19 -38.46
N ALA A 2 -7.89 40.06 -39.18
CA ALA A 2 -8.72 38.85 -39.00
C ALA A 2 -8.68 38.30 -37.56
N THR A 3 -9.82 37.78 -37.10
CA THR A 3 -9.90 36.97 -35.87
C THR A 3 -9.37 35.55 -36.07
N TYR A 4 -9.22 34.82 -34.96
CA TYR A 4 -8.66 33.46 -34.95
C TYR A 4 -9.60 32.42 -35.59
N ALA A 5 -10.89 32.47 -35.19
CA ALA A 5 -11.99 31.80 -35.90
C ALA A 5 -12.01 32.10 -37.38
N GLN A 6 -11.94 33.39 -37.74
CA GLN A 6 -11.74 33.79 -39.13
C GLN A 6 -10.56 33.05 -39.78
N ALA A 7 -9.51 32.77 -39.00
CA ALA A 7 -8.29 32.28 -39.58
C ALA A 7 -8.34 30.78 -39.79
N LEU A 8 -9.19 30.11 -39.00
CA LEU A 8 -9.44 28.69 -39.12
C LEU A 8 -10.22 28.31 -40.36
N GLN A 9 -11.16 29.18 -40.75
CA GLN A 9 -11.90 28.96 -41.99
C GLN A 9 -11.04 29.17 -43.24
N SER A 10 -9.94 29.91 -43.09
CA SER A 10 -9.06 30.31 -44.20
C SER A 10 -8.27 29.16 -44.82
N VAL A 11 -7.94 28.14 -44.01
CA VAL A 11 -7.07 27.01 -44.45
C VAL A 11 -7.82 26.17 -45.45
N PRO A 12 -7.27 25.98 -46.66
CA PRO A 12 -7.96 25.27 -47.76
C PRO A 12 -8.45 23.86 -47.39
N GLU A 13 -9.57 23.43 -48.01
CA GLU A 13 -10.05 22.03 -47.95
C GLU A 13 -8.91 21.11 -48.34
N THR A 14 -8.64 20.15 -47.48
CA THR A 14 -7.88 18.98 -47.89
C THR A 14 -8.74 18.19 -48.87
N GLN A 15 -8.14 17.81 -49.98
CA GLN A 15 -8.87 17.37 -51.17
C GLN A 15 -8.58 15.90 -51.45
N VAL A 16 -9.61 15.06 -51.30
CA VAL A 16 -9.47 13.60 -51.40
C VAL A 16 -10.04 13.10 -52.73
N SER A 17 -9.23 12.29 -53.43
CA SER A 17 -9.74 11.33 -54.43
C SER A 17 -9.20 9.89 -54.33
N GLN A 18 -9.94 8.96 -54.94
CA GLN A 18 -9.60 7.53 -55.01
C GLN A 18 -9.29 7.12 -56.45
N LEU A 19 -8.32 6.21 -56.59
CA LEU A 19 -8.12 5.37 -57.79
C LEU A 19 -9.12 4.22 -57.89
N ASP A 20 -9.32 3.72 -59.12
CA ASP A 20 -10.20 2.56 -59.39
C ASP A 20 -9.46 1.25 -59.03
N ASN A 21 -9.23 1.00 -57.74
CA ASN A 21 -7.95 0.46 -57.22
C ASN A 21 -7.83 0.53 -55.69
N GLY A 22 -8.18 1.68 -55.12
CA GLY A 22 -8.29 1.85 -53.67
C GLY A 22 -7.20 2.68 -52.99
N LEU A 23 -6.15 3.04 -53.74
CA LEU A 23 -5.27 4.15 -53.37
C LEU A 23 -6.06 5.44 -53.26
N ARG A 24 -6.24 5.89 -52.02
CA ARG A 24 -6.62 7.25 -51.77
C ARG A 24 -5.48 8.18 -52.04
N VAL A 25 -5.80 9.33 -52.64
CA VAL A 25 -4.81 10.26 -53.12
C VAL A 25 -5.18 11.71 -52.79
N ALA A 26 -4.38 12.34 -51.92
CA ALA A 26 -4.81 13.55 -51.23
C ALA A 26 -3.80 14.69 -50.99
N SER A 27 -4.35 15.93 -51.02
CA SER A 27 -3.61 17.19 -51.12
C SER A 27 -4.23 18.20 -50.16
N GLU A 28 -3.36 18.89 -49.40
CA GLU A 28 -3.58 20.29 -49.03
C GLU A 28 -2.64 21.22 -49.80
N GLN A 29 -3.22 22.12 -50.60
CA GLN A 29 -2.44 23.00 -51.47
C GLN A 29 -2.22 24.38 -50.87
N SER A 30 -1.06 24.96 -51.19
CA SER A 30 -0.58 26.23 -50.59
C SER A 30 0.39 26.97 -51.54
N SER A 31 0.85 28.13 -51.09
CA SER A 31 1.66 29.06 -51.92
C SER A 31 3.17 28.74 -51.88
N GLN A 32 3.56 27.86 -50.96
CA GLN A 32 4.96 27.47 -50.72
C GLN A 32 5.67 26.97 -52.03
N PRO A 33 6.98 27.25 -52.21
CA PRO A 33 7.73 26.72 -53.39
C PRO A 33 8.21 25.26 -53.24
N THR A 34 7.64 24.54 -52.29
CA THR A 34 8.31 23.44 -51.64
C THR A 34 7.19 22.58 -51.09
N CYS A 35 7.41 21.26 -51.11
CA CYS A 35 6.33 20.32 -50.76
C CYS A 35 6.78 19.12 -49.93
N THR A 36 5.81 18.33 -49.48
CA THR A 36 6.07 16.98 -49.02
C THR A 36 5.07 15.99 -49.61
N VAL A 37 5.62 14.90 -50.20
CA VAL A 37 4.85 13.72 -50.64
C VAL A 37 5.36 12.48 -49.90
N GLY A 38 4.43 11.61 -49.52
CA GLY A 38 4.39 10.26 -50.06
C GLY A 38 3.34 9.41 -49.41
N VAL A 39 3.75 8.21 -49.00
CA VAL A 39 2.84 7.08 -48.89
C VAL A 39 2.75 6.68 -47.43
N TRP A 40 1.53 6.71 -46.93
CA TRP A 40 1.21 6.22 -45.60
C TRP A 40 0.46 4.89 -45.74
N ILE A 41 1.01 3.86 -45.08
CA ILE A 41 0.54 2.49 -45.20
C ILE A 41 -0.05 2.00 -43.87
N ASP A 42 -1.25 1.40 -43.94
CA ASP A 42 -1.86 0.62 -42.84
C ASP A 42 -1.08 -0.70 -42.53
N ALA A 43 0.21 -0.54 -42.29
CA ALA A 43 1.09 -1.64 -41.93
C ALA A 43 2.13 -1.21 -40.89
N GLY A 44 2.56 -2.16 -40.10
CA GLY A 44 2.42 -2.09 -38.68
C GLY A 44 3.35 -3.11 -38.08
N SER A 45 2.81 -3.91 -37.16
CA SER A 45 3.57 -4.61 -36.12
C SER A 45 2.60 -5.28 -35.21
N ARG A 46 1.60 -4.51 -34.76
CA ARG A 46 0.21 -5.02 -34.63
C ARG A 46 -0.25 -6.00 -35.74
N TYR A 47 0.50 -6.09 -36.84
CA TYR A 47 0.18 -6.95 -37.97
C TYR A 47 1.04 -8.20 -38.04
N GLU A 48 2.25 -8.15 -37.46
CA GLU A 48 3.20 -9.27 -37.52
C GLU A 48 3.04 -10.30 -36.35
N SER A 49 3.69 -11.47 -36.47
CA SER A 49 3.18 -12.69 -35.80
C SER A 49 3.82 -13.01 -34.42
N GLU A 50 4.89 -13.82 -34.42
CA GLU A 50 5.97 -13.68 -33.49
C GLU A 50 7.29 -14.01 -34.20
N LYS A 51 7.42 -15.24 -34.75
CA LYS A 51 7.82 -15.46 -36.15
C LYS A 51 7.35 -14.29 -37.05
N ASN A 52 8.30 -13.62 -37.72
CA ASN A 52 7.99 -12.50 -38.64
C ASN A 52 7.70 -11.11 -38.05
N ASN A 53 7.64 -10.99 -36.71
CA ASN A 53 8.00 -9.72 -36.02
C ASN A 53 9.41 -9.19 -36.33
N GLY A 54 9.53 -7.86 -36.36
CA GLY A 54 10.68 -7.15 -36.92
C GLY A 54 10.72 -6.95 -38.44
N ALA A 55 9.71 -7.47 -39.15
CA ALA A 55 9.70 -7.54 -40.61
C ALA A 55 9.60 -6.15 -41.24
N GLY A 56 8.63 -5.36 -40.79
CA GLY A 56 8.37 -4.04 -41.37
C GLY A 56 9.54 -3.10 -41.14
N TYR A 57 10.09 -3.18 -39.93
CA TYR A 57 11.40 -2.65 -39.62
C TYR A 57 12.48 -3.04 -40.63
N PHE A 58 12.54 -4.35 -40.93
CA PHE A 58 13.51 -4.87 -41.85
C PHE A 58 13.28 -4.36 -43.27
N VAL A 59 12.00 -4.20 -43.68
CA VAL A 59 11.67 -3.57 -44.98
C VAL A 59 12.11 -2.11 -45.08
N GLU A 60 11.76 -1.32 -44.06
CA GLU A 60 12.21 0.11 -43.95
C GLU A 60 13.71 0.29 -44.15
N HIS A 61 14.49 -0.60 -43.56
CA HIS A 61 15.89 -0.73 -43.83
C HIS A 61 16.25 -1.05 -45.29
N LEU A 62 15.42 -1.86 -45.97
CA LEU A 62 15.73 -2.28 -47.37
C LEU A 62 15.17 -1.36 -48.42
N ALA A 63 14.21 -0.51 -48.04
CA ALA A 63 13.27 0.15 -48.97
C ALA A 63 13.99 1.11 -49.91
N PHE A 64 15.19 1.53 -49.50
CA PHE A 64 15.92 2.66 -50.05
C PHE A 64 17.29 2.25 -50.66
N LYS A 65 17.52 0.93 -50.76
CA LYS A 65 18.82 0.36 -51.11
C LYS A 65 18.84 -0.17 -52.56
N GLY A 66 17.66 -0.31 -53.16
CA GLY A 66 17.52 -0.25 -54.60
C GLY A 66 16.18 -0.78 -55.06
N THR A 67 15.80 -0.37 -56.26
CA THR A 67 14.74 -1.04 -57.01
C THR A 67 15.28 -1.79 -58.23
N LYS A 68 14.45 -2.69 -58.77
CA LYS A 68 14.61 -3.24 -60.13
C LYS A 68 14.91 -2.16 -61.20
N ASN A 69 14.20 -1.03 -61.15
CA ASN A 69 14.44 0.08 -62.09
C ASN A 69 15.57 1.05 -61.67
N ARG A 70 15.91 1.04 -60.37
CA ARG A 70 16.95 1.92 -59.82
C ARG A 70 17.93 1.16 -58.90
N PRO A 71 18.86 0.40 -59.51
CA PRO A 71 19.63 -0.61 -58.75
C PRO A 71 20.81 0.00 -57.96
N GLY A 72 21.05 -0.54 -56.75
CA GLY A 72 22.01 0.01 -55.79
C GLY A 72 21.64 1.41 -55.28
N ASN A 73 22.64 2.30 -55.25
CA ASN A 73 22.45 3.66 -54.77
C ASN A 73 22.01 4.67 -55.83
N ALA A 74 21.66 4.17 -57.00
CA ALA A 74 20.93 4.93 -58.02
C ALA A 74 19.84 5.82 -57.48
N LEU A 75 18.96 5.29 -56.62
CA LEU A 75 17.88 6.08 -56.04
C LEU A 75 18.39 7.23 -55.18
N GLU A 76 19.25 6.90 -54.20
CA GLU A 76 20.00 7.86 -53.40
C GLU A 76 20.55 9.02 -54.24
N LYS A 77 21.34 8.67 -55.27
CA LYS A 77 22.00 9.65 -56.13
C LYS A 77 20.98 10.61 -56.80
N GLU A 78 19.76 10.10 -57.05
CA GLU A 78 18.70 10.85 -57.72
C GLU A 78 18.07 11.87 -56.79
N VAL A 79 17.66 11.39 -55.60
CA VAL A 79 17.10 12.23 -54.51
C VAL A 79 18.06 13.37 -54.10
N GLU A 80 19.32 13.00 -53.87
CA GLU A 80 20.37 13.92 -53.46
C GLU A 80 20.62 15.00 -54.50
N SER A 81 20.64 14.63 -55.79
CA SER A 81 21.00 15.59 -56.85
C SER A 81 19.93 16.68 -57.16
N MET A 82 18.74 16.48 -56.64
CA MET A 82 17.71 17.48 -56.74
C MET A 82 17.46 18.15 -55.36
N GLY A 83 18.33 17.81 -54.39
CA GLY A 83 18.36 18.49 -53.12
C GLY A 83 17.19 18.11 -52.25
N ALA A 84 16.48 17.05 -52.65
CA ALA A 84 15.42 16.50 -51.86
C ALA A 84 15.91 15.69 -50.62
N HIS A 85 15.09 15.64 -49.57
CA HIS A 85 15.30 14.69 -48.48
C HIS A 85 14.32 13.53 -48.56
N LEU A 86 14.84 12.32 -48.32
CA LEU A 86 14.03 11.09 -48.29
C LEU A 86 14.07 10.42 -46.92
N ASN A 87 12.89 10.05 -46.43
CA ASN A 87 12.75 9.63 -45.04
C ASN A 87 11.64 8.64 -44.83
N ALA A 88 11.67 7.96 -43.69
CA ALA A 88 10.68 6.94 -43.34
C ALA A 88 10.53 6.76 -41.85
N TYR A 89 9.34 6.32 -41.45
CA TYR A 89 9.12 5.69 -40.14
C TYR A 89 8.15 4.49 -40.17
N SER A 90 8.29 3.62 -39.15
CA SER A 90 7.31 2.58 -38.83
C SER A 90 6.98 2.64 -37.36
N THR A 91 5.68 2.65 -37.06
CA THR A 91 5.15 2.53 -35.72
C THR A 91 4.52 1.16 -35.59
N ARG A 92 3.90 0.91 -34.45
CA ARG A 92 3.15 -0.29 -34.21
C ARG A 92 1.99 -0.50 -35.18
N GLU A 93 1.58 0.57 -35.88
CA GLU A 93 0.33 0.61 -36.59
C GLU A 93 0.39 1.17 -38.00
N HIS A 94 1.54 1.73 -38.38
CA HIS A 94 1.63 2.74 -39.47
C HIS A 94 3.05 2.81 -40.01
N THR A 95 3.20 2.70 -41.32
CA THR A 95 4.49 2.93 -41.98
C THR A 95 4.36 4.08 -42.94
N ALA A 96 5.40 4.91 -43.01
CA ALA A 96 5.41 6.07 -43.90
C ALA A 96 6.72 6.14 -44.63
N TYR A 97 6.65 6.46 -45.92
CA TYR A 97 7.83 6.91 -46.67
C TYR A 97 7.58 8.27 -47.35
N TYR A 98 8.45 9.26 -47.10
CA TYR A 98 8.21 10.63 -47.62
C TYR A 98 9.40 11.37 -48.16
N ILE A 99 9.14 12.18 -49.21
CA ILE A 99 10.14 13.09 -49.80
C ILE A 99 9.79 14.56 -49.53
N LYS A 100 10.75 15.30 -48.98
CA LYS A 100 10.72 16.76 -49.01
C LYS A 100 11.45 17.17 -50.24
N ALA A 101 10.74 17.90 -51.09
CA ALA A 101 11.28 18.36 -52.37
C ALA A 101 10.80 19.78 -52.72
N LEU A 102 11.56 20.45 -53.59
CA LEU A 102 11.02 21.44 -54.48
C LEU A 102 9.66 21.01 -55.14
N SER A 103 8.76 21.96 -55.35
CA SER A 103 7.44 21.68 -55.88
C SER A 103 7.44 21.37 -57.40
N LYS A 104 8.40 21.97 -58.13
CA LYS A 104 8.67 21.60 -59.52
C LYS A 104 9.11 20.15 -59.72
N ASP A 105 9.49 19.52 -58.60
CA ASP A 105 10.07 18.19 -58.58
C ASP A 105 9.03 17.10 -58.20
N LEU A 106 7.77 17.52 -58.06
CA LEU A 106 6.68 16.60 -57.70
C LEU A 106 6.46 15.40 -58.69
N PRO A 107 6.68 15.57 -60.02
CA PRO A 107 6.78 14.42 -60.91
C PRO A 107 7.74 13.34 -60.43
N LYS A 108 9.02 13.66 -60.23
CA LYS A 108 10.04 12.65 -59.92
C LYS A 108 9.87 12.10 -58.53
N ALA A 109 9.33 12.93 -57.63
CA ALA A 109 9.11 12.57 -56.24
C ALA A 109 8.15 11.39 -56.12
N VAL A 110 6.96 11.59 -56.68
CA VAL A 110 5.90 10.59 -56.69
C VAL A 110 6.42 9.35 -57.42
N GLU A 111 7.08 9.58 -58.57
CA GLU A 111 7.74 8.51 -59.35
C GLU A 111 8.67 7.65 -58.52
N LEU A 112 9.54 8.27 -57.73
CA LEU A 112 10.44 7.50 -56.89
C LEU A 112 9.72 6.75 -55.78
N LEU A 113 8.62 7.33 -55.29
CA LEU A 113 7.88 6.73 -54.19
C LEU A 113 7.15 5.51 -54.65
N ALA A 114 6.50 5.64 -55.82
CA ALA A 114 6.00 4.51 -56.59
C ALA A 114 6.98 3.36 -56.65
N ASP A 115 8.20 3.66 -57.14
CA ASP A 115 9.26 2.67 -57.37
C ASP A 115 9.66 1.97 -56.06
N ILE A 116 9.82 2.77 -54.98
CA ILE A 116 10.16 2.27 -53.62
C ILE A 116 9.04 1.36 -53.10
N VAL A 117 7.81 1.84 -53.22
CA VAL A 117 6.69 1.26 -52.52
C VAL A 117 6.12 0.01 -53.22
N GLN A 118 6.75 -0.38 -54.35
CA GLN A 118 6.24 -1.40 -55.30
C GLN A 118 7.35 -2.34 -55.85
N ASN A 119 8.55 -1.80 -56.08
CA ASN A 119 9.61 -2.51 -56.84
C ASN A 119 10.91 -2.78 -56.05
N CYS A 120 10.75 -3.10 -54.77
CA CYS A 120 11.86 -3.07 -53.84
C CYS A 120 12.79 -4.31 -54.04
N SER A 121 13.90 -4.10 -54.78
CA SER A 121 15.03 -5.07 -54.94
C SER A 121 15.57 -5.64 -53.61
N LEU A 122 14.92 -6.66 -53.04
CA LEU A 122 15.32 -7.13 -51.71
C LEU A 122 16.51 -8.07 -51.85
N GLU A 123 17.65 -7.48 -52.20
CA GLU A 123 18.80 -8.23 -52.76
C GLU A 123 19.54 -8.93 -51.62
N ASP A 124 19.84 -10.21 -51.84
CA ASP A 124 20.20 -11.16 -50.75
C ASP A 124 21.47 -10.71 -49.99
N SER A 125 22.49 -10.31 -50.77
CA SER A 125 23.62 -9.48 -50.32
C SER A 125 23.24 -8.37 -49.34
N GLN A 126 22.23 -7.55 -49.69
CA GLN A 126 21.81 -6.42 -48.86
C GLN A 126 21.10 -6.85 -47.58
N ILE A 127 20.16 -7.81 -47.67
CA ILE A 127 19.44 -8.24 -46.45
C ILE A 127 20.39 -8.82 -45.36
N GLU A 128 21.47 -9.44 -45.84
CA GLU A 128 22.62 -9.78 -45.00
C GLU A 128 23.39 -8.62 -44.40
N LYS A 129 23.51 -7.49 -45.13
CA LYS A 129 24.16 -6.29 -44.57
C LYS A 129 23.30 -5.67 -43.49
N GLU A 130 21.99 -5.65 -43.72
CA GLU A 130 21.08 -4.89 -42.89
C GLU A 130 20.77 -5.59 -41.61
N ARG A 131 20.84 -6.92 -41.62
CA ARG A 131 20.74 -7.65 -40.36
C ARG A 131 21.77 -7.26 -39.27
N ASP A 132 23.00 -6.97 -39.71
CA ASP A 132 24.05 -6.48 -38.80
C ASP A 132 23.85 -5.04 -38.32
N VAL A 133 23.52 -4.14 -39.26
CA VAL A 133 23.00 -2.77 -38.98
C VAL A 133 21.89 -2.75 -37.92
N ILE A 134 20.85 -3.57 -38.10
CA ILE A 134 19.72 -3.62 -37.18
C ILE A 134 20.15 -4.17 -35.81
N LEU A 135 20.99 -5.20 -35.78
CA LEU A 135 21.40 -5.73 -34.47
C LEU A 135 22.19 -4.69 -33.69
N GLN A 136 23.02 -3.92 -34.41
CA GLN A 136 23.64 -2.70 -33.87
C GLN A 136 22.61 -1.68 -33.33
N GLU A 137 21.62 -1.34 -34.14
CA GLU A 137 20.47 -0.51 -33.70
C GLU A 137 19.73 -0.98 -32.43
N LEU A 138 19.61 -2.30 -32.27
CA LEU A 138 19.09 -2.88 -31.04
C LEU A 138 19.97 -2.59 -29.82
N GLN A 139 21.29 -2.59 -30.02
CA GLN A 139 22.26 -2.37 -28.92
C GLN A 139 22.31 -0.91 -28.53
N GLU A 140 22.30 -0.06 -29.57
CA GLU A 140 21.98 1.36 -29.49
C GLU A 140 20.74 1.63 -28.63
N ASN A 141 19.62 0.98 -28.96
CA ASN A 141 18.34 1.31 -28.33
C ASN A 141 18.33 0.98 -26.81
N ASP A 142 19.06 -0.06 -26.37
CA ASP A 142 19.06 -0.49 -24.95
C ASP A 142 19.58 0.59 -24.02
N THR A 143 20.40 1.48 -24.57
CA THR A 143 20.95 2.59 -23.80
C THR A 143 20.01 3.78 -23.64
N SER A 144 19.10 3.95 -24.57
CA SER A 144 18.02 4.88 -24.40
C SER A 144 16.95 4.37 -23.39
N MET A 145 17.18 4.61 -22.10
CA MET A 145 16.20 4.26 -21.04
C MET A 145 14.76 4.60 -21.38
N ARG A 146 14.51 5.82 -21.89
CA ARG A 146 13.16 6.24 -22.36
C ARG A 146 12.55 5.28 -23.40
N ASP A 147 13.30 4.99 -24.49
CA ASP A 147 12.88 4.05 -25.53
C ASP A 147 12.50 2.67 -24.98
N VAL A 148 13.35 2.15 -24.08
CA VAL A 148 13.08 0.96 -23.30
C VAL A 148 11.77 0.98 -22.49
N VAL A 149 11.57 1.97 -21.60
CA VAL A 149 10.42 1.92 -20.67
C VAL A 149 9.08 1.89 -21.40
N PHE A 150 9.02 2.57 -22.54
CA PHE A 150 7.81 2.55 -23.33
C PHE A 150 7.55 1.21 -24.02
N ASN A 151 8.64 0.50 -24.36
CA ASN A 151 8.57 -0.84 -24.89
C ASN A 151 8.09 -1.85 -23.86
N TYR A 152 8.77 -1.88 -22.71
CA TYR A 152 8.21 -2.45 -21.47
C TYR A 152 6.73 -2.11 -21.22
N LEU A 153 6.35 -0.83 -21.23
CA LEU A 153 4.97 -0.46 -20.94
C LEU A 153 3.98 -1.07 -21.96
N HIS A 154 4.37 -1.10 -23.23
CA HIS A 154 3.65 -1.86 -24.23
C HIS A 154 3.63 -3.33 -23.93
N ALA A 155 4.83 -3.89 -23.66
CA ALA A 155 4.98 -5.30 -23.31
C ALA A 155 4.04 -5.77 -22.17
N THR A 156 3.91 -4.96 -21.10
CA THR A 156 3.08 -5.38 -19.97
C THR A 156 1.62 -5.08 -20.11
N ALA A 157 1.28 -3.89 -20.65
CA ALA A 157 -0.13 -3.46 -20.82
C ALA A 157 -0.88 -4.36 -21.79
N PHE A 158 -0.25 -4.66 -22.92
CA PHE A 158 -0.84 -5.53 -23.94
C PHE A 158 -0.14 -6.91 -24.06
N GLN A 159 0.41 -7.42 -22.93
CA GLN A 159 0.78 -8.84 -22.77
C GLN A 159 -0.26 -9.79 -23.34
N GLY A 160 0.22 -10.67 -24.22
CA GLY A 160 -0.66 -11.55 -24.94
C GLY A 160 -0.88 -11.13 -26.38
N THR A 161 -0.92 -9.83 -26.63
CA THR A 161 -1.49 -9.35 -27.89
C THR A 161 -0.39 -8.86 -28.88
N PRO A 162 -0.70 -8.72 -30.20
CA PRO A 162 0.25 -8.15 -31.18
C PRO A 162 0.78 -6.79 -30.75
N LEU A 163 -0.01 -6.03 -29.98
CA LEU A 163 0.34 -4.71 -29.48
C LEU A 163 1.41 -4.70 -28.42
N ALA A 164 1.63 -5.86 -27.77
CA ALA A 164 2.77 -6.05 -26.86
C ALA A 164 4.13 -5.94 -27.53
N GLN A 165 4.20 -6.15 -28.85
CA GLN A 165 5.48 -6.23 -29.58
C GLN A 165 6.07 -4.83 -29.90
N SER A 166 7.41 -4.78 -29.82
CA SER A 166 8.28 -3.77 -30.47
C SER A 166 8.11 -3.66 -32.00
N VAL A 167 8.50 -2.52 -32.56
CA VAL A 167 8.60 -2.40 -34.03
C VAL A 167 9.79 -3.16 -34.60
N GLU A 168 10.89 -3.16 -33.86
CA GLU A 168 12.16 -3.72 -34.34
C GLU A 168 12.18 -5.25 -34.25
N GLY A 169 11.27 -5.81 -33.43
CA GLY A 169 11.25 -7.24 -33.14
C GLY A 169 12.37 -7.64 -32.19
N PRO A 170 12.45 -8.92 -31.81
CA PRO A 170 13.51 -9.39 -30.91
C PRO A 170 14.76 -9.81 -31.68
N SER A 171 15.89 -9.88 -30.99
CA SER A 171 17.19 -10.27 -31.58
C SER A 171 17.07 -11.48 -32.53
N GLU A 172 16.38 -12.54 -32.06
CA GLU A 172 16.34 -13.82 -32.78
C GLU A 172 15.71 -13.77 -34.16
N ASN A 173 14.68 -12.95 -34.30
CA ASN A 173 13.99 -12.76 -35.58
C ASN A 173 14.80 -12.05 -36.64
N VAL A 174 15.38 -10.89 -36.27
CA VAL A 174 16.41 -10.18 -37.07
C VAL A 174 17.48 -11.15 -37.60
N ARG A 175 17.97 -12.02 -36.70
CA ARG A 175 19.05 -12.98 -36.96
C ARG A 175 18.63 -13.97 -37.99
N LYS A 176 17.32 -14.28 -38.02
CA LYS A 176 16.80 -15.45 -38.73
C LYS A 176 15.98 -15.16 -40.01
N LEU A 177 15.31 -13.98 -40.04
CA LEU A 177 14.26 -13.65 -41.02
C LEU A 177 14.76 -13.78 -42.44
N SER A 178 13.99 -14.47 -43.28
CA SER A 178 14.40 -14.72 -44.67
C SER A 178 13.90 -13.66 -45.70
N ARG A 179 14.60 -13.60 -46.85
CA ARG A 179 14.09 -12.93 -48.04
C ARG A 179 12.64 -13.27 -48.33
N ALA A 180 12.34 -14.58 -48.37
CA ALA A 180 10.95 -15.09 -48.50
C ALA A 180 9.99 -14.43 -47.51
N ASP A 181 10.36 -14.45 -46.21
CA ASP A 181 9.56 -13.91 -45.08
C ASP A 181 9.09 -12.48 -45.37
N LEU A 182 9.96 -11.70 -46.03
CA LEU A 182 9.81 -10.27 -46.18
C LEU A 182 8.87 -9.94 -47.33
N THR A 183 9.12 -10.54 -48.51
CA THR A 183 8.19 -10.50 -49.67
C THR A 183 6.81 -11.09 -49.40
N GLU A 184 6.74 -12.12 -48.56
CA GLU A 184 5.49 -12.56 -47.93
C GLU A 184 4.71 -11.39 -47.29
N TYR A 185 5.33 -10.72 -46.30
CA TYR A 185 4.73 -9.57 -45.59
C TYR A 185 4.40 -8.39 -46.56
N LEU A 186 5.33 -8.12 -47.46
CA LEU A 186 5.21 -7.09 -48.49
C LEU A 186 4.00 -7.29 -49.41
N SER A 187 3.89 -8.50 -50.00
CA SER A 187 2.65 -8.97 -50.69
C SER A 187 1.37 -8.83 -49.88
N ARG A 188 1.46 -9.16 -48.57
CA ARG A 188 0.31 -9.15 -47.67
C ARG A 188 -0.24 -7.75 -47.46
N HIS A 189 0.65 -6.76 -47.32
CA HIS A 189 0.34 -5.52 -46.61
C HIS A 189 0.37 -4.31 -47.50
N TYR A 190 1.32 -4.27 -48.43
CA TYR A 190 1.53 -3.10 -49.28
C TYR A 190 0.57 -3.13 -50.46
N LYS A 191 -0.72 -3.23 -50.14
CA LYS A 191 -1.77 -3.25 -51.16
C LYS A 191 -2.83 -2.17 -50.99
N ALA A 192 -3.34 -1.70 -52.13
CA ALA A 192 -3.52 -0.27 -52.37
C ALA A 192 -4.66 0.39 -51.56
N PRO A 193 -5.76 -0.35 -51.24
CA PRO A 193 -6.69 0.04 -50.17
C PRO A 193 -6.11 0.37 -48.78
N ARG A 194 -4.83 0.13 -48.59
CA ARG A 194 -4.19 0.36 -47.32
C ARG A 194 -3.04 1.37 -47.45
N MET A 195 -3.05 2.10 -48.58
CA MET A 195 -2.14 3.23 -48.80
C MET A 195 -2.94 4.48 -49.11
N VAL A 196 -2.48 5.58 -48.50
CA VAL A 196 -2.71 6.95 -48.96
C VAL A 196 -1.39 7.49 -49.55
N LEU A 197 -1.46 8.06 -50.76
CA LEU A 197 -0.51 9.08 -51.17
C LEU A 197 -1.00 10.46 -50.77
N ALA A 198 -0.39 11.00 -49.71
CA ALA A 198 -0.53 12.39 -49.32
C ALA A 198 0.56 13.27 -49.92
N ALA A 199 0.16 14.49 -50.32
CA ALA A 199 1.08 15.63 -50.52
C ALA A 199 0.63 16.91 -49.83
N ALA A 200 1.56 17.87 -49.65
CA ALA A 200 1.25 19.25 -49.12
C ALA A 200 2.22 20.31 -49.59
N GLY A 201 1.68 21.45 -50.03
CA GLY A 201 2.47 22.61 -50.43
C GLY A 201 2.10 23.19 -51.78
N GLY A 202 3.10 23.47 -52.60
CA GLY A 202 2.90 24.20 -53.85
C GLY A 202 2.53 23.30 -55.01
N LEU A 203 1.40 22.63 -54.88
CA LEU A 203 0.92 21.68 -55.89
C LEU A 203 -0.55 21.88 -56.21
N GLU A 204 -0.94 21.61 -57.46
CA GLU A 204 -2.36 21.34 -57.75
C GLU A 204 -2.77 19.84 -57.57
N HIS A 205 -4.00 19.63 -57.06
CA HIS A 205 -4.49 18.28 -56.71
C HIS A 205 -4.77 17.39 -57.95
N ARG A 206 -5.36 17.99 -58.99
CA ARG A 206 -5.36 17.45 -60.38
C ARG A 206 -4.01 16.84 -60.74
N GLN A 207 -2.96 17.68 -60.71
CA GLN A 207 -1.55 17.31 -60.98
C GLN A 207 -1.06 16.04 -60.23
N LEU A 208 -1.53 15.88 -59.00
CA LEU A 208 -1.18 14.77 -58.13
C LEU A 208 -1.88 13.48 -58.56
N LEU A 209 -3.17 13.59 -58.89
CA LEU A 209 -3.97 12.45 -59.36
C LEU A 209 -3.42 11.86 -60.66
N ASP A 210 -3.02 12.73 -61.60
CA ASP A 210 -2.31 12.34 -62.83
C ASP A 210 -1.10 11.50 -62.53
N LEU A 211 -0.33 11.96 -61.54
CA LEU A 211 0.85 11.24 -61.10
C LEU A 211 0.53 9.97 -60.34
N ALA A 212 -0.66 9.90 -59.74
CA ALA A 212 -1.13 8.67 -59.10
C ALA A 212 -1.47 7.59 -60.11
N GLN A 213 -2.35 7.91 -61.06
CA GLN A 213 -2.68 7.00 -62.17
C GLN A 213 -1.48 6.64 -63.06
N LYS A 214 -0.53 7.58 -63.19
CA LYS A 214 0.70 7.33 -63.95
C LYS A 214 1.56 6.22 -63.38
N HIS A 215 1.62 6.11 -62.04
CA HIS A 215 2.72 5.41 -61.33
C HIS A 215 2.28 4.43 -60.26
N PHE A 216 0.98 4.40 -59.98
CA PHE A 216 0.40 3.49 -58.99
C PHE A 216 -0.67 2.55 -59.54
N SER A 217 -1.03 2.72 -60.82
CA SER A 217 -2.02 1.87 -61.49
C SER A 217 -1.59 0.42 -61.53
N GLY A 218 -2.52 -0.49 -61.20
CA GLY A 218 -2.22 -1.86 -60.79
C GLY A 218 -1.30 -1.97 -59.56
N LEU A 219 -1.91 -1.93 -58.38
CA LEU A 219 -1.49 -2.76 -57.26
C LEU A 219 -2.54 -3.79 -56.85
N SER A 220 -3.72 -3.30 -56.43
CA SER A 220 -4.93 -4.11 -56.33
C SER A 220 -5.73 -4.25 -57.67
N GLY A 221 -5.13 -3.81 -58.79
CA GLY A 221 -4.46 -4.71 -59.72
C GLY A 221 -5.38 -5.23 -60.80
N THR A 222 -5.64 -6.55 -60.78
CA THR A 222 -6.75 -7.12 -59.99
C THR A 222 -6.28 -8.32 -59.14
N TYR A 223 -6.90 -8.48 -57.95
CA TYR A 223 -6.19 -8.62 -56.66
C TYR A 223 -7.19 -8.38 -55.48
N ASP A 224 -6.78 -7.62 -54.46
CA ASP A 224 -6.71 -8.08 -53.04
C ASP A 224 -7.15 -9.53 -52.68
N GLU A 225 -8.42 -9.88 -53.01
CA GLU A 225 -9.02 -11.21 -52.76
C GLU A 225 -9.15 -11.62 -51.25
N ASP A 226 -9.59 -12.86 -50.97
CA ASP A 226 -8.81 -13.87 -50.21
C ASP A 226 -7.66 -13.29 -49.32
N ALA A 227 -7.81 -13.41 -47.98
CA ALA A 227 -6.75 -13.19 -46.96
C ALA A 227 -6.16 -11.74 -46.92
N VAL A 228 -7.05 -10.75 -47.10
CA VAL A 228 -7.26 -9.69 -46.08
C VAL A 228 -7.90 -10.31 -44.80
N PRO A 229 -7.17 -10.24 -43.66
CA PRO A 229 -7.81 -9.94 -42.36
C PRO A 229 -7.65 -8.48 -41.90
N THR A 230 -8.56 -8.07 -41.01
CA THR A 230 -8.34 -6.94 -40.10
C THR A 230 -7.56 -7.34 -38.83
N LEU A 231 -7.33 -6.36 -37.96
CA LEU A 231 -6.89 -6.56 -36.59
C LEU A 231 -8.03 -6.98 -35.67
N SER A 232 -7.80 -8.06 -34.91
CA SER A 232 -8.36 -8.26 -33.56
C SER A 232 -8.08 -7.09 -32.59
N PRO A 233 -9.08 -6.71 -31.77
CA PRO A 233 -8.85 -6.18 -30.43
C PRO A 233 -7.68 -6.74 -29.64
N CYS A 234 -7.04 -5.85 -28.90
CA CYS A 234 -6.03 -6.19 -27.91
C CYS A 234 -6.55 -5.86 -26.52
N ARG A 235 -6.87 -6.91 -25.78
CA ARG A 235 -6.75 -6.94 -24.33
C ARG A 235 -5.68 -6.01 -23.76
N PHE A 236 -6.13 -5.12 -22.88
CA PHE A 236 -5.27 -4.39 -21.94
C PHE A 236 -5.30 -5.14 -20.62
N THR A 237 -4.11 -5.40 -20.09
CA THR A 237 -3.98 -6.06 -18.80
C THR A 237 -3.73 -5.05 -17.74
N GLY A 238 -2.52 -4.53 -17.63
CA GLY A 238 -2.15 -3.81 -16.42
C GLY A 238 -2.06 -4.70 -15.18
N SER A 239 -0.96 -4.56 -14.44
CA SER A 239 0.23 -5.39 -14.54
C SER A 239 1.42 -4.42 -14.49
N GLN A 240 2.58 -4.91 -14.01
CA GLN A 240 3.78 -4.09 -13.72
C GLN A 240 4.94 -4.83 -14.29
N ILE A 241 5.84 -4.11 -14.93
CA ILE A 241 7.17 -4.65 -15.23
C ILE A 241 8.26 -3.79 -14.60
N CYS A 242 9.14 -4.41 -13.81
CA CYS A 242 10.16 -3.71 -13.01
C CYS A 242 11.54 -4.24 -13.29
N HIS A 243 12.34 -3.45 -14.01
CA HIS A 243 13.70 -3.86 -14.37
C HIS A 243 14.69 -3.16 -13.46
N ARG A 244 14.99 -3.78 -12.34
CA ARG A 244 15.84 -3.16 -11.35
C ARG A 244 17.30 -3.12 -11.87
N GLU A 245 17.86 -1.91 -11.93
CA GLU A 245 19.26 -1.75 -12.26
C GLU A 245 19.83 -0.48 -11.57
N ASP A 246 20.38 -0.66 -10.38
CA ASP A 246 20.99 0.44 -9.61
C ASP A 246 22.33 0.96 -10.18
N GLY A 247 22.67 0.58 -11.41
CA GLY A 247 23.79 1.16 -12.09
C GLY A 247 23.45 2.35 -12.96
N LEU A 248 22.19 2.50 -13.31
CA LEU A 248 21.78 3.68 -14.07
C LEU A 248 21.32 4.75 -13.08
N PRO A 249 21.77 6.00 -13.28
CA PRO A 249 21.75 6.98 -12.20
C PRO A 249 20.35 7.51 -11.94
N LEU A 250 19.50 7.57 -12.97
CA LEU A 250 18.11 7.95 -12.76
C LEU A 250 17.07 6.92 -13.15
N ALA A 251 15.95 6.89 -12.42
CA ALA A 251 14.82 5.99 -12.69
C ALA A 251 13.98 6.54 -13.82
N HIS A 252 13.51 5.65 -14.67
CA HIS A 252 12.36 5.96 -15.52
C HIS A 252 11.12 5.23 -15.08
N VAL A 253 10.00 5.92 -15.10
CA VAL A 253 8.70 5.30 -14.83
C VAL A 253 7.74 5.72 -15.91
N ALA A 254 6.94 4.76 -16.38
CA ALA A 254 5.81 5.01 -17.22
C ALA A 254 4.61 4.26 -16.68
N ILE A 255 3.53 5.00 -16.46
CA ILE A 255 2.31 4.52 -15.80
C ILE A 255 1.10 4.96 -16.66
N ALA A 256 0.23 4.02 -17.02
CA ALA A 256 -0.88 4.35 -17.91
C ALA A 256 -2.11 3.51 -17.68
N VAL A 257 -3.28 4.13 -17.79
CA VAL A 257 -4.55 3.42 -18.00
C VAL A 257 -4.79 3.12 -19.50
N GLU A 258 -5.78 2.28 -19.80
CA GLU A 258 -6.23 2.09 -21.18
C GLU A 258 -6.99 3.27 -21.66
N GLY A 259 -6.59 3.77 -22.84
CA GLY A 259 -7.38 4.74 -23.60
C GLY A 259 -8.39 4.11 -24.54
N PRO A 260 -9.18 4.92 -25.26
CA PRO A 260 -10.18 4.39 -26.21
C PRO A 260 -9.73 4.29 -27.69
N GLY A 261 -8.70 5.07 -28.07
CA GLY A 261 -8.15 5.07 -29.42
C GLY A 261 -8.76 6.05 -30.41
N TRP A 262 -8.39 5.89 -31.68
CA TRP A 262 -8.32 6.97 -32.68
C TRP A 262 -9.62 7.65 -32.76
N ALA A 263 -10.67 6.83 -32.79
CA ALA A 263 -11.91 7.20 -33.41
C ALA A 263 -12.71 8.01 -32.41
N HIS A 264 -12.51 7.67 -31.13
CA HIS A 264 -13.41 8.05 -30.04
C HIS A 264 -13.44 9.55 -29.85
N PRO A 265 -14.66 10.13 -29.82
CA PRO A 265 -14.89 11.52 -29.45
C PRO A 265 -14.08 12.04 -28.29
N ASP A 266 -13.95 11.24 -27.21
CA ASP A 266 -13.49 11.80 -25.94
C ASP A 266 -11.95 11.84 -25.69
N ASN A 267 -11.20 11.80 -26.81
CA ASN A 267 -9.77 12.08 -26.85
C ASN A 267 -9.43 13.52 -26.66
N VAL A 268 -10.26 14.39 -27.26
CA VAL A 268 -10.17 15.83 -27.09
C VAL A 268 -10.18 16.24 -25.61
N ALA A 269 -11.18 15.79 -24.85
CA ALA A 269 -11.26 16.02 -23.38
C ALA A 269 -10.10 15.40 -22.58
N LEU A 270 -9.60 14.25 -23.05
CA LEU A 270 -8.43 13.63 -22.42
C LEU A 270 -7.18 14.41 -22.64
N GLN A 271 -6.99 14.91 -23.87
CA GLN A 271 -5.87 15.77 -24.20
C GLN A 271 -5.92 17.11 -23.49
N VAL A 272 -7.13 17.65 -23.28
CA VAL A 272 -7.30 18.87 -22.50
C VAL A 272 -6.78 18.61 -21.09
N ALA A 273 -7.29 17.55 -20.46
CA ALA A 273 -6.97 17.24 -19.06
C ALA A 273 -5.46 16.95 -18.88
N ASN A 274 -4.89 16.30 -19.91
CA ASN A 274 -3.50 16.00 -20.01
C ASN A 274 -2.65 17.28 -20.04
N ALA A 275 -3.06 18.24 -20.87
CA ALA A 275 -2.41 19.53 -20.99
C ALA A 275 -2.41 20.37 -19.70
N ILE A 276 -3.49 20.30 -18.93
CA ILE A 276 -3.52 20.89 -17.60
C ILE A 276 -2.30 20.39 -16.78
N ILE A 277 -2.07 19.07 -16.78
CA ILE A 277 -0.94 18.46 -16.08
C ILE A 277 0.36 18.77 -16.79
N GLY A 278 0.34 18.65 -18.13
CA GLY A 278 1.44 19.05 -19.00
C GLY A 278 2.75 18.27 -18.87
N HIS A 279 3.82 19.03 -18.83
CA HIS A 279 5.18 18.48 -18.88
C HIS A 279 6.18 19.40 -18.21
N TYR A 280 7.20 18.80 -17.62
CA TYR A 280 8.29 19.55 -17.04
C TYR A 280 9.56 18.96 -17.50
N ASP A 281 10.63 19.72 -17.23
CA ASP A 281 11.97 19.45 -17.65
C ASP A 281 12.80 20.44 -16.85
N CYS A 282 14.00 20.08 -16.48
CA CYS A 282 14.73 20.90 -15.55
C CYS A 282 15.26 22.18 -16.19
N THR A 283 15.12 22.31 -17.54
CA THR A 283 15.65 23.52 -18.28
C THR A 283 14.55 24.56 -18.54
N TYR A 284 13.30 24.19 -18.24
CA TYR A 284 12.22 25.14 -18.11
C TYR A 284 12.63 26.26 -17.19
N GLY A 285 12.58 27.47 -17.74
CA GLY A 285 12.53 28.67 -16.95
C GLY A 285 11.21 28.71 -16.25
N GLY A 286 11.21 29.30 -15.04
CA GLY A 286 9.96 29.58 -14.31
C GLY A 286 9.43 28.28 -13.73
N GLY A 287 9.30 28.22 -12.42
CA GLY A 287 9.51 26.97 -11.73
C GLY A 287 8.35 26.75 -10.85
N ALA A 288 8.58 26.99 -9.55
CA ALA A 288 7.80 27.87 -8.70
C ALA A 288 6.48 28.34 -9.28
N HIS A 289 6.52 29.20 -10.29
CA HIS A 289 5.30 29.88 -10.73
C HIS A 289 4.58 29.25 -11.88
N LEU A 290 4.99 28.05 -12.30
CA LEU A 290 4.23 27.31 -13.32
C LEU A 290 2.79 27.01 -12.91
N SER A 291 1.89 26.97 -13.90
CA SER A 291 0.45 26.76 -13.67
C SER A 291 0.22 25.40 -13.11
N SER A 292 0.75 24.37 -13.77
CA SER A 292 0.44 22.98 -13.48
C SER A 292 0.95 22.69 -12.09
N PRO A 293 0.08 22.30 -11.18
CA PRO A 293 0.52 21.90 -9.84
C PRO A 293 1.64 20.81 -9.87
N LEU A 294 1.51 19.78 -10.72
CA LEU A 294 2.56 18.79 -10.78
C LEU A 294 3.91 19.45 -11.11
N ALA A 295 3.92 20.32 -12.13
CA ALA A 295 5.11 21.00 -12.60
C ALA A 295 5.67 21.93 -11.56
N SER A 296 4.78 22.73 -10.94
CA SER A 296 5.11 23.61 -9.83
C SER A 296 5.87 22.87 -8.71
N ILE A 297 5.25 21.81 -8.14
CA ILE A 297 5.77 21.12 -6.94
C ILE A 297 7.06 20.38 -7.31
N ALA A 298 7.09 19.83 -8.54
CA ALA A 298 8.23 19.14 -9.09
C ALA A 298 9.45 20.02 -9.11
N ALA A 299 9.26 21.27 -9.56
CA ALA A 299 10.33 22.23 -9.69
C ALA A 299 10.80 22.74 -8.34
N THR A 300 9.86 23.16 -7.47
CA THR A 300 10.19 23.69 -6.12
C THR A 300 10.88 22.65 -5.28
N ASN A 301 10.30 21.46 -5.20
CA ASN A 301 10.87 20.36 -4.42
C ASN A 301 11.83 19.42 -5.23
N LYS A 302 12.35 19.90 -6.38
CA LYS A 302 13.32 19.14 -7.22
C LYS A 302 13.02 17.61 -7.29
N LEU A 303 11.91 17.27 -7.93
CA LEU A 303 11.29 15.96 -7.67
C LEU A 303 11.50 14.90 -8.75
N CYS A 304 12.45 15.14 -9.66
CA CYS A 304 12.15 15.17 -11.11
C CYS A 304 13.28 15.75 -11.89
N GLN A 305 13.40 15.30 -13.12
CA GLN A 305 14.30 15.92 -14.08
C GLN A 305 13.51 16.20 -15.34
N SER A 306 12.60 15.30 -15.66
CA SER A 306 11.50 15.62 -16.54
C SER A 306 10.29 14.80 -16.12
N PHE A 307 9.10 15.25 -16.53
CA PHE A 307 8.00 14.33 -16.81
C PHE A 307 7.24 14.78 -18.07
N GLN A 308 6.32 13.94 -18.54
CA GLN A 308 5.50 14.21 -19.71
C GLN A 308 4.17 13.46 -19.59
N THR A 309 3.03 14.11 -19.87
CA THR A 309 1.79 13.38 -20.15
C THR A 309 1.73 12.82 -21.59
N PHE A 310 0.91 11.79 -21.82
CA PHE A 310 0.63 11.25 -23.16
C PHE A 310 -0.74 10.64 -23.27
N ASN A 311 -1.18 10.52 -24.52
CA ASN A 311 -2.38 9.85 -24.89
C ASN A 311 -2.01 9.05 -26.16
N ILE A 312 -1.29 7.94 -25.97
CA ILE A 312 -0.93 7.08 -27.12
C ILE A 312 -2.16 6.32 -27.50
N CYS A 313 -2.25 6.07 -28.80
CA CYS A 313 -3.50 6.07 -29.52
C CYS A 313 -3.44 5.04 -30.64
N TYR A 314 -4.08 3.89 -30.40
CA TYR A 314 -4.16 2.78 -31.39
C TYR A 314 -5.57 2.52 -31.89
N ALA A 315 -5.73 1.55 -32.78
CA ALA A 315 -7.05 1.11 -33.20
C ALA A 315 -7.84 0.49 -32.02
N ASP A 316 -8.92 1.19 -31.62
CA ASP A 316 -9.84 0.79 -30.52
C ASP A 316 -9.27 0.72 -29.08
N THR A 317 -8.04 1.22 -28.90
CA THR A 317 -7.34 1.19 -27.61
C THR A 317 -6.17 2.16 -27.59
N GLY A 318 -5.51 2.24 -26.43
CA GLY A 318 -4.75 3.42 -26.05
C GLY A 318 -3.98 3.23 -24.76
N LEU A 319 -2.86 3.95 -24.65
CA LEU A 319 -2.22 4.20 -23.36
C LEU A 319 -2.33 5.68 -22.93
N LEU A 320 -2.93 5.89 -21.75
CA LEU A 320 -3.15 7.23 -21.21
C LEU A 320 -2.49 7.33 -19.87
N GLY A 321 -1.42 8.11 -19.81
CA GLY A 321 -0.90 8.59 -18.54
C GLY A 321 0.33 9.43 -18.73
N ALA A 322 1.41 9.02 -18.06
CA ALA A 322 2.55 9.88 -17.76
C ALA A 322 3.87 9.09 -17.66
N HIS A 323 4.97 9.76 -17.97
CA HIS A 323 6.30 9.18 -17.90
C HIS A 323 7.11 10.15 -17.11
N PHE A 324 8.01 9.67 -16.24
CA PHE A 324 8.98 10.60 -15.61
C PHE A 324 10.33 10.01 -15.37
N VAL A 325 11.29 10.89 -15.08
CA VAL A 325 12.69 10.55 -14.81
C VAL A 325 13.13 11.27 -13.51
N CYS A 326 13.76 10.55 -12.57
CA CYS A 326 14.12 11.12 -11.23
C CYS A 326 15.21 10.38 -10.44
N ASP A 327 15.72 11.03 -9.38
CA ASP A 327 16.49 10.39 -8.34
C ASP A 327 15.75 9.22 -7.83
N HIS A 328 16.50 8.16 -7.54
CA HIS A 328 16.05 7.04 -6.74
C HIS A 328 15.26 7.37 -5.48
N MET A 329 15.59 8.49 -4.81
CA MET A 329 14.83 8.89 -3.62
C MET A 329 13.51 9.58 -3.86
N SER A 330 13.15 9.82 -5.11
CA SER A 330 12.03 10.69 -5.45
C SER A 330 10.85 9.98 -6.04
N ILE A 331 10.96 8.67 -6.22
CA ILE A 331 10.04 7.97 -7.13
C ILE A 331 8.70 7.95 -6.49
N ASP A 332 8.72 7.91 -5.15
CA ASP A 332 7.53 7.86 -4.37
C ASP A 332 6.78 9.17 -4.44
N ASP A 333 7.43 10.25 -4.00
CA ASP A 333 6.84 11.61 -4.07
C ASP A 333 6.28 11.91 -5.47
N MET A 334 7.04 11.59 -6.51
CA MET A 334 6.62 11.80 -7.88
C MET A 334 5.38 11.02 -8.29
N MET A 335 5.34 9.74 -7.86
CA MET A 335 4.13 8.92 -7.97
C MET A 335 2.94 9.57 -7.31
N PHE A 336 3.13 10.00 -6.05
CA PHE A 336 2.06 10.56 -5.26
C PHE A 336 1.38 11.70 -5.96
N VAL A 337 2.19 12.56 -6.56
CA VAL A 337 1.78 13.88 -6.94
C VAL A 337 1.08 13.75 -8.28
N LEU A 338 1.62 12.88 -9.14
CA LEU A 338 1.02 12.60 -10.41
C LEU A 338 -0.41 12.02 -10.22
N GLN A 339 -0.54 10.99 -9.35
CA GLN A 339 -1.83 10.34 -9.02
C GLN A 339 -2.84 11.38 -8.50
N GLY A 340 -2.32 12.26 -7.64
CA GLY A 340 -3.12 13.26 -7.01
C GLY A 340 -3.65 14.30 -7.94
N GLN A 341 -2.86 14.66 -8.95
CA GLN A 341 -3.37 15.38 -10.08
C GLN A 341 -4.53 14.74 -10.84
N TRP A 342 -4.33 13.48 -11.29
CA TRP A 342 -5.41 12.68 -11.91
C TRP A 342 -6.75 12.69 -11.11
N MET A 343 -6.64 12.59 -9.77
CA MET A 343 -7.80 12.35 -8.97
C MET A 343 -8.51 13.62 -8.67
N ARG A 344 -7.73 14.68 -8.33
CA ARG A 344 -8.23 16.06 -8.30
C ARG A 344 -9.02 16.43 -9.56
N LEU A 345 -8.50 16.01 -10.70
CA LEU A 345 -9.13 16.25 -11.96
C LEU A 345 -10.37 15.40 -12.23
N CYS A 346 -10.37 14.13 -11.80
CA CYS A 346 -11.57 13.24 -11.84
C CYS A 346 -12.75 13.76 -11.04
N THR A 347 -12.44 14.39 -9.91
CA THR A 347 -13.45 14.72 -8.91
C THR A 347 -13.77 16.17 -8.91
N SER A 348 -12.76 17.03 -9.10
CA SER A 348 -12.87 18.48 -8.77
C SER A 348 -12.17 19.48 -9.73
N ALA A 349 -11.98 19.06 -10.99
CA ALA A 349 -11.63 20.00 -12.10
C ALA A 349 -12.41 21.29 -12.02
N THR A 350 -11.70 22.42 -12.10
CA THR A 350 -12.36 23.75 -12.14
C THR A 350 -12.22 24.47 -13.47
N GLU A 351 -13.13 25.43 -13.69
CA GLU A 351 -13.37 26.02 -15.00
C GLU A 351 -12.15 26.67 -15.66
N SER A 352 -11.36 27.40 -14.86
CA SER A 352 -10.25 28.19 -15.37
C SER A 352 -9.15 27.34 -15.98
N GLU A 353 -8.63 26.40 -15.19
CA GLU A 353 -7.64 25.44 -15.64
C GLU A 353 -8.09 24.69 -16.89
N VAL A 354 -9.40 24.46 -17.03
CA VAL A 354 -9.92 23.77 -18.20
C VAL A 354 -9.80 24.65 -19.46
N LEU A 355 -9.95 25.95 -19.28
CA LEU A 355 -9.72 26.90 -20.36
C LEU A 355 -8.22 26.97 -20.76
N ARG A 356 -7.34 26.83 -19.77
CA ARG A 356 -5.93 26.87 -20.04
C ARG A 356 -5.50 25.69 -20.89
N GLY A 357 -5.61 24.47 -20.33
CA GLY A 357 -6.10 23.28 -21.03
C GLY A 357 -6.47 23.48 -22.50
N LYS A 358 -7.67 24.01 -22.75
CA LYS A 358 -8.20 24.14 -24.12
C LYS A 358 -7.27 25.00 -24.96
N ASN A 359 -6.67 26.03 -24.35
CA ASN A 359 -5.83 26.99 -25.08
C ASN A 359 -4.49 26.39 -25.49
N LEU A 360 -3.84 25.69 -24.53
CA LEU A 360 -2.63 24.91 -24.79
C LEU A 360 -2.81 23.95 -25.96
N LEU A 361 -3.98 23.33 -26.05
CA LEU A 361 -4.36 22.50 -27.19
C LEU A 361 -4.48 23.24 -28.50
N ARG A 362 -5.29 24.29 -28.54
CA ARG A 362 -5.41 25.11 -29.74
C ARG A 362 -4.04 25.61 -30.18
N ASN A 363 -3.20 26.01 -29.22
CA ASN A 363 -1.84 26.37 -29.52
C ASN A 363 -0.92 25.25 -30.04
N ALA A 364 -1.03 24.05 -29.41
CA ALA A 364 -0.36 22.84 -29.88
C ALA A 364 -0.78 22.46 -31.29
N LEU A 365 -2.09 22.49 -31.57
CA LEU A 365 -2.57 21.94 -32.83
C LEU A 365 -2.12 22.79 -34.00
N VAL A 366 -2.28 24.08 -33.83
CA VAL A 366 -2.00 25.02 -34.84
C VAL A 366 -0.48 25.13 -35.07
N SER A 367 0.32 25.02 -33.98
CA SER A 367 1.78 25.12 -34.06
C SER A 367 2.37 23.89 -34.76
N HIS A 368 1.79 22.72 -34.45
CA HIS A 368 2.19 21.48 -35.04
C HIS A 368 1.97 21.44 -36.51
N LEU A 369 0.82 21.93 -36.97
CA LEU A 369 0.48 21.96 -38.40
C LEU A 369 1.14 23.11 -39.23
N ASP A 370 2.46 23.16 -39.19
CA ASP A 370 3.19 24.28 -39.78
C ASP A 370 4.48 23.84 -40.48
N GLY A 371 4.43 23.86 -41.81
CA GLY A 371 5.32 23.09 -42.63
C GLY A 371 4.61 22.06 -43.46
N THR A 372 5.05 21.89 -44.70
CA THR A 372 4.53 20.84 -45.58
C THR A 372 4.68 19.41 -44.99
N THR A 373 5.85 19.09 -44.46
CA THR A 373 6.09 17.82 -43.75
C THR A 373 5.08 17.49 -42.63
N PRO A 374 4.89 18.36 -41.60
CA PRO A 374 3.83 18.12 -40.63
C PRO A 374 2.43 17.97 -41.25
N VAL A 375 2.10 18.80 -42.26
CA VAL A 375 0.77 18.81 -42.82
C VAL A 375 0.54 17.56 -43.66
N CYS A 376 1.54 17.19 -44.46
CA CYS A 376 1.53 15.98 -45.28
C CYS A 376 1.35 14.72 -44.44
N GLU A 377 2.11 14.62 -43.34
CA GLU A 377 1.91 13.57 -42.34
C GLU A 377 0.52 13.57 -41.79
N ASP A 378 -0.04 14.75 -41.53
CA ASP A 378 -1.41 14.82 -41.05
C ASP A 378 -2.48 14.38 -42.02
N ILE A 379 -2.23 14.55 -43.32
CA ILE A 379 -3.13 14.03 -44.34
C ILE A 379 -3.14 12.48 -44.35
N GLY A 380 -2.14 11.85 -44.95
CA GLY A 380 -1.29 10.86 -44.29
C GLY A 380 -1.97 10.00 -43.25
N ARG A 381 -1.69 10.31 -41.98
CA ARG A 381 -2.10 9.52 -40.85
C ARG A 381 -3.62 9.53 -40.78
N SER A 382 -4.20 10.72 -41.00
CA SER A 382 -5.60 10.99 -40.66
C SER A 382 -6.54 10.15 -41.52
N LEU A 383 -6.29 10.17 -42.82
CA LEU A 383 -6.96 9.31 -43.76
C LEU A 383 -6.94 7.79 -43.43
N LEU A 384 -5.80 7.29 -42.96
CA LEU A 384 -5.71 5.91 -42.48
C LEU A 384 -6.51 5.63 -41.22
N THR A 385 -6.50 6.58 -40.28
CA THR A 385 -7.17 6.40 -38.99
C THR A 385 -8.66 6.81 -39.03
N TYR A 386 -8.95 8.00 -39.58
CA TYR A 386 -10.28 8.65 -39.47
C TYR A 386 -11.16 8.43 -40.70
N GLY A 387 -10.53 8.39 -41.89
CA GLY A 387 -11.25 8.35 -43.13
C GLY A 387 -11.42 9.70 -43.79
N ARG A 388 -11.57 10.76 -42.98
CA ARG A 388 -11.40 12.17 -43.45
C ARG A 388 -10.07 12.74 -42.98
N ARG A 389 -9.71 13.91 -43.53
CA ARG A 389 -9.13 15.01 -42.74
C ARG A 389 -10.19 15.72 -41.92
N ILE A 390 -10.03 15.65 -40.60
CA ILE A 390 -10.81 16.47 -39.70
C ILE A 390 -10.25 17.89 -39.70
N PRO A 391 -11.01 18.87 -40.23
CA PRO A 391 -10.46 20.20 -40.49
C PRO A 391 -10.35 20.97 -39.19
N LEU A 392 -9.59 22.08 -39.22
CA LEU A 392 -9.10 22.71 -38.01
C LEU A 392 -10.24 23.32 -37.24
N ALA A 393 -11.21 23.87 -37.97
CA ALA A 393 -12.40 24.47 -37.39
C ALA A 393 -13.25 23.48 -36.60
N GLU A 394 -13.30 22.22 -37.08
CA GLU A 394 -13.85 21.06 -36.30
C GLU A 394 -13.17 20.81 -34.95
N TRP A 395 -11.86 20.57 -34.96
CA TRP A 395 -11.10 20.39 -33.75
C TRP A 395 -11.35 21.55 -32.76
N GLU A 396 -11.45 22.79 -33.28
CA GLU A 396 -11.76 23.96 -32.44
C GLU A 396 -13.09 23.79 -31.72
N SER A 397 -14.12 23.45 -32.50
CA SER A 397 -15.46 23.18 -32.03
C SER A 397 -15.46 22.07 -30.97
N ARG A 398 -14.74 20.98 -31.25
CA ARG A 398 -14.57 19.89 -30.30
C ARG A 398 -13.77 20.29 -29.04
N ILE A 399 -12.78 21.17 -29.22
CA ILE A 399 -12.08 21.77 -28.09
C ILE A 399 -13.00 22.70 -27.28
N ALA A 400 -13.62 23.69 -27.96
CA ALA A 400 -14.63 24.59 -27.35
C ALA A 400 -15.68 23.92 -26.47
N GLU A 401 -16.16 22.73 -26.88
CA GLU A 401 -17.22 21.96 -26.18
C GLU A 401 -16.87 21.49 -24.77
N VAL A 402 -15.58 21.30 -24.50
CA VAL A 402 -15.10 20.83 -23.19
C VAL A 402 -15.27 21.95 -22.16
N ASP A 403 -16.01 21.68 -21.11
CA ASP A 403 -15.89 22.43 -19.87
C ASP A 403 -15.35 21.55 -18.73
N ALA A 404 -15.30 22.11 -17.50
CA ALA A 404 -14.97 21.36 -16.29
C ALA A 404 -15.74 20.03 -16.13
N ARG A 405 -17.06 20.06 -16.37
CA ARG A 405 -17.89 18.86 -16.24
C ARG A 405 -17.41 17.80 -17.21
N VAL A 406 -17.14 18.24 -18.46
CA VAL A 406 -16.61 17.32 -19.48
C VAL A 406 -15.30 16.68 -18.99
N VAL A 407 -14.41 17.49 -18.40
CA VAL A 407 -13.13 16.99 -17.91
C VAL A 407 -13.37 15.95 -16.82
N ARG A 408 -14.07 16.34 -15.76
CA ARG A 408 -14.18 15.44 -14.62
C ARG A 408 -15.04 14.20 -14.84
N GLU A 409 -15.99 14.29 -15.79
CA GLU A 409 -16.63 13.08 -16.40
C GLU A 409 -15.66 12.17 -17.17
N VAL A 410 -14.94 12.77 -18.15
CA VAL A 410 -14.16 12.00 -19.13
C VAL A 410 -12.88 11.47 -18.45
N CYS A 411 -12.36 12.22 -17.48
CA CYS A 411 -11.25 11.75 -16.66
C CYS A 411 -11.70 10.58 -15.81
N SER A 412 -12.89 10.73 -15.21
CA SER A 412 -13.47 9.68 -14.38
C SER A 412 -13.67 8.36 -15.09
N LYS A 413 -14.18 8.43 -16.32
CA LYS A 413 -14.46 7.25 -17.15
C LYS A 413 -13.19 6.39 -17.36
N TYR A 414 -12.04 7.08 -17.55
CA TYR A 414 -10.81 6.43 -17.98
C TYR A 414 -9.88 6.17 -16.83
N PHE A 415 -9.87 7.06 -15.84
CA PHE A 415 -8.86 7.05 -14.78
C PHE A 415 -9.38 6.51 -13.48
N TYR A 416 -10.59 6.94 -13.05
CA TYR A 416 -11.08 6.62 -11.69
C TYR A 416 -11.25 5.16 -11.47
N ASP A 417 -10.53 4.69 -10.42
CA ASP A 417 -10.58 3.31 -9.89
C ASP A 417 -10.27 2.28 -10.97
N GLN A 418 -9.15 2.46 -11.62
CA GLN A 418 -8.76 1.64 -12.74
C GLN A 418 -7.36 1.03 -12.54
N CYS A 419 -7.18 -0.20 -12.98
CA CYS A 419 -5.87 -0.84 -12.88
C CYS A 419 -4.99 -0.25 -13.99
N PRO A 420 -3.83 0.33 -13.63
CA PRO A 420 -2.83 0.77 -14.62
C PRO A 420 -1.82 -0.29 -15.08
N ALA A 421 -1.30 -0.12 -16.29
CA ALA A 421 0.00 -0.66 -16.63
C ALA A 421 1.11 0.21 -16.07
N VAL A 422 2.05 -0.40 -15.34
CA VAL A 422 3.22 0.35 -14.75
C VAL A 422 4.47 -0.23 -15.36
N ALA A 423 5.48 0.59 -15.62
CA ALA A 423 6.78 0.08 -16.08
C ALA A 423 7.89 0.88 -15.45
N GLY A 424 8.85 0.17 -14.88
CA GLY A 424 10.02 0.78 -14.24
C GLY A 424 11.34 0.27 -14.80
N PHE A 425 12.37 1.08 -14.65
CA PHE A 425 13.70 0.78 -15.16
C PHE A 425 14.69 1.71 -14.44
N GLY A 426 15.78 1.13 -13.94
CA GLY A 426 16.76 1.92 -13.19
C GLY A 426 16.73 1.69 -11.70
N PRO A 427 17.10 2.69 -10.91
CA PRO A 427 17.24 2.50 -9.47
C PRO A 427 15.91 2.64 -8.79
N ILE A 428 15.15 1.55 -8.85
CA ILE A 428 13.69 1.58 -8.70
C ILE A 428 13.21 0.87 -7.41
N GLU A 429 14.13 0.68 -6.46
CA GLU A 429 13.81 0.21 -5.10
C GLU A 429 12.57 0.82 -4.56
N GLN A 430 12.40 2.12 -4.78
CA GLN A 430 11.44 2.92 -4.03
C GLN A 430 10.17 3.11 -4.84
N LEU A 431 10.10 2.55 -6.03
CA LEU A 431 8.86 2.52 -6.77
C LEU A 431 7.78 1.80 -5.95
N PRO A 432 6.62 2.48 -5.75
CA PRO A 432 5.51 1.88 -4.97
C PRO A 432 5.16 0.49 -5.48
N ASP A 433 4.83 -0.37 -4.52
CA ASP A 433 4.14 -1.63 -4.77
C ASP A 433 2.86 -1.46 -5.62
N TYR A 434 2.50 -2.47 -6.42
CA TYR A 434 1.37 -2.33 -7.36
C TYR A 434 0.10 -2.03 -6.66
N ASN A 435 -0.12 -2.70 -5.51
CA ASN A 435 -1.27 -2.44 -4.70
C ASN A 435 -1.36 -0.94 -4.38
N ARG A 436 -0.23 -0.34 -4.09
CA ARG A 436 -0.22 0.96 -3.51
C ARG A 436 -0.34 2.02 -4.59
N ILE A 437 0.28 1.73 -5.75
CA ILE A 437 -0.10 2.36 -7.00
C ILE A 437 -1.62 2.27 -7.25
N ARG A 438 -2.18 1.07 -7.09
CA ARG A 438 -3.55 0.78 -7.49
C ARG A 438 -4.47 1.55 -6.58
N SER A 439 -4.01 1.74 -5.34
CA SER A 439 -4.81 2.35 -4.28
C SER A 439 -4.83 3.88 -4.42
N GLY A 440 -3.81 4.42 -5.12
CA GLY A 440 -3.77 5.82 -5.51
C GLY A 440 -4.63 6.20 -6.71
N MET A 441 -5.38 5.26 -7.24
CA MET A 441 -6.32 5.52 -8.34
C MET A 441 -7.74 5.77 -7.86
N PHE A 442 -7.91 5.87 -6.53
CA PHE A 442 -9.16 6.36 -5.92
C PHE A 442 -8.91 7.12 -4.63
N TRP A 443 -9.86 7.96 -4.28
CA TRP A 443 -9.87 8.62 -2.99
C TRP A 443 -10.97 8.07 -2.08
N LEU A 444 -10.55 7.67 -0.87
CA LEU A 444 -11.45 7.46 0.28
C LEU A 444 -12.34 8.63 0.63
N ARG A 445 -11.82 9.86 0.45
CA ARG A 445 -12.62 11.07 0.60
C ARG A 445 -13.75 11.18 -0.40
N PHE A 446 -13.57 10.70 -1.63
CA PHE A 446 -14.52 11.01 -2.69
C PHE A 446 -15.74 10.10 -2.70
N VAL B 17 -7.53 27.11 -55.11
CA VAL B 17 -6.84 28.33 -54.58
C VAL B 17 -6.92 28.39 -53.02
N PRO B 18 -5.77 28.53 -52.33
CA PRO B 18 -5.57 29.59 -51.32
C PRO B 18 -5.21 30.94 -51.99
N PRO B 19 -5.19 32.08 -51.25
CA PRO B 19 -5.42 33.37 -51.90
C PRO B 19 -4.17 33.87 -52.70
N HIS B 20 -4.24 35.08 -53.30
CA HIS B 20 -3.35 36.20 -52.95
C HIS B 20 -2.71 35.96 -51.53
N PRO B 21 -1.38 35.71 -51.47
CA PRO B 21 -0.59 36.03 -50.27
C PRO B 21 -0.72 37.48 -49.77
N GLN B 22 0.19 37.88 -48.90
CA GLN B 22 0.57 39.28 -48.81
C GLN B 22 2.04 39.39 -49.12
N ASP B 23 2.57 40.60 -49.18
CA ASP B 23 4.00 40.79 -49.10
C ASP B 23 4.39 41.19 -47.75
N LEU B 24 5.60 40.78 -47.36
CA LEU B 24 6.30 41.40 -46.29
C LEU B 24 6.34 42.90 -46.46
N GLU B 25 6.07 43.59 -45.35
CA GLU B 25 6.28 45.02 -45.20
C GLU B 25 7.50 45.27 -44.32
N PHE B 26 8.31 46.28 -44.69
CA PHE B 26 9.65 46.55 -44.11
C PHE B 26 9.96 48.06 -44.01
N THR B 27 10.34 48.48 -42.80
CA THR B 27 10.52 49.92 -42.45
C THR B 27 11.78 50.11 -41.63
N ARG B 28 12.78 50.81 -42.17
CA ARG B 28 13.85 51.38 -41.32
C ARG B 28 13.29 52.60 -40.67
N LEU B 29 13.30 52.64 -39.35
CA LEU B 29 13.01 53.90 -38.64
C LEU B 29 14.27 54.79 -38.57
N PRO B 30 14.12 56.13 -38.38
CA PRO B 30 15.27 57.02 -38.53
C PRO B 30 16.27 56.89 -37.37
N ASN B 31 15.87 56.27 -36.23
CA ASN B 31 16.79 55.90 -35.11
C ASN B 31 17.52 54.57 -35.28
N GLY B 32 17.33 53.95 -36.46
CA GLY B 32 18.02 52.75 -36.86
C GLY B 32 17.27 51.44 -36.63
N LEU B 33 16.15 51.47 -35.89
CA LEU B 33 15.26 50.29 -35.67
C LEU B 33 14.65 49.79 -36.97
N VAL B 34 14.52 48.47 -37.10
CA VAL B 34 13.87 47.84 -38.27
C VAL B 34 12.58 47.18 -37.84
N ILE B 35 11.56 47.28 -38.69
CA ILE B 35 10.29 46.55 -38.49
C ILE B 35 9.91 45.79 -39.76
N ALA B 36 9.64 44.49 -39.60
CA ALA B 36 9.03 43.68 -40.67
C ALA B 36 7.84 42.87 -40.17
N SER B 37 6.77 42.84 -40.97
CA SER B 37 5.64 41.94 -40.74
C SER B 37 5.22 41.21 -42.01
N LEU B 38 4.70 39.99 -41.86
CA LEU B 38 3.76 39.41 -42.83
C LEU B 38 2.46 39.20 -42.17
N GLU B 39 1.39 39.55 -42.88
CA GLU B 39 0.10 38.92 -42.69
C GLU B 39 -0.06 37.78 -43.71
N ASN B 40 0.63 36.66 -43.42
CA ASN B 40 0.09 35.31 -43.68
C ASN B 40 -1.00 35.01 -42.69
N TYR B 41 -2.17 34.60 -43.20
CA TYR B 41 -3.41 34.83 -42.49
C TYR B 41 -3.69 33.80 -41.32
N ALA B 42 -2.61 33.49 -40.56
CA ALA B 42 -2.47 32.28 -39.77
C ALA B 42 -3.32 32.34 -38.50
N PRO B 43 -3.80 31.17 -38.03
CA PRO B 43 -4.43 31.07 -36.71
C PRO B 43 -3.58 31.52 -35.54
N ALA B 44 -2.24 31.40 -35.62
CA ALA B 44 -1.36 31.91 -34.53
C ALA B 44 -0.41 33.02 -34.97
N SER B 45 0.32 33.56 -34.01
CA SER B 45 1.18 34.72 -34.23
C SER B 45 2.56 34.55 -33.65
N ARG B 46 3.53 35.15 -34.32
CA ARG B 46 4.90 35.13 -33.86
C ARG B 46 5.43 36.57 -33.90
N ILE B 47 5.87 37.05 -32.74
CA ILE B 47 6.63 38.28 -32.65
C ILE B 47 8.02 37.94 -32.10
N GLY B 48 9.06 38.30 -32.85
CA GLY B 48 10.40 38.29 -32.34
C GLY B 48 10.95 39.66 -32.25
N LEU B 49 11.66 39.93 -31.15
CA LEU B 49 12.61 41.04 -31.08
C LEU B 49 14.07 40.58 -31.15
N PHE B 50 14.75 40.89 -32.24
CA PHE B 50 16.12 40.49 -32.46
C PHE B 50 17.08 41.60 -32.11
N ILE B 51 18.11 41.26 -31.39
CA ILE B 51 18.99 42.26 -30.79
C ILE B 51 20.41 41.87 -31.08
N LYS B 52 21.20 42.77 -31.66
CA LYS B 52 22.69 42.63 -31.66
C LYS B 52 23.16 42.64 -30.20
N ALA B 53 23.26 41.45 -29.62
CA ALA B 53 23.61 41.31 -28.22
C ALA B 53 24.24 40.01 -27.84
N GLY B 54 24.42 39.12 -28.84
CA GLY B 54 25.14 37.86 -28.69
C GLY B 54 26.41 37.92 -27.85
N SER B 55 26.94 36.74 -27.52
CA SER B 55 28.08 36.58 -26.59
C SER B 55 29.31 37.37 -27.01
N ARG B 56 29.37 37.77 -28.28
CA ARG B 56 30.53 38.50 -28.79
C ARG B 56 30.79 39.87 -28.16
N TYR B 57 29.79 40.39 -27.45
CA TYR B 57 29.79 41.75 -26.95
C TYR B 57 30.03 41.77 -25.44
N GLU B 58 30.08 40.56 -24.84
CA GLU B 58 30.77 40.29 -23.55
C GLU B 58 32.20 40.61 -23.66
N ASN B 59 32.82 41.03 -22.57
CA ASN B 59 34.30 41.05 -22.47
C ASN B 59 34.87 40.21 -21.29
N SER B 60 36.21 40.18 -21.20
CA SER B 60 36.95 39.55 -20.09
C SER B 60 36.38 39.71 -18.72
N ASN B 61 35.82 40.89 -18.45
CA ASN B 61 35.25 41.15 -17.16
C ASN B 61 33.83 40.70 -16.92
N ASN B 62 33.06 40.44 -17.97
CA ASN B 62 31.67 40.04 -17.72
C ASN B 62 31.19 38.75 -18.37
N LEU B 63 32.10 37.80 -18.62
CA LEU B 63 31.76 36.66 -19.50
C LEU B 63 30.62 35.86 -18.92
N GLY B 64 29.72 35.44 -19.76
CA GLY B 64 28.56 34.69 -19.31
C GLY B 64 27.34 35.52 -18.97
N THR B 65 27.45 36.87 -19.03
CA THR B 65 26.37 37.76 -18.62
C THR B 65 25.19 37.56 -19.53
N SER B 66 25.47 37.24 -20.78
CA SER B 66 24.41 37.09 -21.74
C SER B 66 23.82 35.70 -21.66
N HIS B 67 24.49 34.79 -20.96
CA HIS B 67 23.93 33.48 -20.77
C HIS B 67 22.97 33.58 -19.68
N LEU B 68 23.43 34.12 -18.56
CA LEU B 68 22.50 34.32 -17.45
C LEU B 68 21.25 35.06 -17.90
N LEU B 69 21.45 36.04 -18.80
CA LEU B 69 20.41 36.86 -19.35
C LEU B 69 19.41 36.04 -20.13
N ARG B 70 19.90 35.18 -21.01
CA ARG B 70 19.07 34.27 -21.77
C ARG B 70 18.14 33.47 -20.83
N LEU B 71 18.60 33.17 -19.62
CA LEU B 71 17.88 32.34 -18.69
C LEU B 71 16.88 33.20 -17.92
N ALA B 72 17.05 34.52 -17.99
CA ALA B 72 16.48 35.40 -17.00
C ALA B 72 15.18 35.95 -17.51
N SER B 73 14.65 35.32 -18.57
CA SER B 73 13.64 35.92 -19.43
C SER B 73 12.23 36.02 -18.80
N SER B 74 12.07 35.49 -17.58
CA SER B 74 10.81 35.55 -16.89
C SER B 74 10.94 35.96 -15.39
N LEU B 75 12.09 36.55 -15.00
CA LEU B 75 12.21 37.38 -13.79
C LEU B 75 11.39 38.69 -13.82
N THR B 76 11.11 39.31 -12.65
CA THR B 76 10.09 40.38 -12.62
C THR B 76 10.52 41.63 -13.35
N THR B 77 9.60 42.11 -14.17
CA THR B 77 9.66 43.41 -14.84
C THR B 77 8.76 44.43 -14.12
N LYS B 78 8.91 45.72 -14.49
CA LYS B 78 8.00 46.79 -14.00
C LYS B 78 6.61 46.63 -14.57
N GLY B 79 5.63 46.61 -13.70
CA GLY B 79 4.43 45.75 -13.89
C GLY B 79 4.46 44.72 -15.04
N ALA B 80 5.33 43.73 -14.92
CA ALA B 80 4.89 42.36 -14.73
C ALA B 80 5.87 41.56 -13.89
N SER B 81 5.42 41.21 -12.67
CA SER B 81 6.00 40.15 -11.84
C SER B 81 6.21 38.87 -12.56
N SER B 82 7.26 38.15 -12.13
CA SER B 82 7.58 36.79 -12.56
C SER B 82 6.34 35.89 -12.64
N PHE B 83 5.59 35.87 -11.53
CA PHE B 83 4.40 35.08 -11.41
C PHE B 83 3.43 35.35 -12.56
N LYS B 84 3.10 36.63 -12.79
CA LYS B 84 2.29 37.02 -13.94
C LYS B 84 2.85 36.58 -15.32
N ILE B 85 4.14 36.78 -15.56
CA ILE B 85 4.70 36.49 -16.88
C ILE B 85 4.46 35.03 -17.19
N THR B 86 4.76 34.19 -16.20
CA THR B 86 4.48 32.77 -16.26
C THR B 86 2.99 32.46 -16.40
N ARG B 87 2.18 32.97 -15.47
CA ARG B 87 0.78 32.61 -15.40
C ARG B 87 -0.07 33.21 -16.50
N GLY B 88 0.23 34.45 -16.86
CA GLY B 88 -0.42 35.10 -17.97
C GLY B 88 -0.20 34.40 -19.27
N ILE B 89 1.02 33.94 -19.53
CA ILE B 89 1.35 33.32 -20.84
C ILE B 89 0.78 31.89 -20.95
N GLU B 90 0.91 31.15 -19.88
CA GLU B 90 0.34 29.81 -19.82
C GLU B 90 -1.16 29.82 -19.90
N ALA B 91 -1.77 30.89 -19.38
CA ALA B 91 -3.23 31.04 -19.37
C ALA B 91 -3.80 31.05 -20.77
N VAL B 92 -3.01 31.56 -21.72
CA VAL B 92 -3.41 31.61 -23.15
C VAL B 92 -2.77 30.52 -24.03
N GLY B 93 -1.89 29.71 -23.45
CA GLY B 93 -1.20 28.67 -24.20
C GLY B 93 -0.12 29.28 -25.06
N GLY B 94 0.35 30.47 -24.66
CA GLY B 94 1.48 31.10 -25.32
C GLY B 94 2.80 30.45 -25.05
N LYS B 95 3.85 31.03 -25.63
CA LYS B 95 5.23 30.58 -25.51
C LYS B 95 6.14 31.83 -25.50
N LEU B 96 7.18 31.81 -24.65
CA LEU B 96 8.19 32.85 -24.60
C LEU B 96 9.52 32.19 -24.54
N SER B 97 10.41 32.55 -25.46
CA SER B 97 11.68 31.89 -25.60
C SER B 97 12.73 32.91 -26.01
N VAL B 98 13.98 32.66 -25.61
CA VAL B 98 15.14 33.38 -26.13
C VAL B 98 16.24 32.47 -26.76
N THR B 99 16.69 32.83 -27.99
CA THR B 99 17.74 32.15 -28.74
C THR B 99 18.90 33.10 -28.94
N SER B 100 19.94 32.99 -28.13
CA SER B 100 21.30 33.42 -28.55
C SER B 100 22.04 32.57 -29.66
N THR B 101 22.64 33.29 -30.58
CA THR B 101 23.85 32.90 -31.27
C THR B 101 24.94 33.86 -30.81
N ARG B 102 26.11 33.80 -31.42
CA ARG B 102 27.29 34.48 -30.89
C ARG B 102 27.17 36.01 -31.22
N GLU B 103 26.25 36.34 -32.13
CA GLU B 103 26.05 37.66 -32.64
C GLU B 103 24.76 38.30 -32.09
N ASN B 104 23.67 37.54 -32.00
CA ASN B 104 22.41 38.12 -31.55
C ASN B 104 21.68 37.34 -30.50
N MET B 105 20.72 37.99 -29.87
CA MET B 105 19.75 37.36 -29.02
C MET B 105 18.43 37.70 -29.60
N ALA B 106 17.49 36.75 -29.53
CA ALA B 106 16.18 36.85 -30.15
C ALA B 106 15.13 36.43 -29.16
N TYR B 107 14.42 37.41 -28.58
CA TYR B 107 13.20 37.12 -27.79
C TYR B 107 12.01 36.95 -28.70
N THR B 108 11.52 35.72 -28.83
CA THR B 108 10.31 35.42 -29.62
C THR B 108 9.14 34.91 -28.77
N VAL B 109 7.95 35.20 -29.25
CA VAL B 109 6.77 35.07 -28.47
C VAL B 109 5.68 34.52 -29.39
N GLU B 110 4.98 33.49 -28.93
CA GLU B 110 4.03 32.80 -29.81
C GLU B 110 2.71 32.42 -29.16
N CYS B 111 1.60 32.82 -29.82
CA CYS B 111 0.22 32.67 -29.34
C CYS B 111 -0.78 32.73 -30.52
N LEU B 112 -2.05 32.42 -30.26
CA LEU B 112 -3.14 32.66 -31.23
C LEU B 112 -3.34 34.15 -31.43
N ARG B 113 -3.93 34.56 -32.57
CA ARG B 113 -3.94 36.00 -32.96
C ARG B 113 -4.73 36.91 -32.02
N ASP B 114 -5.74 36.33 -31.37
CA ASP B 114 -6.65 37.05 -30.48
C ASP B 114 -5.94 37.53 -29.23
N ASP B 115 -4.69 37.09 -29.07
CA ASP B 115 -3.92 37.27 -27.87
C ASP B 115 -2.59 38.02 -28.04
N VAL B 116 -2.29 38.53 -29.26
CA VAL B 116 -1.08 39.32 -29.49
C VAL B 116 -0.79 40.36 -28.43
N ASP B 117 -1.77 41.18 -28.14
CA ASP B 117 -1.57 42.36 -27.33
C ASP B 117 -1.07 42.00 -25.92
N ILE B 118 -1.61 40.93 -25.34
CA ILE B 118 -1.08 40.52 -24.06
C ILE B 118 0.40 40.00 -24.10
N LEU B 119 0.68 39.21 -25.14
CA LEU B 119 2.04 38.75 -25.39
C LEU B 119 3.08 39.79 -25.78
N MET B 120 2.65 40.78 -26.57
CA MET B 120 3.44 41.97 -26.82
C MET B 120 3.89 42.68 -25.56
N GLU B 121 2.96 42.84 -24.61
CA GLU B 121 3.20 43.62 -23.40
C GLU B 121 4.24 42.94 -22.56
N PHE B 122 4.13 41.61 -22.48
CA PHE B 122 5.08 40.80 -21.74
C PHE B 122 6.42 40.85 -22.40
N LEU B 123 6.43 40.80 -23.76
CA LEU B 123 7.66 40.90 -24.54
C LEU B 123 8.46 42.15 -24.21
N LEU B 124 7.78 43.29 -24.16
CA LEU B 124 8.44 44.61 -24.08
C LEU B 124 8.90 44.85 -22.71
N ASN B 125 8.04 44.52 -21.76
CA ASN B 125 8.41 44.28 -20.38
C ASN B 125 9.71 43.48 -20.12
N VAL B 126 9.80 42.24 -20.68
CA VAL B 126 11.03 41.41 -20.59
C VAL B 126 12.28 42.10 -21.13
N THR B 127 12.12 42.90 -22.19
CA THR B 127 13.25 43.38 -22.98
C THR B 127 13.57 44.81 -22.75
N THR B 128 12.67 45.55 -22.13
CA THR B 128 12.92 47.00 -21.92
C THR B 128 12.70 47.40 -20.49
N ALA B 129 12.14 46.54 -19.67
CA ALA B 129 11.91 46.89 -18.29
C ALA B 129 12.23 45.83 -17.23
N PRO B 130 13.23 44.95 -17.41
CA PRO B 130 13.66 44.05 -16.36
C PRO B 130 14.20 44.74 -15.14
N GLU B 131 13.83 44.25 -13.97
CA GLU B 131 14.31 44.80 -12.72
C GLU B 131 15.60 44.11 -12.23
N PHE B 132 15.85 42.89 -12.74
CA PHE B 132 16.93 42.02 -12.26
C PHE B 132 17.13 42.03 -10.78
N ARG B 133 16.08 41.72 -10.00
CA ARG B 133 16.16 41.83 -8.52
C ARG B 133 17.24 40.90 -7.94
N ARG B 134 18.10 41.47 -7.08
CA ARG B 134 19.13 40.73 -6.30
C ARG B 134 18.79 39.25 -5.97
N TRP B 135 17.66 39.05 -5.25
CA TRP B 135 17.25 37.73 -4.79
C TRP B 135 16.81 36.82 -5.92
N GLU B 136 16.19 37.38 -6.95
CA GLU B 136 15.74 36.60 -8.11
C GLU B 136 16.91 36.12 -8.93
N VAL B 137 17.96 36.95 -8.98
CA VAL B 137 19.15 36.68 -9.81
C VAL B 137 20.07 35.60 -9.12
N ALA B 138 20.13 35.68 -7.77
CA ALA B 138 20.82 34.72 -6.93
C ALA B 138 20.22 33.37 -7.05
N ALA B 139 18.89 33.30 -7.01
CA ALA B 139 18.17 32.06 -7.21
C ALA B 139 18.41 31.44 -8.54
N LEU B 140 18.75 32.26 -9.55
CA LEU B 140 18.81 31.81 -10.94
C LEU B 140 20.15 31.25 -11.34
N GLN B 141 21.21 31.61 -10.59
CA GLN B 141 22.60 31.24 -10.96
C GLN B 141 22.81 29.69 -11.17
N PRO B 142 22.33 28.81 -10.24
CA PRO B 142 22.42 27.35 -10.49
C PRO B 142 21.96 26.88 -11.85
N GLN B 143 21.11 27.65 -12.53
CA GLN B 143 20.52 27.19 -13.73
C GLN B 143 21.52 27.18 -14.86
N LEU B 144 22.51 28.08 -14.78
CA LEU B 144 23.67 28.08 -15.67
C LEU B 144 24.41 26.78 -15.63
N ARG B 145 24.61 26.23 -14.44
CA ARG B 145 25.25 24.95 -14.28
C ARG B 145 24.43 23.78 -14.93
N ILE B 146 23.13 23.73 -14.68
CA ILE B 146 22.22 22.76 -15.32
C ILE B 146 22.17 22.95 -16.84
N ASP B 147 21.90 24.20 -17.24
CA ASP B 147 21.77 24.57 -18.66
C ASP B 147 23.00 24.18 -19.49
N LYS B 148 24.19 24.57 -18.98
CA LYS B 148 25.45 24.19 -19.57
C LYS B 148 25.59 22.65 -19.59
N ALA B 149 25.28 21.99 -18.46
CA ALA B 149 25.43 20.53 -18.33
C ALA B 149 24.61 19.78 -19.39
N VAL B 150 23.35 20.14 -19.56
CA VAL B 150 22.53 19.68 -20.69
C VAL B 150 23.18 19.96 -22.04
N ALA B 151 23.38 21.21 -22.42
CA ALA B 151 24.04 21.54 -23.72
C ALA B 151 25.30 20.73 -23.99
N LEU B 152 26.19 20.67 -23.02
CA LEU B 152 27.50 20.08 -23.21
C LEU B 152 27.48 18.55 -23.23
N GLN B 153 26.33 17.95 -23.05
CA GLN B 153 26.28 16.55 -23.28
C GLN B 153 26.19 16.09 -24.75
N ASN B 154 26.19 17.06 -25.66
CA ASN B 154 26.74 16.91 -27.00
C ASN B 154 28.25 17.15 -27.04
N PRO B 155 29.02 16.18 -27.53
CA PRO B 155 30.45 16.42 -27.80
C PRO B 155 30.70 17.59 -28.78
N GLN B 156 29.73 17.89 -29.66
CA GLN B 156 29.85 18.93 -30.68
C GLN B 156 29.87 20.31 -30.06
N ALA B 157 29.13 20.46 -28.96
CA ALA B 157 29.03 21.72 -28.28
C ALA B 157 30.39 22.18 -27.73
N HIS B 158 31.08 21.28 -27.02
CA HIS B 158 32.45 21.48 -26.52
C HIS B 158 33.39 21.84 -27.72
N VAL B 159 33.31 21.04 -28.78
CA VAL B 159 34.23 21.20 -29.89
C VAL B 159 34.05 22.61 -30.51
N ILE B 160 32.81 22.99 -30.80
CA ILE B 160 32.56 24.25 -31.48
C ILE B 160 32.88 25.47 -30.58
N GLU B 161 32.63 25.32 -29.29
CA GLU B 161 33.17 26.20 -28.30
C GLU B 161 34.68 26.31 -28.30
N ASN B 162 35.42 25.21 -28.21
CA ASN B 162 36.85 25.33 -28.29
C ASN B 162 37.32 25.80 -29.67
N LEU B 163 36.57 25.45 -30.74
CA LEU B 163 36.92 25.88 -32.10
C LEU B 163 37.01 27.38 -32.17
N HIS B 164 36.00 28.05 -31.61
CA HIS B 164 35.90 29.48 -31.68
C HIS B 164 36.95 30.09 -30.82
N ALA B 165 37.08 29.59 -29.58
CA ALA B 165 38.19 29.98 -28.69
C ALA B 165 39.58 29.99 -29.38
N ALA B 166 39.82 29.00 -30.23
CA ALA B 166 41.09 28.82 -30.81
C ALA B 166 41.22 29.79 -31.99
N ALA B 167 40.11 30.06 -32.68
CA ALA B 167 40.16 30.74 -33.95
C ALA B 167 40.38 32.22 -33.74
N TYR B 168 39.81 32.75 -32.66
CA TYR B 168 39.75 34.20 -32.46
C TYR B 168 40.38 34.63 -31.12
N ARG B 169 41.03 35.80 -31.12
CA ARG B 169 41.54 36.44 -29.86
C ARG B 169 40.40 36.95 -28.99
N ASN B 170 39.28 37.24 -29.64
CA ASN B 170 38.71 38.51 -29.56
C ASN B 170 37.41 38.17 -28.96
N ALA B 171 36.38 37.93 -29.79
CA ALA B 171 34.98 38.36 -29.46
C ALA B 171 34.04 37.27 -29.85
N LEU B 172 34.25 36.76 -31.07
CA LEU B 172 33.73 35.50 -31.50
C LEU B 172 34.27 34.30 -30.71
N ALA B 173 35.39 34.50 -30.00
CA ALA B 173 36.02 33.45 -29.21
C ALA B 173 35.25 33.19 -27.97
N ASN B 174 34.43 34.15 -27.57
CA ASN B 174 33.60 33.99 -26.38
C ASN B 174 32.65 32.84 -26.62
N SER B 175 32.32 32.15 -25.54
CA SER B 175 31.45 31.01 -25.59
C SER B 175 30.01 31.42 -25.44
N LEU B 176 29.10 30.61 -26.02
CA LEU B 176 27.64 30.65 -25.71
C LEU B 176 27.26 30.35 -24.28
N TYR B 177 28.15 29.73 -23.54
CA TYR B 177 27.81 29.28 -22.23
C TYR B 177 28.77 29.86 -21.23
N CYS B 178 28.24 30.24 -20.06
CA CYS B 178 29.01 30.96 -19.04
C CYS B 178 30.17 30.09 -18.55
N PRO B 179 31.40 30.64 -18.57
CA PRO B 179 32.57 29.97 -17.96
C PRO B 179 32.32 29.56 -16.50
N ASP B 180 32.83 28.37 -16.10
CA ASP B 180 32.45 27.76 -14.82
C ASP B 180 32.78 28.67 -13.67
N TYR B 181 33.93 29.34 -13.76
CA TYR B 181 34.39 30.32 -12.75
C TYR B 181 33.42 31.49 -12.51
N ARG B 182 32.56 31.74 -13.50
CA ARG B 182 31.64 32.85 -13.46
C ARG B 182 30.28 32.47 -12.86
N ILE B 183 29.97 31.18 -12.78
CA ILE B 183 28.66 30.75 -12.29
C ILE B 183 28.50 31.18 -10.83
N GLY B 184 27.52 32.03 -10.58
CA GLY B 184 27.33 32.62 -9.27
C GLY B 184 28.01 33.95 -9.09
N LYS B 185 28.68 34.42 -10.14
CA LYS B 185 29.53 35.60 -10.03
C LYS B 185 29.06 36.79 -10.84
N VAL B 186 28.05 36.53 -11.68
CA VAL B 186 27.51 37.53 -12.59
C VAL B 186 26.41 38.26 -11.89
N THR B 187 26.48 39.59 -11.92
CA THR B 187 25.79 40.43 -10.92
C THR B 187 24.52 41.02 -11.56
N PRO B 188 23.57 41.52 -10.76
CA PRO B 188 22.48 42.30 -11.33
C PRO B 188 22.95 43.60 -11.96
N VAL B 189 24.07 44.19 -11.53
CA VAL B 189 24.61 45.37 -12.27
C VAL B 189 25.10 45.08 -13.66
N GLU B 190 25.72 43.89 -13.81
CA GLU B 190 26.22 43.40 -15.11
C GLU B 190 25.10 43.17 -16.14
N LEU B 191 23.98 42.62 -15.68
CA LEU B 191 22.80 42.45 -16.51
C LEU B 191 22.15 43.76 -16.85
N HIS B 192 21.99 44.61 -15.83
CA HIS B 192 21.53 45.97 -16.01
C HIS B 192 22.37 46.71 -17.08
N ASP B 193 23.70 46.68 -16.93
CA ASP B 193 24.57 47.30 -17.90
C ASP B 193 24.52 46.64 -19.24
N TYR B 194 24.20 45.33 -19.29
CA TYR B 194 24.17 44.63 -20.57
C TYR B 194 23.02 45.07 -21.44
N VAL B 195 21.87 45.27 -20.81
CA VAL B 195 20.63 45.59 -21.50
C VAL B 195 20.68 47.04 -21.91
N GLN B 196 21.14 47.91 -21.03
CA GLN B 196 21.30 49.34 -21.31
C GLN B 196 22.27 49.61 -22.44
N ASN B 197 23.35 48.82 -22.52
CA ASN B 197 24.26 49.04 -23.58
C ASN B 197 24.18 48.36 -24.91
N HIS B 198 23.45 47.24 -24.90
CA HIS B 198 23.21 46.49 -26.11
C HIS B 198 21.77 46.48 -26.65
N PHE B 199 20.75 46.60 -25.77
CA PHE B 199 19.30 46.50 -26.18
C PHE B 199 18.78 47.91 -26.54
N THR B 200 19.34 48.49 -27.59
CA THR B 200 19.04 49.85 -28.03
C THR B 200 18.54 49.85 -29.48
N SER B 201 17.88 50.93 -29.88
CA SER B 201 17.10 51.01 -31.12
C SER B 201 17.87 50.55 -32.39
N ALA B 202 19.10 51.08 -32.54
CA ALA B 202 19.96 50.84 -33.72
C ALA B 202 20.55 49.44 -33.72
N ARG B 203 20.34 48.71 -32.61
CA ARG B 203 20.81 47.34 -32.47
C ARG B 203 19.67 46.36 -32.56
N MET B 204 18.52 46.81 -33.03
CA MET B 204 17.30 46.08 -32.76
C MET B 204 16.46 45.85 -34.02
N ALA B 205 15.65 44.80 -34.05
CA ALA B 205 14.58 44.69 -35.04
C ALA B 205 13.39 43.96 -34.50
N LEU B 206 12.19 44.38 -34.95
CA LEU B 206 10.92 43.85 -34.44
C LEU B 206 10.09 43.25 -35.55
N ILE B 207 10.07 41.94 -35.55
CA ILE B 207 9.52 41.14 -36.64
C ILE B 207 8.24 40.51 -36.17
N GLY B 208 7.25 40.51 -37.04
CA GLY B 208 5.92 40.11 -36.68
C GLY B 208 5.30 39.27 -37.74
N LEU B 209 4.52 38.28 -37.29
CA LEU B 209 3.97 37.27 -38.15
C LEU B 209 2.55 37.01 -37.80
N GLY B 210 1.67 37.29 -38.74
CA GLY B 210 0.28 37.66 -38.46
C GLY B 210 0.07 38.62 -37.31
N VAL B 211 0.89 39.68 -37.26
CA VAL B 211 0.41 41.03 -36.93
C VAL B 211 0.44 41.96 -38.11
N SER B 212 -0.23 43.11 -37.94
CA SER B 212 -0.21 44.21 -38.92
C SER B 212 0.96 45.16 -38.71
N HIS B 213 1.42 45.75 -39.82
CA HIS B 213 2.50 46.70 -39.84
C HIS B 213 2.25 47.95 -39.02
N PRO B 214 1.06 48.59 -39.12
CA PRO B 214 0.67 49.65 -38.17
C PRO B 214 0.91 49.30 -36.70
N VAL B 215 0.46 48.12 -36.29
CA VAL B 215 0.49 47.74 -34.90
C VAL B 215 1.96 47.65 -34.40
N LEU B 216 2.80 47.01 -35.22
CA LEU B 216 4.25 46.90 -34.98
C LEU B 216 4.98 48.27 -34.96
N LYS B 217 4.81 49.05 -36.04
CA LYS B 217 5.29 50.45 -36.13
C LYS B 217 4.87 51.28 -34.90
N GLN B 218 3.63 51.07 -34.42
CA GLN B 218 3.13 51.73 -33.21
C GLN B 218 3.88 51.30 -31.95
N VAL B 219 3.89 49.98 -31.70
CA VAL B 219 4.67 49.36 -30.62
C VAL B 219 6.10 49.90 -30.60
N ALA B 220 6.74 49.90 -31.77
CA ALA B 220 8.11 50.32 -31.95
C ALA B 220 8.33 51.79 -31.61
N GLU B 221 7.49 52.67 -32.18
CA GLU B 221 7.60 54.12 -31.92
C GLU B 221 7.24 54.48 -30.47
N GLN B 222 6.27 53.77 -29.90
CA GLN B 222 5.88 53.95 -28.49
C GLN B 222 6.94 53.41 -27.51
N PHE B 223 7.40 52.18 -27.75
CA PHE B 223 8.03 51.37 -26.71
C PHE B 223 9.48 51.02 -26.92
N LEU B 224 10.00 51.21 -28.13
CA LEU B 224 11.35 50.77 -28.47
C LEU B 224 12.32 51.88 -28.92
N ASN B 225 11.93 53.16 -28.75
CA ASN B 225 12.91 54.28 -28.78
C ASN B 225 13.85 54.40 -27.58
N ILE B 226 14.94 53.64 -27.66
CA ILE B 226 15.99 53.53 -26.63
C ILE B 226 17.28 53.88 -27.39
N ARG B 227 17.88 55.03 -27.07
CA ARG B 227 19.19 55.37 -27.62
C ARG B 227 20.26 55.01 -26.61
N GLY B 228 21.32 54.33 -27.06
CA GLY B 228 22.69 54.74 -26.72
C GLY B 228 23.33 54.02 -25.55
N GLY B 229 23.64 52.73 -25.74
CA GLY B 229 25.00 52.22 -25.54
C GLY B 229 25.98 52.52 -26.67
N LEU B 230 25.87 51.77 -27.77
CA LEU B 230 27.02 51.35 -28.62
C LEU B 230 26.57 51.18 -30.11
N GLY B 231 27.53 50.91 -31.03
CA GLY B 231 27.38 51.26 -32.47
C GLY B 231 27.41 50.16 -33.58
N LEU B 232 28.41 50.26 -34.48
CA LEU B 232 29.46 49.20 -34.76
C LEU B 232 29.19 47.70 -34.38
N SER B 233 29.27 46.80 -35.38
CA SER B 233 29.51 45.33 -35.13
C SER B 233 31.03 45.01 -35.02
N GLY B 234 31.61 45.31 -33.84
CA GLY B 234 32.61 46.37 -33.69
C GLY B 234 33.22 46.47 -32.28
N ALA B 235 33.62 45.32 -31.70
CA ALA B 235 35.04 45.01 -31.50
C ALA B 235 35.81 44.91 -32.81
N LYS B 236 35.19 44.24 -33.82
CA LYS B 236 35.91 43.46 -34.90
C LYS B 236 36.59 42.24 -34.34
N ALA B 237 36.17 41.08 -34.84
CA ALA B 237 36.82 39.82 -34.54
C ALA B 237 38.11 39.76 -35.25
N LYS B 238 39.15 39.46 -34.47
CA LYS B 238 40.49 39.21 -34.96
C LYS B 238 40.67 37.70 -35.11
N TYR B 239 40.78 37.20 -36.33
CA TYR B 239 41.28 35.84 -36.54
C TYR B 239 42.76 35.62 -36.29
N HIS B 240 43.07 34.48 -35.72
CA HIS B 240 44.29 34.28 -34.98
C HIS B 240 44.72 32.86 -35.32
N GLY B 241 43.88 31.89 -34.94
CA GLY B 241 44.06 30.50 -35.31
C GLY B 241 44.79 29.81 -34.21
N GLY B 242 44.95 28.50 -34.35
CA GLY B 242 45.59 27.68 -33.33
C GLY B 242 44.66 26.58 -32.92
N GLU B 243 44.99 25.85 -31.85
CA GLU B 243 44.31 24.60 -31.60
C GLU B 243 44.02 24.30 -30.15
N ILE B 244 42.84 23.74 -29.89
CA ILE B 244 42.54 23.25 -28.55
C ILE B 244 42.13 21.79 -28.60
N ARG B 245 42.49 21.07 -27.52
CA ARG B 245 42.56 19.61 -27.48
C ARG B 245 42.10 19.11 -26.11
N GLU B 246 40.98 18.37 -26.09
CA GLU B 246 40.41 17.81 -24.88
C GLU B 246 40.48 16.27 -24.91
N GLN B 247 41.51 15.71 -24.24
CA GLN B 247 41.56 14.32 -23.79
C GLN B 247 40.33 13.89 -23.01
N ASN B 248 39.91 12.63 -23.23
CA ASN B 248 38.57 12.18 -22.93
C ASN B 248 38.30 10.79 -22.42
N GLY B 249 38.67 9.76 -23.22
CA GLY B 249 37.69 8.74 -23.67
C GLY B 249 36.16 8.92 -23.26
N ASP B 250 35.44 9.88 -23.87
CA ASP B 250 34.36 9.57 -24.83
C ASP B 250 34.73 8.39 -25.81
N SER B 251 33.73 7.86 -26.51
CA SER B 251 33.95 6.64 -27.32
C SER B 251 34.82 6.85 -28.63
N LEU B 252 34.88 8.11 -29.04
CA LEU B 252 35.02 8.52 -30.44
C LEU B 252 35.69 9.91 -30.46
N VAL B 253 36.66 10.11 -31.36
CA VAL B 253 37.24 11.42 -31.61
C VAL B 253 36.27 12.27 -32.43
N HIS B 254 35.82 13.39 -31.84
CA HIS B 254 35.27 14.49 -32.59
C HIS B 254 36.38 15.50 -32.85
N ALA B 255 36.53 15.90 -34.11
CA ALA B 255 37.51 16.88 -34.48
C ALA B 255 36.91 17.81 -35.48
N ALA B 256 37.23 19.10 -35.35
CA ALA B 256 36.92 20.11 -36.36
C ALA B 256 38.14 20.82 -36.79
N LEU B 257 38.22 21.07 -38.10
CA LEU B 257 39.38 21.75 -38.71
C LEU B 257 38.87 22.72 -39.72
N VAL B 258 39.39 23.95 -39.63
CA VAL B 258 38.69 25.16 -40.11
C VAL B 258 39.72 26.22 -40.45
N ALA B 259 39.42 27.07 -41.44
CA ALA B 259 40.19 28.32 -41.72
C ALA B 259 39.25 29.50 -41.94
N GLU B 260 39.78 30.74 -41.85
CA GLU B 260 39.01 31.98 -42.16
C GLU B 260 38.45 32.03 -43.55
N SER B 261 37.13 32.22 -43.64
CA SER B 261 36.43 32.32 -44.90
C SER B 261 36.01 33.76 -45.18
N ALA B 262 34.73 34.05 -44.96
CA ALA B 262 34.07 35.24 -45.53
C ALA B 262 32.89 35.62 -44.68
N ALA B 263 32.75 36.93 -44.46
CA ALA B 263 31.63 37.51 -43.75
C ALA B 263 30.27 37.29 -44.45
N ILE B 264 29.20 37.16 -43.65
CA ILE B 264 27.87 36.98 -44.18
C ILE B 264 27.41 38.05 -45.19
N GLY B 265 26.92 37.58 -46.32
CA GLY B 265 26.27 38.47 -47.26
C GLY B 265 27.13 39.20 -48.29
N SER B 266 28.47 39.23 -48.09
CA SER B 266 29.45 39.13 -49.22
C SER B 266 29.12 38.05 -50.26
N ALA B 267 29.61 38.23 -51.49
CA ALA B 267 29.57 37.20 -52.52
C ALA B 267 30.41 35.97 -52.12
N GLU B 268 31.57 36.21 -51.53
CA GLU B 268 32.48 35.12 -51.17
C GLU B 268 31.85 34.12 -50.23
N ALA B 269 30.99 34.63 -49.34
CA ALA B 269 30.13 33.82 -48.47
C ALA B 269 29.34 32.79 -49.20
N ASN B 270 28.63 33.21 -50.26
CA ASN B 270 27.85 32.25 -51.07
C ASN B 270 28.69 31.15 -51.73
N ALA B 271 29.89 31.51 -52.22
CA ALA B 271 30.84 30.53 -52.74
C ALA B 271 31.18 29.44 -51.71
N PHE B 272 31.46 29.87 -50.49
CA PHE B 272 31.62 28.96 -49.41
C PHE B 272 30.38 28.10 -49.14
N SER B 273 29.21 28.72 -49.16
CA SER B 273 28.00 27.97 -48.92
C SER B 273 27.75 26.87 -50.02
N VAL B 274 28.16 27.13 -51.27
CA VAL B 274 28.20 26.16 -52.37
C VAL B 274 29.27 25.09 -52.11
N LEU B 275 30.43 25.50 -51.62
CA LEU B 275 31.53 24.58 -51.46
C LEU B 275 31.21 23.54 -50.39
N GLN B 276 30.66 24.01 -49.28
CA GLN B 276 29.94 23.15 -48.36
C GLN B 276 29.04 22.09 -48.99
N HIS B 277 28.20 22.47 -49.95
CA HIS B 277 27.30 21.47 -50.54
C HIS B 277 27.91 20.55 -51.59
N VAL B 278 28.98 21.02 -52.23
CA VAL B 278 29.90 20.16 -52.92
C VAL B 278 30.44 19.09 -51.94
N LEU B 279 30.93 19.53 -50.78
CA LEU B 279 31.74 18.65 -49.97
C LEU B 279 30.88 17.74 -49.14
N GLY B 280 29.90 18.31 -48.42
CA GLY B 280 28.81 17.54 -47.84
C GLY B 280 28.41 18.07 -46.50
N ALA B 281 27.17 18.57 -46.43
CA ALA B 281 26.45 18.77 -45.19
C ALA B 281 25.85 17.46 -44.75
N GLY B 282 24.68 17.54 -44.09
CA GLY B 282 24.03 16.37 -43.53
C GLY B 282 23.51 15.38 -44.57
N PRO B 283 22.87 14.30 -44.09
CA PRO B 283 22.25 13.30 -44.97
C PRO B 283 21.05 13.85 -45.76
N HIS B 284 20.55 13.09 -46.73
CA HIS B 284 19.31 13.40 -47.39
C HIS B 284 18.37 12.22 -47.31
N VAL B 285 18.91 11.03 -47.01
CA VAL B 285 18.23 9.77 -47.24
C VAL B 285 18.47 8.86 -46.04
N LYS B 286 17.39 8.48 -45.35
CA LYS B 286 17.51 7.83 -44.06
C LYS B 286 18.32 6.59 -44.21
N ARG B 287 19.45 6.53 -43.50
CA ARG B 287 20.39 5.39 -43.54
C ARG B 287 20.96 5.25 -44.96
N GLY B 288 21.52 6.33 -45.46
CA GLY B 288 22.05 6.37 -46.81
C GLY B 288 23.56 6.36 -46.82
N SER B 289 24.13 5.80 -47.88
CA SER B 289 25.58 5.79 -48.12
C SER B 289 26.14 7.19 -48.43
N ASN B 290 25.24 8.12 -48.72
CA ASN B 290 25.60 9.51 -48.99
C ASN B 290 26.54 9.65 -50.20
N ALA B 291 25.99 9.24 -51.35
CA ALA B 291 26.76 8.90 -52.55
C ALA B 291 27.32 10.15 -53.25
N THR B 292 26.55 11.24 -53.26
CA THR B 292 27.05 12.53 -53.76
C THR B 292 27.93 13.31 -52.78
N SER B 293 28.28 12.73 -51.63
CA SER B 293 29.12 13.45 -50.67
C SER B 293 30.60 13.18 -50.89
N SER B 294 31.27 14.21 -51.38
CA SER B 294 32.67 14.17 -51.71
C SER B 294 33.53 13.75 -50.56
N LEU B 295 33.32 14.34 -49.40
CA LEU B 295 34.14 14.08 -48.23
C LEU B 295 33.95 12.67 -47.77
N TYR B 296 32.69 12.24 -47.76
CA TYR B 296 32.29 10.97 -47.16
C TYR B 296 32.85 9.87 -47.99
N GLN B 297 32.50 9.90 -49.28
CA GLN B 297 33.07 9.02 -50.26
C GLN B 297 34.57 8.93 -50.15
N ALA B 298 35.22 10.06 -49.88
CA ALA B 298 36.65 10.13 -49.87
C ALA B 298 37.23 9.42 -48.67
N VAL B 299 36.56 9.56 -47.52
CA VAL B 299 36.99 8.95 -46.24
C VAL B 299 36.78 7.45 -46.30
N ALA B 300 35.60 7.06 -46.80
CA ALA B 300 35.14 5.68 -46.92
C ALA B 300 36.05 4.76 -47.78
N LYS B 301 36.54 5.28 -48.90
CA LYS B 301 37.59 4.63 -49.71
C LYS B 301 38.75 4.16 -48.78
N GLY B 302 39.27 5.10 -47.96
CA GLY B 302 40.24 4.81 -46.91
C GLY B 302 39.76 3.95 -45.74
N VAL B 303 38.50 4.12 -45.29
CA VAL B 303 38.15 3.88 -43.88
C VAL B 303 36.91 3.00 -43.64
N HIS B 304 37.12 1.94 -42.85
CA HIS B 304 36.11 0.89 -42.62
C HIS B 304 35.58 0.85 -41.15
N GLN B 305 34.32 0.41 -41.00
CA GLN B 305 33.18 1.34 -40.93
C GLN B 305 33.40 2.55 -39.95
N PRO B 306 32.80 2.57 -38.74
CA PRO B 306 31.93 3.72 -38.30
C PRO B 306 32.65 5.09 -38.32
N PHE B 307 32.20 5.99 -39.19
CA PHE B 307 32.55 7.42 -39.12
C PHE B 307 31.41 8.41 -39.53
N ASP B 308 31.59 9.69 -39.21
CA ASP B 308 31.06 10.76 -40.01
C ASP B 308 32.05 11.86 -40.42
N VAL B 309 31.75 12.53 -41.55
CA VAL B 309 32.25 13.84 -41.88
C VAL B 309 31.16 14.70 -42.36
N SER B 310 31.27 15.98 -42.02
CA SER B 310 30.61 17.00 -42.75
C SER B 310 31.47 18.21 -42.92
N ALA B 311 31.26 18.92 -44.03
CA ALA B 311 31.72 20.29 -44.19
C ALA B 311 31.05 21.19 -43.19
N PHE B 312 31.85 22.13 -42.66
CA PHE B 312 31.41 23.06 -41.62
C PHE B 312 31.46 24.50 -42.12
N ASN B 313 30.39 25.26 -41.92
CA ASN B 313 30.31 26.61 -42.49
C ASN B 313 29.65 27.59 -41.58
N ALA B 314 30.46 28.36 -40.89
CA ALA B 314 29.96 29.42 -39.99
C ALA B 314 30.29 30.74 -40.59
N SER B 315 29.28 31.58 -40.75
CA SER B 315 29.51 32.93 -41.17
C SER B 315 29.02 33.97 -40.22
N TYR B 316 29.87 34.92 -39.95
CA TYR B 316 29.51 35.99 -39.08
C TYR B 316 29.49 37.37 -39.78
N SER B 317 29.49 38.45 -38.99
CA SER B 317 29.21 39.77 -39.48
C SER B 317 30.39 40.35 -40.24
N ASP B 318 31.57 39.75 -40.07
CA ASP B 318 32.77 40.37 -39.51
C ASP B 318 33.96 39.51 -40.03
N SER B 319 33.62 38.27 -40.44
CA SER B 319 34.45 37.06 -40.40
C SER B 319 33.60 35.81 -40.69
N GLY B 320 34.25 34.65 -40.81
CA GLY B 320 33.56 33.36 -40.81
C GLY B 320 34.53 32.20 -40.80
N LEU B 321 34.07 31.05 -40.29
CA LEU B 321 34.89 29.84 -40.27
C LEU B 321 34.37 28.81 -41.21
N PHE B 322 35.26 28.31 -42.10
CA PHE B 322 34.96 27.11 -42.92
C PHE B 322 35.99 25.98 -42.79
N GLY B 323 35.48 24.74 -42.84
CA GLY B 323 36.23 23.54 -43.23
C GLY B 323 35.34 22.33 -42.96
N PHE B 324 35.74 21.46 -42.03
CA PHE B 324 35.01 20.24 -41.82
C PHE B 324 35.07 19.72 -40.45
N TYR B 325 34.15 18.79 -40.16
CA TYR B 325 33.95 18.19 -38.87
C TYR B 325 33.89 16.67 -39.01
N THR B 326 34.78 15.98 -38.32
CA THR B 326 34.92 14.48 -38.39
C THR B 326 34.50 13.87 -37.05
N ILE B 327 33.73 12.78 -37.08
CA ILE B 327 33.71 11.81 -35.98
C ILE B 327 34.32 10.51 -36.44
N SER B 328 35.26 10.00 -35.67
CA SER B 328 35.79 8.67 -35.91
C SER B 328 36.10 7.97 -34.62
N GLN B 329 36.26 6.65 -34.69
CA GLN B 329 37.14 5.87 -33.79
C GLN B 329 38.55 6.46 -33.60
N ALA B 330 39.05 6.37 -32.37
CA ALA B 330 40.23 7.11 -31.94
C ALA B 330 41.48 6.89 -32.78
N ALA B 331 41.79 5.60 -33.07
CA ALA B 331 42.85 5.19 -34.01
C ALA B 331 42.63 5.63 -35.47
N SER B 332 41.39 5.74 -35.92
CA SER B 332 41.13 6.06 -37.29
C SER B 332 41.14 7.60 -37.50
N ALA B 333 41.49 8.36 -36.46
CA ALA B 333 41.24 9.82 -36.45
C ALA B 333 42.09 10.53 -37.50
N GLY B 334 43.41 10.33 -37.42
CA GLY B 334 44.32 10.79 -38.43
C GLY B 334 43.95 10.42 -39.86
N ASP B 335 43.52 9.18 -40.07
CA ASP B 335 43.12 8.71 -41.37
C ASP B 335 41.88 9.43 -41.90
N VAL B 336 40.87 9.55 -41.04
CA VAL B 336 39.67 10.30 -41.39
C VAL B 336 40.00 11.78 -41.69
N ILE B 337 40.76 12.43 -40.80
CA ILE B 337 41.10 13.84 -40.98
C ILE B 337 41.93 14.02 -42.24
N LYS B 338 42.96 13.20 -42.39
CA LYS B 338 43.91 13.36 -43.49
C LYS B 338 43.28 13.10 -44.84
N ALA B 339 42.30 12.16 -44.89
CA ALA B 339 41.48 11.91 -46.08
C ALA B 339 40.64 13.09 -46.41
N ALA B 340 39.84 13.54 -45.43
CA ALA B 340 38.98 14.69 -45.58
C ALA B 340 39.74 15.92 -46.09
N TYR B 341 40.90 16.20 -45.46
CA TYR B 341 41.72 17.31 -45.87
C TYR B 341 42.13 17.23 -47.33
N ASN B 342 42.60 16.06 -47.75
CA ASN B 342 43.08 15.91 -49.13
C ASN B 342 41.98 16.11 -50.15
N GLN B 343 40.75 15.78 -49.74
CA GLN B 343 39.63 15.86 -50.61
C GLN B 343 39.37 17.31 -50.94
N VAL B 344 39.46 18.18 -49.94
CA VAL B 344 39.38 19.60 -50.15
C VAL B 344 40.45 20.07 -51.09
N LYS B 345 41.71 19.67 -50.79
CA LYS B 345 42.92 19.98 -51.60
C LYS B 345 42.71 19.68 -53.08
N THR B 346 42.06 18.54 -53.33
CA THR B 346 41.68 18.10 -54.65
C THR B 346 40.74 19.05 -55.45
N ILE B 347 39.82 19.74 -54.74
CA ILE B 347 38.95 20.78 -55.33
C ILE B 347 39.73 22.05 -55.58
N ALA B 348 40.55 22.45 -54.60
CA ALA B 348 41.44 23.59 -54.75
C ALA B 348 42.40 23.49 -55.94
N GLN B 349 42.91 22.28 -56.18
CA GLN B 349 43.75 22.00 -57.34
C GLN B 349 42.99 21.93 -58.66
N GLY B 350 41.65 22.04 -58.61
CA GLY B 350 40.86 22.27 -59.81
C GLY B 350 39.88 21.16 -60.25
N ASN B 351 39.87 20.03 -59.52
CA ASN B 351 38.97 18.91 -59.84
C ASN B 351 37.55 19.14 -59.30
N LEU B 352 36.79 19.94 -60.05
CA LEU B 352 35.32 20.04 -59.92
C LEU B 352 34.64 19.93 -61.29
N SER B 353 33.54 19.14 -61.36
CA SER B 353 32.59 19.13 -62.52
C SER B 353 31.89 20.48 -62.63
N ASN B 354 31.26 20.74 -63.77
CA ASN B 354 30.00 21.46 -63.75
C ASN B 354 28.83 20.87 -62.96
N PRO B 355 28.37 19.63 -63.26
CA PRO B 355 27.20 19.09 -62.57
C PRO B 355 27.40 18.85 -61.08
N ASP B 356 28.63 18.50 -60.67
CA ASP B 356 29.05 18.54 -59.25
C ASP B 356 28.65 19.84 -58.57
N VAL B 357 29.03 21.00 -59.16
CA VAL B 357 28.59 22.32 -58.65
C VAL B 357 27.07 22.49 -58.74
N GLN B 358 26.48 22.17 -59.90
CA GLN B 358 25.02 22.31 -60.08
C GLN B 358 24.16 21.59 -59.02
N ALA B 359 24.57 20.37 -58.64
CA ALA B 359 23.85 19.58 -57.62
C ALA B 359 23.97 20.21 -56.22
N ALA B 360 25.16 20.76 -55.91
CA ALA B 360 25.36 21.58 -54.71
C ALA B 360 24.41 22.75 -54.71
N LYS B 361 24.38 23.47 -55.84
CA LYS B 361 23.47 24.57 -56.05
C LYS B 361 22.05 24.17 -55.77
N ASN B 362 21.60 23.04 -56.35
CA ASN B 362 20.28 22.53 -55.99
C ASN B 362 20.14 22.15 -54.54
N LYS B 363 21.15 21.51 -53.95
CA LYS B 363 21.08 21.15 -52.52
C LYS B 363 20.93 22.37 -51.60
N LEU B 364 21.73 23.41 -51.86
CA LEU B 364 21.66 24.67 -51.16
C LEU B 364 20.36 25.47 -51.38
N LYS B 365 20.00 25.64 -52.65
CA LYS B 365 18.77 26.36 -53.03
C LYS B 365 17.60 25.71 -52.36
N ALA B 366 17.46 24.38 -52.55
CA ALA B 366 16.34 23.63 -52.01
C ALA B 366 16.35 23.72 -50.50
N GLY B 367 17.54 23.69 -49.92
CA GLY B 367 17.72 23.72 -48.48
C GLY B 367 17.23 25.00 -47.83
N TYR B 368 17.63 26.15 -48.42
CA TYR B 368 17.24 27.46 -47.94
C TYR B 368 15.77 27.55 -47.96
N LEU B 369 15.19 27.14 -49.08
CA LEU B 369 13.78 27.26 -49.30
C LEU B 369 13.02 26.51 -48.28
N MET B 370 13.60 25.42 -47.81
CA MET B 370 12.92 24.51 -46.92
C MET B 370 13.02 25.04 -45.50
N SER B 371 14.14 25.70 -45.19
CA SER B 371 14.34 26.30 -43.89
C SER B 371 13.40 27.46 -43.60
N VAL B 372 12.84 28.07 -44.65
CA VAL B 372 11.85 29.12 -44.44
C VAL B 372 10.35 28.77 -44.64
N GLU B 373 10.07 27.46 -44.72
CA GLU B 373 8.73 26.86 -44.93
C GLU B 373 7.71 27.19 -43.84
N SER B 374 8.23 27.46 -42.64
CA SER B 374 7.47 27.46 -41.41
C SER B 374 7.68 28.76 -40.66
N SER B 375 6.71 29.10 -39.81
CA SER B 375 6.75 30.30 -38.96
C SER B 375 8.04 30.46 -38.16
N GLU B 376 8.41 29.45 -37.35
CA GLU B 376 9.65 29.50 -36.57
C GLU B 376 10.85 29.85 -37.46
N GLY B 377 10.84 29.38 -38.69
CA GLY B 377 12.03 29.40 -39.51
C GLY B 377 12.18 30.67 -40.32
N PHE B 378 11.15 30.98 -41.12
CA PHE B 378 10.94 32.32 -41.69
C PHE B 378 11.24 33.50 -40.74
N LEU B 379 10.59 33.49 -39.59
CA LEU B 379 10.76 34.55 -38.61
C LEU B 379 12.20 34.74 -38.16
N ASP B 380 12.87 33.61 -37.85
CA ASP B 380 14.25 33.62 -37.46
C ASP B 380 15.12 34.21 -38.57
N GLU B 381 14.77 33.93 -39.81
CA GLU B 381 15.57 34.29 -40.97
C GLU B 381 15.35 35.75 -41.29
N VAL B 382 14.08 36.20 -41.23
CA VAL B 382 13.76 37.61 -41.43
C VAL B 382 14.44 38.47 -40.36
N GLY B 383 14.32 38.06 -39.08
CA GLY B 383 15.05 38.68 -37.99
C GLY B 383 16.53 38.76 -38.30
N SER B 384 17.07 37.67 -38.82
CA SER B 384 18.52 37.50 -38.91
C SER B 384 19.07 38.45 -39.98
N GLN B 385 18.20 38.69 -40.99
CA GLN B 385 18.50 39.47 -42.17
C GLN B 385 18.43 40.96 -41.81
N ALA B 386 17.40 41.34 -41.06
CA ALA B 386 17.22 42.69 -40.56
C ALA B 386 18.47 43.21 -39.89
N LEU B 387 19.12 42.38 -39.05
CA LEU B 387 20.27 42.79 -38.26
C LEU B 387 21.55 42.72 -39.05
N ALA B 388 21.62 41.70 -39.91
CA ALA B 388 22.84 41.39 -40.61
C ALA B 388 23.14 42.48 -41.64
N ALA B 389 22.07 43.15 -42.10
CA ALA B 389 21.94 43.52 -43.51
C ALA B 389 21.02 44.69 -43.75
N GLY B 390 20.06 44.92 -42.85
CA GLY B 390 19.19 46.10 -42.91
C GLY B 390 18.14 46.03 -44.00
N SER B 391 17.93 44.81 -44.54
CA SER B 391 17.14 44.54 -45.76
C SER B 391 16.26 43.38 -45.39
N TYR B 392 15.14 43.24 -46.12
CA TYR B 392 14.67 41.92 -46.52
C TYR B 392 15.04 41.54 -47.94
N THR B 393 15.49 40.29 -48.07
CA THR B 393 15.95 39.77 -49.34
C THR B 393 15.13 38.56 -49.71
N PRO B 394 14.26 38.67 -50.71
CA PRO B 394 13.26 37.62 -51.00
C PRO B 394 13.94 36.32 -51.59
N PRO B 395 13.29 35.14 -51.52
CA PRO B 395 13.98 33.87 -51.81
C PRO B 395 14.41 33.77 -53.29
N SER B 396 13.61 34.32 -54.21
CA SER B 396 13.94 34.36 -55.63
C SER B 396 15.29 35.00 -55.91
N THR B 397 15.64 36.01 -55.11
CA THR B 397 16.92 36.68 -55.27
C THR B 397 18.10 36.09 -54.49
N VAL B 398 17.78 35.45 -53.36
CA VAL B 398 18.67 34.49 -52.74
C VAL B 398 19.07 33.40 -53.76
N LEU B 399 18.06 32.78 -54.39
CA LEU B 399 18.29 31.83 -55.45
C LEU B 399 19.01 32.42 -56.62
N GLN B 400 18.75 33.71 -56.90
CA GLN B 400 19.50 34.47 -57.93
C GLN B 400 20.99 34.56 -57.60
N GLN B 401 21.27 34.81 -56.31
CA GLN B 401 22.64 35.03 -55.79
C GLN B 401 23.45 33.76 -55.74
N ILE B 402 22.83 32.70 -55.20
CA ILE B 402 23.32 31.31 -55.30
C ILE B 402 23.75 30.98 -56.73
N ASP B 403 22.89 31.28 -57.70
CA ASP B 403 23.10 30.93 -59.07
C ASP B 403 24.31 31.65 -59.65
N ALA B 404 24.57 32.87 -59.17
CA ALA B 404 25.71 33.67 -59.62
C ALA B 404 27.09 33.19 -59.17
N VAL B 405 27.15 32.26 -58.23
CA VAL B 405 28.43 31.63 -57.91
C VAL B 405 28.95 30.80 -59.10
N ALA B 406 30.06 31.25 -59.71
CA ALA B 406 30.81 30.47 -60.71
C ALA B 406 31.51 29.31 -60.04
N ASP B 407 31.64 28.20 -60.76
CA ASP B 407 32.67 27.16 -60.52
C ASP B 407 34.03 27.62 -60.02
N ALA B 408 34.63 28.62 -60.68
CA ALA B 408 35.91 29.17 -60.23
C ALA B 408 35.84 29.81 -58.86
N ASP B 409 34.69 30.41 -58.51
CA ASP B 409 34.51 30.92 -57.16
C ASP B 409 34.62 29.82 -56.10
N VAL B 410 34.03 28.66 -56.41
CA VAL B 410 34.05 27.46 -55.54
C VAL B 410 35.46 26.92 -55.38
N ILE B 411 36.19 26.74 -56.52
CA ILE B 411 37.62 26.40 -56.52
C ILE B 411 38.39 27.40 -55.62
N ASN B 412 38.20 28.69 -55.87
CA ASN B 412 38.92 29.73 -55.17
C ASN B 412 38.66 29.74 -53.63
N ALA B 413 37.43 29.37 -53.24
CA ALA B 413 37.07 29.15 -51.85
C ALA B 413 37.81 27.99 -51.21
N ALA B 414 37.91 26.87 -51.94
CA ALA B 414 38.72 25.75 -51.53
C ALA B 414 40.21 26.15 -51.42
N LYS B 415 40.70 26.86 -52.45
CA LYS B 415 42.05 27.44 -52.47
C LYS B 415 42.31 28.29 -51.21
N LYS B 416 41.31 29.11 -50.82
CA LYS B 416 41.40 29.90 -49.57
C LYS B 416 41.53 29.05 -48.32
N PHE B 417 40.68 27.98 -48.21
CA PHE B 417 40.75 27.06 -47.06
C PHE B 417 42.13 26.43 -46.92
N VAL B 418 42.62 25.88 -48.03
CA VAL B 418 43.84 25.08 -48.06
C VAL B 418 45.09 25.88 -47.67
N SER B 419 45.14 27.14 -48.06
CA SER B 419 46.32 28.03 -47.81
C SER B 419 46.22 28.84 -46.48
N GLY B 420 45.09 28.73 -45.76
CA GLY B 420 44.75 29.64 -44.68
C GLY B 420 45.30 29.16 -43.36
N ARG B 421 45.78 30.11 -42.50
CA ARG B 421 46.28 29.76 -41.14
C ARG B 421 45.15 29.10 -40.46
N LYS B 422 45.40 27.90 -39.93
CA LYS B 422 44.30 27.01 -39.58
C LYS B 422 43.84 27.07 -38.11
N SER B 423 42.67 26.49 -37.85
CA SER B 423 42.12 26.47 -36.50
C SER B 423 41.53 25.13 -36.29
N MET B 424 41.78 24.52 -35.12
CA MET B 424 41.40 23.12 -34.86
C MET B 424 40.91 22.90 -33.47
N ALA B 425 39.80 22.19 -33.34
CA ALA B 425 39.42 21.61 -32.04
C ALA B 425 39.09 20.11 -32.17
N ALA B 426 39.47 19.35 -31.13
CA ALA B 426 39.33 17.89 -31.07
C ALA B 426 39.08 17.41 -29.61
N SER B 427 38.17 16.46 -29.43
CA SER B 427 38.05 15.80 -28.14
C SER B 427 37.83 14.29 -28.27
N GLY B 428 38.18 13.56 -27.20
CA GLY B 428 38.42 12.15 -27.30
C GLY B 428 39.73 11.68 -26.70
N ASN B 429 39.96 10.38 -26.83
CA ASN B 429 41.28 9.80 -26.80
C ASN B 429 42.01 10.19 -28.06
N LEU B 430 42.90 11.19 -27.89
CA LEU B 430 43.40 12.02 -28.97
C LEU B 430 44.75 11.54 -29.49
N GLY B 431 45.24 10.41 -28.95
CA GLY B 431 46.59 9.94 -29.23
C GLY B 431 46.84 9.49 -30.66
N HIS B 432 45.82 9.47 -31.49
CA HIS B 432 46.01 9.31 -32.93
C HIS B 432 45.44 10.45 -33.78
N THR B 433 44.82 11.44 -33.11
CA THR B 433 44.42 12.70 -33.73
C THR B 433 45.64 13.60 -33.94
N PRO B 434 45.91 14.00 -35.21
CA PRO B 434 47.03 14.91 -35.56
C PRO B 434 46.89 16.34 -35.10
N PHE B 435 47.83 17.22 -35.51
CA PHE B 435 48.27 18.35 -34.69
C PHE B 435 48.33 19.64 -35.44
N ILE B 436 48.00 19.63 -36.74
CA ILE B 436 48.12 20.80 -37.67
C ILE B 436 49.42 20.83 -38.35
N ASP B 437 50.49 21.19 -37.65
CA ASP B 437 51.82 20.65 -37.86
C ASP B 437 51.81 19.49 -38.85
N GLU B 438 51.01 18.46 -38.53
CA GLU B 438 51.16 17.14 -39.10
C GLU B 438 50.19 16.89 -40.24
N LEU B 439 49.37 17.90 -40.57
CA LEU B 439 48.30 17.73 -41.57
C LEU B 439 48.78 17.98 -42.98
N THR C 2 2.99 18.36 -0.86
CA THR C 2 3.59 17.00 -0.61
C THR C 2 2.74 16.13 0.41
N ASN C 3 3.19 14.87 0.66
CA ASN C 3 2.40 13.84 1.39
C ASN C 3 2.57 13.83 2.91
N ILE C 4 1.51 14.23 3.62
CA ILE C 4 1.66 14.68 5.03
C ILE C 4 1.81 13.54 6.06
N ARG C 5 1.31 12.35 5.69
CA ARG C 5 1.78 11.06 6.23
C ARG C 5 3.28 10.98 6.54
N LYS C 6 4.10 11.58 5.68
CA LYS C 6 5.55 11.45 5.78
C LYS C 6 6.14 12.49 6.73
N SER C 7 5.61 13.72 6.62
CA SER C 7 6.27 14.93 7.15
C SER C 7 5.82 15.28 8.59
N HIS C 8 4.54 15.04 8.90
CA HIS C 8 3.89 15.45 10.16
C HIS C 8 4.40 14.64 11.37
N PRO C 9 4.85 15.33 12.43
CA PRO C 9 5.73 14.72 13.45
C PRO C 9 5.21 13.44 14.07
N LEU C 10 3.92 13.42 14.43
CA LEU C 10 3.21 12.21 14.90
C LEU C 10 3.08 11.14 13.80
N MET C 11 2.51 11.50 12.66
CA MET C 11 2.04 10.53 11.70
C MET C 11 3.19 9.80 11.09
N LYS C 12 4.22 10.55 10.67
CA LYS C 12 5.64 10.14 10.65
C LYS C 12 5.96 8.89 11.46
N ILE C 13 5.82 8.96 12.79
CA ILE C 13 6.01 7.77 13.68
C ILE C 13 5.15 6.56 13.26
N VAL C 14 3.86 6.79 13.03
CA VAL C 14 2.92 5.73 12.62
C VAL C 14 3.27 5.16 11.21
N ASN C 15 3.71 6.06 10.32
CA ASN C 15 4.11 5.71 8.96
C ASN C 15 5.36 4.84 8.93
N ASN C 16 6.34 5.21 9.78
CA ASN C 16 7.61 4.49 9.95
C ASN C 16 7.47 3.09 10.58
N ALA C 17 6.29 2.79 11.08
CA ALA C 17 6.11 1.69 11.97
C ALA C 17 5.02 0.71 11.45
N PHE C 18 3.93 1.27 10.88
CA PHE C 18 2.83 0.46 10.37
C PHE C 18 2.62 0.59 8.84
N ILE C 19 3.15 1.63 8.19
CA ILE C 19 2.83 1.86 6.76
C ILE C 19 3.92 1.46 5.75
N ASP C 20 5.13 1.98 5.92
CA ASP C 20 6.11 2.18 4.80
C ASP C 20 7.45 1.53 5.07
N LEU C 21 7.74 1.34 6.35
CA LEU C 21 8.44 0.18 6.88
C LEU C 21 8.57 -0.92 5.86
N PRO C 22 9.78 -1.06 5.27
CA PRO C 22 10.14 -2.26 4.50
C PRO C 22 10.23 -3.48 5.41
N ALA C 23 9.33 -4.44 5.16
CA ALA C 23 9.34 -5.76 5.80
C ALA C 23 9.64 -6.94 4.78
N PRO C 24 10.11 -8.12 5.24
CA PRO C 24 10.50 -9.19 4.34
C PRO C 24 9.33 -9.82 3.58
N SER C 25 9.62 -10.46 2.43
CA SER C 25 8.63 -10.74 1.40
C SER C 25 7.74 -11.89 1.77
N ASN C 26 7.92 -12.43 2.97
CA ASN C 26 8.55 -13.72 3.17
C ASN C 26 8.17 -14.35 4.53
N ILE C 27 7.87 -13.49 5.50
CA ILE C 27 7.74 -13.90 6.88
C ILE C 27 6.43 -14.58 7.06
N SER C 28 6.45 -15.61 7.90
CA SER C 28 5.43 -16.65 7.92
C SER C 28 4.44 -16.31 9.00
N SER C 29 3.45 -17.19 9.19
CA SER C 29 2.48 -17.08 10.28
C SER C 29 3.07 -17.02 11.67
N TRP C 30 4.27 -17.58 11.84
CA TRP C 30 5.02 -17.38 13.07
C TRP C 30 5.43 -15.93 13.35
N TRP C 31 5.23 -15.05 12.38
CA TRP C 31 5.51 -13.66 12.59
C TRP C 31 4.40 -12.88 13.24
N ASN C 32 3.20 -13.47 13.30
CA ASN C 32 1.98 -12.75 13.62
C ASN C 32 1.82 -12.51 15.11
N PHE C 33 2.54 -13.28 15.92
CA PHE C 33 2.43 -13.21 17.40
C PHE C 33 2.92 -11.90 18.03
N GLY C 34 3.73 -11.15 17.28
CA GLY C 34 4.09 -9.79 17.60
C GLY C 34 2.96 -8.82 17.73
N SER C 35 2.10 -8.70 16.68
CA SER C 35 0.80 -7.98 16.75
C SER C 35 -0.12 -8.53 17.84
N LEU C 36 -0.17 -9.85 17.95
CA LEU C 36 -1.19 -10.48 18.75
C LEU C 36 -0.94 -10.29 20.22
N LEU C 37 0.34 -10.16 20.59
CA LEU C 37 0.71 -9.73 21.93
C LEU C 37 0.20 -8.31 22.25
N GLY C 38 0.38 -7.40 21.27
CA GLY C 38 -0.14 -6.06 21.32
C GLY C 38 -1.64 -5.98 21.47
N ILE C 39 -2.36 -6.74 20.63
CA ILE C 39 -3.82 -6.96 20.80
C ILE C 39 -4.16 -7.50 22.20
N CYS C 40 -3.46 -8.55 22.64
CA CYS C 40 -3.71 -9.13 23.96
C CYS C 40 -3.48 -8.08 25.02
N LEU C 41 -2.41 -7.29 24.84
CA LEU C 41 -2.05 -6.24 25.80
C LEU C 41 -3.14 -5.27 26.01
N ILE C 42 -3.75 -4.77 24.94
CA ILE C 42 -4.77 -3.70 25.08
C ILE C 42 -6.10 -4.27 25.52
N LEU C 43 -6.35 -5.54 25.14
CA LEU C 43 -7.60 -6.24 25.43
C LEU C 43 -7.62 -6.58 26.88
N GLN C 44 -6.47 -6.99 27.40
CA GLN C 44 -6.24 -7.03 28.86
C GLN C 44 -6.51 -5.74 29.59
N ILE C 45 -5.94 -4.62 29.10
CA ILE C 45 -6.19 -3.28 29.61
C ILE C 45 -7.67 -2.91 29.59
N LEU C 46 -8.34 -3.15 28.46
CA LEU C 46 -9.74 -2.74 28.28
C LEU C 46 -10.79 -3.57 29.01
N THR C 47 -10.53 -4.87 29.17
CA THR C 47 -11.34 -5.68 30.06
C THR C 47 -10.95 -5.57 31.54
N GLY C 48 -9.65 -5.43 31.79
CA GLY C 48 -9.15 -5.04 33.10
C GLY C 48 -9.79 -3.80 33.72
N LEU C 49 -10.02 -2.78 32.90
CA LEU C 49 -10.49 -1.50 33.41
C LEU C 49 -11.99 -1.55 33.77
N PHE C 50 -12.76 -2.21 32.93
CA PHE C 50 -14.18 -2.42 33.19
C PHE C 50 -14.40 -3.41 34.35
N LEU C 51 -13.38 -4.22 34.65
CA LEU C 51 -13.33 -4.93 35.90
C LEU C 51 -13.08 -4.03 37.08
N ALA C 52 -12.13 -3.08 36.94
CA ALA C 52 -11.70 -2.26 38.08
C ALA C 52 -12.77 -1.27 38.55
N MET C 53 -13.74 -1.00 37.65
CA MET C 53 -14.89 -0.12 37.91
C MET C 53 -15.92 -0.63 38.98
N HIS C 54 -15.67 -1.83 39.52
CA HIS C 54 -16.72 -2.81 39.92
C HIS C 54 -16.12 -3.74 40.94
N TYR C 55 -14.85 -4.12 40.69
CA TYR C 55 -13.95 -4.69 41.69
C TYR C 55 -13.78 -3.82 42.95
N THR C 56 -13.57 -4.48 44.09
CA THR C 56 -12.95 -3.85 45.27
C THR C 56 -11.86 -4.71 45.89
N SER C 57 -10.78 -4.07 46.33
CA SER C 57 -9.55 -4.76 46.75
C SER C 57 -9.44 -5.11 48.24
N ASP C 58 -10.59 -5.28 48.92
CA ASP C 58 -10.61 -5.45 50.39
C ASP C 58 -11.09 -6.81 50.86
N THR C 59 -10.32 -7.36 51.81
CA THR C 59 -10.37 -8.77 52.29
C THR C 59 -11.75 -9.40 52.36
N THR C 60 -12.72 -8.63 52.90
CA THR C 60 -14.17 -8.99 52.88
C THR C 60 -14.78 -9.06 51.45
N THR C 61 -14.87 -7.90 50.78
CA THR C 61 -15.75 -7.72 49.60
C THR C 61 -15.15 -8.29 48.30
N ALA C 62 -13.86 -8.63 48.34
CA ALA C 62 -13.09 -9.01 47.15
C ALA C 62 -13.73 -10.17 46.33
N PHE C 63 -13.84 -11.36 46.95
CA PHE C 63 -14.66 -12.48 46.43
C PHE C 63 -16.07 -12.10 45.99
N SER C 64 -16.78 -11.38 46.88
CA SER C 64 -18.17 -10.96 46.67
C SER C 64 -18.37 -10.06 45.44
N SER C 65 -17.35 -9.28 45.11
CA SER C 65 -17.42 -8.21 44.10
C SER C 65 -17.14 -8.75 42.73
N VAL C 66 -16.22 -9.71 42.65
CA VAL C 66 -16.01 -10.53 41.46
C VAL C 66 -17.32 -11.24 41.03
N THR C 67 -18.01 -11.84 42.01
CA THR C 67 -19.30 -12.50 41.72
C THR C 67 -20.43 -11.55 41.37
N HIS C 68 -20.61 -10.50 42.18
CA HIS C 68 -21.26 -9.23 41.79
C HIS C 68 -21.20 -8.89 40.29
N ILE C 69 -19.97 -8.74 39.76
CA ILE C 69 -19.68 -8.46 38.33
C ILE C 69 -20.39 -9.48 37.42
N CYS C 70 -20.16 -10.76 37.73
CA CYS C 70 -20.63 -11.87 36.91
C CYS C 70 -22.16 -11.98 37.00
N ARG C 71 -22.69 -11.82 38.21
CA ARG C 71 -24.10 -11.98 38.50
C ARG C 71 -24.96 -10.76 38.10
N ASP C 72 -24.59 -9.58 38.61
CA ASP C 72 -25.45 -8.39 38.61
C ASP C 72 -25.14 -7.43 37.43
N VAL C 73 -23.84 -7.18 37.23
CA VAL C 73 -23.33 -6.05 36.41
C VAL C 73 -23.43 -6.49 34.96
N ASN C 74 -24.02 -5.64 34.11
CA ASN C 74 -24.64 -6.08 32.83
C ASN C 74 -23.61 -6.39 31.83
N TYR C 75 -23.74 -7.59 31.25
CA TYR C 75 -22.67 -8.22 30.49
C TYR C 75 -21.33 -8.13 31.22
N GLY C 76 -21.37 -8.17 32.55
CA GLY C 76 -20.17 -8.25 33.39
C GLY C 76 -19.42 -9.54 33.18
N TRP C 77 -20.19 -10.64 33.16
CA TRP C 77 -19.65 -11.97 32.95
C TRP C 77 -18.71 -12.14 31.74
N ILE C 78 -19.07 -11.60 30.56
CA ILE C 78 -18.15 -11.65 29.38
C ILE C 78 -16.87 -10.95 29.65
N ILE C 79 -16.96 -9.74 30.20
CA ILE C 79 -15.79 -8.90 30.51
C ILE C 79 -14.84 -9.62 31.49
N ARG C 80 -15.41 -10.42 32.40
CA ARG C 80 -14.62 -11.24 33.31
C ARG C 80 -13.86 -12.42 32.64
N TYR C 81 -14.60 -13.32 32.00
CA TYR C 81 -14.01 -14.52 31.40
C TYR C 81 -13.19 -14.18 30.15
N MET C 82 -13.51 -13.03 29.53
CA MET C 82 -12.65 -12.38 28.57
C MET C 82 -11.33 -11.97 29.13
N HIS C 83 -11.32 -11.54 30.40
CA HIS C 83 -10.08 -11.11 31.04
C HIS C 83 -9.20 -12.31 31.36
N ALA C 84 -9.84 -13.32 31.98
CA ALA C 84 -9.15 -14.47 32.59
C ALA C 84 -8.59 -15.40 31.51
N ASN C 85 -9.38 -15.64 30.46
CA ASN C 85 -8.88 -16.30 29.24
C ASN C 85 -7.92 -15.48 28.39
N GLY C 86 -8.03 -14.15 28.50
CA GLY C 86 -7.09 -13.23 27.86
C GLY C 86 -5.68 -13.45 28.36
N ALA C 87 -5.54 -13.61 29.67
CA ALA C 87 -4.24 -13.93 30.29
C ALA C 87 -3.58 -15.17 29.67
N SER C 88 -4.38 -16.18 29.36
CA SER C 88 -3.88 -17.42 28.87
C SER C 88 -3.60 -17.35 27.37
N MET C 89 -4.55 -16.75 26.63
CA MET C 89 -4.32 -16.25 25.27
C MET C 89 -3.02 -15.45 25.11
N PHE C 90 -2.82 -14.47 26.02
CA PHE C 90 -1.54 -13.74 26.16
C PHE C 90 -0.38 -14.69 26.32
N PHE C 91 -0.53 -15.73 27.13
CA PHE C 91 0.58 -16.68 27.34
C PHE C 91 0.88 -17.66 26.23
N ILE C 92 -0.15 -18.08 25.47
CA ILE C 92 0.04 -18.86 24.23
C ILE C 92 0.91 -18.05 23.25
N CYS C 93 0.58 -16.75 23.15
CA CYS C 93 1.22 -15.88 22.20
C CYS C 93 2.66 -15.61 22.53
N LEU C 94 2.94 -15.39 23.84
CA LEU C 94 4.29 -15.28 24.37
C LEU C 94 5.13 -16.47 23.97
N TYR C 95 4.55 -17.66 24.10
CA TYR C 95 5.31 -18.89 24.10
C TYR C 95 5.68 -19.28 22.68
N MET C 96 4.68 -19.35 21.79
CA MET C 96 4.82 -19.08 20.33
C MET C 96 5.97 -18.11 19.88
N HIS C 97 6.02 -16.92 20.49
CA HIS C 97 6.77 -15.75 19.98
C HIS C 97 8.22 -15.89 20.42
N VAL C 98 8.43 -16.35 21.65
CA VAL C 98 9.74 -16.77 22.11
C VAL C 98 10.22 -18.01 21.33
N GLY C 99 9.34 -19.00 21.18
CA GLY C 99 9.64 -20.19 20.41
C GLY C 99 10.16 -19.83 19.05
N ARG C 100 9.42 -18.91 18.39
CA ARG C 100 9.74 -18.47 17.02
C ARG C 100 11.12 -17.85 16.98
N GLY C 101 11.45 -17.15 18.06
CA GLY C 101 12.70 -16.41 18.17
C GLY C 101 13.88 -17.33 18.36
N LEU C 102 13.64 -18.47 19.01
CA LEU C 102 14.66 -19.48 19.19
C LEU C 102 14.94 -20.27 17.92
N TYR C 103 13.87 -20.72 17.28
CA TYR C 103 13.97 -21.47 16.08
C TYR C 103 14.69 -20.70 15.04
N TYR C 104 14.32 -19.43 14.87
CA TYR C 104 14.75 -18.69 13.70
C TYR C 104 15.95 -17.80 13.99
N GLY C 105 16.51 -17.91 15.19
CA GLY C 105 17.75 -17.22 15.50
C GLY C 105 17.62 -15.71 15.71
N SER C 106 16.36 -15.25 15.85
CA SER C 106 15.99 -13.87 16.01
C SER C 106 16.61 -13.21 17.21
N TYR C 107 17.05 -14.02 18.17
CA TYR C 107 17.64 -13.53 19.42
C TYR C 107 18.91 -12.73 19.25
N THR C 108 19.42 -12.68 18.03
CA THR C 108 20.74 -12.13 17.73
C THR C 108 20.72 -10.62 17.73
N PHE C 109 19.57 -10.06 17.36
CA PHE C 109 19.09 -8.79 17.88
C PHE C 109 19.15 -8.69 19.42
N LEU C 110 20.33 -8.43 20.00
CA LEU C 110 20.48 -8.56 21.48
C LEU C 110 19.50 -7.70 22.33
N GLU C 111 19.41 -6.39 22.02
CA GLU C 111 18.57 -5.43 22.80
C GLU C 111 17.07 -5.79 22.68
N THR C 112 16.60 -5.97 21.44
CA THR C 112 15.22 -6.39 21.11
C THR C 112 14.83 -7.60 21.93
N TRP C 113 15.70 -8.64 21.86
CA TRP C 113 15.56 -9.90 22.59
C TRP C 113 15.58 -9.71 24.10
N ASN C 114 16.60 -9.05 24.62
CA ASN C 114 16.68 -8.70 26.05
C ASN C 114 15.54 -7.84 26.59
N ILE C 115 15.15 -6.80 25.85
CA ILE C 115 13.87 -6.15 26.12
C ILE C 115 12.71 -7.19 26.15
N GLY C 116 12.74 -8.12 25.19
CA GLY C 116 11.72 -9.19 25.11
C GLY C 116 11.63 -10.06 26.34
N VAL C 117 12.79 -10.42 26.90
CA VAL C 117 12.91 -11.16 28.18
C VAL C 117 12.31 -10.36 29.34
N ILE C 118 12.71 -9.08 29.46
CA ILE C 118 12.14 -8.17 30.48
C ILE C 118 10.59 -8.11 30.39
N LEU C 119 10.06 -8.08 29.17
CA LEU C 119 8.62 -8.17 28.91
C LEU C 119 8.03 -9.48 29.35
N LEU C 120 8.74 -10.58 29.14
CA LEU C 120 8.26 -11.87 29.65
C LEU C 120 8.21 -11.90 31.20
N LEU C 121 9.32 -11.55 31.85
CA LEU C 121 9.35 -11.31 33.29
C LEU C 121 8.25 -10.39 33.87
N THR C 122 7.88 -9.32 33.14
CA THR C 122 6.88 -8.39 33.65
C THR C 122 5.45 -8.79 33.39
N VAL C 123 5.19 -9.40 32.23
CA VAL C 123 3.86 -10.01 31.98
C VAL C 123 3.54 -11.14 32.97
N MET C 124 4.54 -11.97 33.27
CA MET C 124 4.39 -13.05 34.25
C MET C 124 4.04 -12.46 35.60
N ALA C 125 4.90 -11.52 36.05
CA ALA C 125 4.74 -10.87 37.36
C ALA C 125 3.37 -10.22 37.51
N THR C 126 2.82 -9.76 36.38
CA THR C 126 1.47 -9.17 36.31
C THR C 126 0.41 -10.16 36.63
N ALA C 127 0.41 -11.29 35.90
CA ALA C 127 -0.71 -12.26 35.90
C ALA C 127 -0.75 -13.04 37.23
N PHE C 128 0.43 -13.30 37.79
CA PHE C 128 0.58 -13.82 39.14
C PHE C 128 -0.03 -12.96 40.19
N MET C 129 0.24 -11.65 40.14
CA MET C 129 -0.50 -10.67 40.98
C MET C 129 -1.99 -10.58 40.64
N GLY C 130 -2.32 -10.73 39.34
CA GLY C 130 -3.69 -10.82 38.87
C GLY C 130 -4.47 -11.90 39.56
N TYR C 131 -3.84 -13.07 39.70
CA TYR C 131 -4.53 -14.27 40.13
C TYR C 131 -4.91 -14.27 41.61
N VAL C 132 -4.20 -13.47 42.42
CA VAL C 132 -4.52 -13.32 43.85
C VAL C 132 -5.83 -12.58 44.01
N LEU C 133 -6.08 -11.63 43.12
CA LEU C 133 -7.18 -10.68 43.26
C LEU C 133 -8.59 -11.15 43.64
N PRO C 134 -9.16 -12.22 43.02
CA PRO C 134 -10.52 -12.66 43.37
C PRO C 134 -10.63 -13.39 44.74
N TRP C 135 -9.47 -13.75 45.32
CA TRP C 135 -9.33 -14.17 46.73
C TRP C 135 -10.13 -15.46 46.98
N GLY C 136 -9.99 -16.39 46.02
CA GLY C 136 -10.23 -17.81 46.26
C GLY C 136 -9.07 -18.57 46.89
N GLN C 137 -9.27 -19.89 47.06
CA GLN C 137 -8.27 -20.76 47.69
C GLN C 137 -6.95 -20.75 46.92
N MET C 138 -7.02 -20.82 45.58
CA MET C 138 -5.80 -20.87 44.77
C MET C 138 -5.07 -19.53 44.75
N SER C 139 -5.83 -18.46 44.50
CA SER C 139 -5.48 -17.08 44.89
C SER C 139 -4.62 -16.95 46.16
N PHE C 140 -5.11 -17.43 47.30
CA PHE C 140 -4.36 -17.37 48.55
C PHE C 140 -3.13 -18.25 48.56
N TRP C 141 -3.25 -19.45 48.01
CA TRP C 141 -2.35 -20.54 48.35
C TRP C 141 -1.21 -20.72 47.37
N GLY C 142 -1.54 -20.64 46.07
CA GLY C 142 -0.86 -19.73 45.14
C GLY C 142 0.00 -18.65 45.77
N ALA C 143 -0.62 -17.51 46.13
CA ALA C 143 0.07 -16.37 46.74
C ALA C 143 1.02 -16.79 47.85
N THR C 144 0.53 -17.69 48.73
CA THR C 144 1.28 -18.21 49.86
C THR C 144 2.51 -19.02 49.44
N VAL C 145 2.33 -20.00 48.57
CA VAL C 145 3.42 -20.92 48.24
C VAL C 145 4.56 -20.23 47.43
N ILE C 146 4.17 -19.28 46.58
CA ILE C 146 5.09 -18.67 45.64
C ILE C 146 5.93 -17.60 46.27
N THR C 147 5.28 -16.71 47.03
CA THR C 147 5.98 -15.66 47.83
C THR C 147 7.00 -16.26 48.79
N ASN C 148 6.56 -17.30 49.51
CA ASN C 148 7.37 -18.08 50.46
C ASN C 148 8.79 -18.41 50.04
N LEU C 149 8.97 -18.68 48.74
CA LEU C 149 10.30 -18.91 48.14
C LEU C 149 11.40 -17.89 48.52
N LEU C 150 11.06 -16.59 48.55
CA LEU C 150 12.01 -15.50 48.88
C LEU C 150 12.68 -15.64 50.28
N SER C 151 12.01 -16.35 51.19
CA SER C 151 12.57 -16.70 52.51
C SER C 151 13.79 -17.64 52.44
N ALA C 152 14.01 -18.27 51.27
CA ALA C 152 15.20 -19.11 50.97
C ALA C 152 16.45 -18.35 50.50
N ILE C 153 16.28 -17.16 49.96
CA ILE C 153 17.38 -16.21 49.78
C ILE C 153 18.04 -15.97 51.15
N PRO C 154 19.34 -16.29 51.28
CA PRO C 154 20.05 -16.21 52.58
C PRO C 154 20.03 -14.79 53.20
N TYR C 155 19.82 -14.69 54.52
CA TYR C 155 20.11 -13.46 55.32
C TYR C 155 19.14 -12.26 55.13
N ILE C 156 19.28 -11.54 53.98
CA ILE C 156 18.18 -10.82 53.26
C ILE C 156 16.74 -11.42 53.42
N GLY C 157 16.62 -12.74 53.32
CA GLY C 157 15.45 -13.36 52.76
C GLY C 157 14.17 -13.31 53.59
N THR C 158 14.29 -13.44 54.91
CA THR C 158 13.15 -13.28 55.87
C THR C 158 12.53 -11.86 55.85
N ASN C 159 13.40 -10.84 55.92
CA ASN C 159 12.99 -9.43 55.84
C ASN C 159 12.33 -9.07 54.53
N LEU C 160 12.69 -9.80 53.48
CA LEU C 160 12.17 -9.58 52.15
C LEU C 160 10.72 -10.02 52.02
N VAL C 161 10.41 -11.22 52.53
CA VAL C 161 9.05 -11.77 52.43
C VAL C 161 8.06 -10.98 53.22
N GLU C 162 8.45 -10.64 54.45
CA GLU C 162 7.65 -9.83 55.36
C GLU C 162 7.48 -8.35 54.89
N TRP C 163 8.38 -7.90 54.00
CA TRP C 163 8.29 -6.59 53.35
C TRP C 163 7.31 -6.57 52.21
N ILE C 164 7.35 -7.58 51.35
CA ILE C 164 6.37 -7.67 50.28
C ILE C 164 5.01 -8.17 50.76
N TRP C 165 4.98 -8.79 51.96
CA TRP C 165 3.76 -9.32 52.58
C TRP C 165 2.94 -8.27 53.30
N GLY C 166 3.62 -7.43 54.08
CA GLY C 166 3.01 -6.37 54.87
C GLY C 166 2.67 -6.71 56.31
N GLY C 167 3.34 -7.71 56.88
CA GLY C 167 2.75 -9.03 57.03
C GLY C 167 3.69 -10.04 57.69
N PHE C 168 3.10 -11.06 58.34
CA PHE C 168 3.75 -12.37 58.59
C PHE C 168 2.98 -13.54 57.90
N SER C 169 1.76 -13.24 57.45
CA SER C 169 1.03 -14.03 56.46
C SER C 169 0.97 -13.26 55.14
N VAL C 170 0.54 -13.92 54.07
CA VAL C 170 -0.35 -13.30 53.06
C VAL C 170 -1.71 -12.93 53.67
N ASP C 171 -2.11 -11.67 53.50
CA ASP C 171 -3.13 -11.04 54.35
C ASP C 171 -3.91 -9.92 53.65
N LYS C 172 -4.64 -9.11 54.45
CA LYS C 172 -5.13 -7.76 54.08
C LYS C 172 -4.14 -6.96 53.25
N ALA C 173 -2.95 -6.72 53.80
CA ALA C 173 -1.99 -5.77 53.23
C ALA C 173 -1.13 -6.44 52.16
N THR C 174 -1.79 -7.27 51.35
CA THR C 174 -1.15 -8.02 50.27
C THR C 174 -2.11 -8.21 49.11
N LEU C 175 -3.42 -8.29 49.40
CA LEU C 175 -4.43 -8.16 48.36
C LEU C 175 -4.39 -6.83 47.64
N THR C 176 -4.24 -5.75 48.42
CA THR C 176 -4.49 -4.39 47.93
C THR C 176 -3.26 -3.91 47.18
N ARG C 177 -2.13 -3.93 47.89
CA ARG C 177 -0.79 -4.05 47.34
C ARG C 177 -0.78 -4.62 45.93
N PHE C 178 -1.19 -5.88 45.80
CA PHE C 178 -1.22 -6.56 44.50
C PHE C 178 -2.12 -5.88 43.47
N PHE C 179 -3.34 -5.50 43.88
CA PHE C 179 -4.26 -4.73 43.02
C PHE C 179 -3.59 -3.53 42.38
N ALA C 180 -2.88 -2.75 43.22
CA ALA C 180 -2.19 -1.53 42.81
C ALA C 180 -1.09 -1.85 41.83
N PHE C 181 -0.19 -2.77 42.21
CA PHE C 181 0.93 -3.22 41.33
C PHE C 181 0.42 -3.81 40.03
N HIS C 182 -0.68 -4.58 40.13
CA HIS C 182 -1.34 -5.21 39.00
C HIS C 182 -2.07 -4.22 38.10
N PHE C 183 -2.48 -3.08 38.67
CA PHE C 183 -3.01 -1.97 37.86
C PHE C 183 -1.87 -1.30 37.08
N ILE C 184 -0.78 -0.96 37.77
CA ILE C 184 0.28 -0.20 37.15
C ILE C 184 1.17 -1.02 36.17
N LEU C 185 1.42 -2.28 36.49
CA LEU C 185 2.41 -3.08 35.73
C LEU C 185 2.24 -3.15 34.20
N PRO C 186 1.00 -3.34 33.69
CA PRO C 186 0.75 -3.31 32.25
C PRO C 186 1.10 -2.00 31.57
N PHE C 187 1.01 -0.88 32.28
CA PHE C 187 1.40 0.40 31.71
C PHE C 187 2.89 0.49 31.49
N ILE C 188 3.66 0.10 32.52
CA ILE C 188 5.10 -0.07 32.37
C ILE C 188 5.45 -1.09 31.29
N ILE C 189 4.71 -2.23 31.25
CA ILE C 189 4.70 -3.15 30.08
C ILE C 189 4.60 -2.45 28.69
N MET C 190 3.61 -1.56 28.51
CA MET C 190 3.39 -0.92 27.19
C MET C 190 4.55 -0.02 26.83
N ALA C 191 4.94 0.88 27.73
CA ALA C 191 6.18 1.66 27.56
C ALA C 191 7.40 0.81 27.12
N ILE C 192 7.62 -0.35 27.77
CA ILE C 192 8.71 -1.27 27.43
C ILE C 192 8.49 -1.95 26.05
N ALA C 193 7.24 -2.22 25.71
CA ALA C 193 6.89 -2.77 24.41
C ALA C 193 7.15 -1.81 23.23
N MET C 194 6.96 -0.50 23.46
CA MET C 194 7.47 0.52 22.55
C MET C 194 8.97 0.46 22.34
N VAL C 195 9.73 0.24 23.42
CA VAL C 195 11.17 0.37 23.40
C VAL C 195 11.76 -0.84 22.75
N HIS C 196 11.23 -2.02 23.11
CA HIS C 196 11.22 -3.24 22.30
C HIS C 196 11.10 -2.98 20.81
N LEU C 197 10.03 -2.31 20.41
CA LEU C 197 9.71 -2.11 19.01
C LEU C 197 10.51 -0.93 18.38
N LEU C 198 11.03 -0.03 19.23
CA LEU C 198 12.06 0.91 18.80
C LEU C 198 13.33 0.22 18.41
N PHE C 199 13.96 -0.50 19.35
CA PHE C 199 15.07 -1.43 19.01
C PHE C 199 14.93 -2.32 17.80
N LEU C 200 13.72 -2.92 17.59
CA LEU C 200 13.42 -3.69 16.36
C LEU C 200 13.73 -2.96 15.04
N HIS C 201 13.39 -1.67 15.03
CA HIS C 201 13.21 -0.93 13.79
C HIS C 201 14.50 -0.47 13.21
N GLU C 202 15.53 -0.41 14.05
CA GLU C 202 16.93 -0.47 13.63
C GLU C 202 17.32 -1.43 12.48
N THR C 203 16.71 -2.61 12.44
CA THR C 203 17.20 -3.72 11.66
C THR C 203 16.10 -4.19 10.76
N GLY C 204 14.87 -3.94 11.18
CA GLY C 204 13.73 -4.66 10.65
C GLY C 204 13.73 -6.13 11.06
N SER C 205 12.68 -6.84 10.62
CA SER C 205 12.43 -8.18 11.07
C SER C 205 13.38 -9.15 10.37
N ASN C 206 13.99 -10.07 11.11
CA ASN C 206 14.24 -11.47 10.67
C ASN C 206 13.19 -12.09 9.73
N ASN C 207 13.56 -13.22 9.06
CA ASN C 207 12.64 -14.03 8.23
C ASN C 207 13.00 -15.52 8.33
N PRO C 208 12.09 -16.48 7.93
CA PRO C 208 12.33 -17.90 8.14
C PRO C 208 13.68 -18.48 7.68
N THR C 209 14.40 -17.77 6.78
CA THR C 209 15.69 -18.25 6.26
C THR C 209 16.90 -17.79 7.06
N GLY C 210 16.77 -16.66 7.74
CA GLY C 210 17.89 -15.97 8.40
C GLY C 210 18.89 -15.34 7.45
N ILE C 211 18.53 -15.24 6.16
CA ILE C 211 19.34 -14.57 5.17
C ILE C 211 18.74 -13.17 4.97
N SER C 212 19.61 -12.14 4.79
CA SER C 212 19.12 -10.75 4.68
C SER C 212 18.16 -10.63 3.52
N SER C 213 17.02 -10.03 3.83
CA SER C 213 15.91 -9.84 2.90
C SER C 213 15.86 -8.42 2.36
N ASP C 214 16.96 -7.64 2.54
CA ASP C 214 17.18 -6.30 1.92
C ASP C 214 16.80 -6.30 0.46
N VAL C 215 16.94 -7.48 -0.10
CA VAL C 215 17.02 -7.75 -1.49
C VAL C 215 15.59 -7.98 -1.99
N ASP C 216 14.65 -8.18 -1.05
CA ASP C 216 13.24 -8.40 -1.35
C ASP C 216 12.34 -7.97 -0.19
N LYS C 217 12.36 -6.66 0.11
CA LYS C 217 11.46 -6.07 1.11
C LYS C 217 10.16 -5.67 0.43
N ILE C 218 9.06 -5.76 1.19
CA ILE C 218 7.75 -5.17 0.83
C ILE C 218 7.21 -4.18 1.90
N PRO C 219 6.36 -3.20 1.51
CA PRO C 219 5.76 -2.31 2.50
C PRO C 219 4.82 -3.11 3.44
N PHE C 220 4.90 -2.81 4.74
CA PHE C 220 3.94 -3.28 5.70
C PHE C 220 2.42 -3.18 5.31
N HIS C 221 1.86 -1.96 5.20
CA HIS C 221 0.64 -1.77 4.35
C HIS C 221 0.91 -2.27 2.92
N PRO C 222 -0.06 -2.80 2.17
CA PRO C 222 -1.20 -3.55 2.69
C PRO C 222 -0.91 -4.93 3.28
N TYR C 223 0.19 -5.55 2.88
CA TYR C 223 0.42 -6.97 3.06
C TYR C 223 0.33 -7.51 4.50
N TYR C 224 0.89 -6.79 5.43
CA TYR C 224 0.86 -7.19 6.83
C TYR C 224 -0.19 -6.54 7.69
N THR C 225 -0.77 -5.42 7.24
CA THR C 225 -2.00 -4.95 7.84
C THR C 225 -3.02 -6.05 7.73
N ILE C 226 -3.18 -6.55 6.50
CA ILE C 226 -4.15 -7.62 6.24
C ILE C 226 -3.84 -9.05 6.78
N LYS C 227 -2.61 -9.53 6.59
CA LYS C 227 -2.07 -10.62 7.41
C LYS C 227 -2.27 -10.50 8.91
N ASP C 228 -2.05 -9.33 9.51
CA ASP C 228 -2.34 -9.18 10.95
C ASP C 228 -3.84 -9.15 11.32
N ILE C 229 -4.66 -8.59 10.44
CA ILE C 229 -6.09 -8.50 10.67
C ILE C 229 -6.76 -9.89 10.75
N LEU C 230 -6.54 -10.70 9.71
CA LEU C 230 -6.72 -12.18 9.75
C LEU C 230 -6.26 -12.84 11.06
N GLY C 231 -5.01 -12.54 11.45
CA GLY C 231 -4.40 -13.00 12.69
C GLY C 231 -5.17 -12.67 13.94
N ALA C 232 -5.71 -11.46 14.02
CA ALA C 232 -6.56 -11.07 15.13
C ALA C 232 -7.89 -11.82 15.12
N LEU C 233 -8.43 -12.03 13.92
CA LEU C 233 -9.73 -12.66 13.75
C LEU C 233 -9.61 -14.14 14.09
N LEU C 234 -8.41 -14.67 13.97
CA LEU C 234 -8.10 -15.96 14.53
C LEU C 234 -7.91 -15.98 16.05
N LEU C 235 -7.17 -14.99 16.58
CA LEU C 235 -7.07 -14.81 18.05
C LEU C 235 -8.41 -14.59 18.74
N ILE C 236 -9.34 -13.88 18.08
CA ILE C 236 -10.65 -13.65 18.69
C ILE C 236 -11.47 -14.90 18.67
N LEU C 237 -11.34 -15.70 17.61
CA LEU C 237 -11.92 -17.06 17.60
C LEU C 237 -11.50 -17.91 18.78
N ALA C 238 -10.19 -18.02 18.97
CA ALA C 238 -9.62 -18.78 20.09
C ALA C 238 -10.03 -18.21 21.46
N LEU C 239 -9.94 -16.88 21.63
CA LEU C 239 -10.44 -16.24 22.86
C LEU C 239 -11.92 -16.54 23.11
N MET C 240 -12.75 -16.34 22.08
CA MET C 240 -14.21 -16.42 22.22
C MET C 240 -14.78 -17.83 22.40
N LEU C 241 -14.14 -18.83 21.77
CA LEU C 241 -14.48 -20.25 22.01
C LEU C 241 -14.26 -20.64 23.46
N LEU C 242 -13.10 -20.23 23.98
CA LEU C 242 -12.80 -20.30 25.40
C LEU C 242 -13.82 -19.61 26.28
N VAL C 243 -14.07 -18.32 26.07
CA VAL C 243 -15.05 -17.60 26.95
C VAL C 243 -16.56 -17.98 26.78
N LEU C 244 -16.95 -18.42 25.60
CA LEU C 244 -18.37 -18.67 25.30
C LEU C 244 -18.81 -20.17 25.22
N PHE C 245 -17.84 -21.07 25.13
CA PHE C 245 -18.13 -22.49 25.31
C PHE C 245 -17.48 -23.16 26.47
N ALA C 246 -16.26 -22.73 26.81
CA ALA C 246 -15.51 -23.33 27.91
C ALA C 246 -14.84 -22.30 28.90
N PRO C 247 -15.64 -21.41 29.53
CA PRO C 247 -15.10 -20.39 30.46
C PRO C 247 -14.14 -20.87 31.57
N ASP C 248 -14.19 -22.16 31.89
CA ASP C 248 -13.58 -22.68 33.10
C ASP C 248 -12.66 -23.88 32.85
N LEU C 249 -12.40 -24.16 31.56
CA LEU C 249 -11.55 -25.29 31.13
C LEU C 249 -10.12 -25.21 31.70
N LEU C 250 -9.54 -23.99 31.69
CA LEU C 250 -8.20 -23.75 32.25
C LEU C 250 -8.22 -23.23 33.70
N GLY C 251 -9.32 -23.45 34.41
CA GLY C 251 -9.73 -22.59 35.52
C GLY C 251 -9.96 -23.35 36.81
N ASP C 252 -8.88 -23.56 37.58
CA ASP C 252 -8.90 -24.37 38.83
C ASP C 252 -10.09 -24.08 39.81
N PRO C 253 -10.95 -25.08 40.05
CA PRO C 253 -12.26 -24.87 40.73
C PRO C 253 -12.16 -24.47 42.21
N ASP C 254 -11.01 -24.76 42.85
CA ASP C 254 -10.69 -24.30 44.21
C ASP C 254 -10.74 -22.77 44.46
N ASN C 255 -11.08 -22.00 43.42
CA ASN C 255 -10.82 -20.57 43.39
C ASN C 255 -12.07 -19.72 43.21
N TYR C 256 -13.16 -20.36 42.75
CA TYR C 256 -14.46 -20.41 43.46
C TYR C 256 -14.27 -21.05 44.83
N THR C 257 -15.22 -20.87 45.76
CA THR C 257 -14.95 -20.94 47.23
C THR C 257 -13.87 -19.97 47.74
N PRO C 258 -14.26 -19.11 48.71
CA PRO C 258 -13.37 -18.10 49.29
C PRO C 258 -12.17 -18.62 50.03
N ALA C 259 -11.10 -17.86 49.97
CA ALA C 259 -9.85 -18.12 50.68
C ALA C 259 -10.04 -18.38 52.17
N ASN C 260 -9.78 -19.62 52.56
CA ASN C 260 -9.53 -19.98 53.94
C ASN C 260 -8.04 -20.23 54.23
N PRO C 261 -7.41 -19.38 55.06
CA PRO C 261 -6.01 -19.56 55.52
C PRO C 261 -5.68 -20.83 56.29
N LEU C 262 -6.69 -21.59 56.73
CA LEU C 262 -6.49 -22.71 57.68
C LEU C 262 -6.76 -24.08 57.04
N ASN C 263 -7.27 -24.08 55.80
CA ASN C 263 -7.14 -25.25 54.90
C ASN C 263 -5.67 -25.60 54.48
N THR C 264 -5.25 -25.19 53.28
CA THR C 264 -4.70 -26.08 52.24
C THR C 264 -5.80 -26.82 51.49
N PRO C 265 -6.03 -26.44 50.23
CA PRO C 265 -6.60 -27.34 49.21
C PRO C 265 -5.69 -28.56 48.91
N PRO C 266 -6.22 -29.66 48.34
CA PRO C 266 -5.43 -30.93 48.25
C PRO C 266 -4.18 -30.85 47.31
N HIS C 267 -4.39 -30.69 46.00
CA HIS C 267 -3.45 -30.00 45.09
C HIS C 267 -3.27 -28.48 45.39
N ILE C 268 -2.05 -28.00 45.19
CA ILE C 268 -1.82 -26.61 44.80
C ILE C 268 -1.27 -26.52 43.35
N LYS C 269 -2.20 -26.53 42.40
CA LYS C 269 -1.87 -26.51 40.98
C LYS C 269 -1.99 -25.04 40.40
N PRO C 270 -0.86 -24.50 39.90
CA PRO C 270 -0.89 -23.29 39.06
C PRO C 270 -1.86 -23.35 37.88
N GLU C 271 -2.15 -22.17 37.33
CA GLU C 271 -2.44 -22.02 35.90
C GLU C 271 -1.35 -22.63 35.02
N TRP C 272 -1.76 -23.06 33.83
CA TRP C 272 -0.90 -23.80 32.95
C TRP C 272 0.41 -23.13 32.57
N TYR C 273 0.40 -21.81 32.51
CA TYR C 273 1.55 -21.05 32.07
C TYR C 273 2.68 -20.92 33.11
N PHE C 274 2.45 -21.43 34.32
CA PHE C 274 3.56 -21.65 35.27
C PHE C 274 3.96 -23.10 35.52
N LEU C 275 3.20 -24.01 34.91
CA LEU C 275 3.29 -25.44 35.19
C LEU C 275 4.67 -26.00 34.92
N PHE C 276 5.20 -25.66 33.72
CA PHE C 276 6.54 -25.99 33.33
C PHE C 276 7.60 -25.60 34.42
N ALA C 277 7.44 -24.38 34.95
CA ALA C 277 8.43 -23.75 35.84
C ALA C 277 8.28 -24.21 37.29
N TYR C 278 7.02 -24.44 37.68
CA TYR C 278 6.66 -24.98 39.00
C TYR C 278 7.21 -26.41 39.19
N ALA C 279 6.97 -27.26 38.18
CA ALA C 279 7.69 -28.52 37.97
C ALA C 279 9.18 -28.41 38.21
N ILE C 280 9.86 -27.55 37.43
CA ILE C 280 11.31 -27.30 37.59
C ILE C 280 11.68 -26.97 39.05
N LEU C 281 10.88 -26.11 39.68
CA LEU C 281 11.15 -25.61 41.01
C LEU C 281 11.15 -26.74 42.08
N ARG C 282 10.14 -27.60 42.03
CA ARG C 282 10.04 -28.69 43.00
C ARG C 282 10.86 -29.98 42.63
N SER C 283 11.62 -29.91 41.53
CA SER C 283 12.56 -30.99 41.14
C SER C 283 13.77 -31.09 42.07
N ILE C 284 14.26 -29.93 42.54
CA ILE C 284 15.31 -29.87 43.56
C ILE C 284 14.65 -29.94 44.96
N PRO C 285 15.16 -30.83 45.86
CA PRO C 285 14.69 -30.87 47.26
C PRO C 285 14.95 -29.54 47.99
N ASN C 286 16.12 -28.93 47.75
CA ASN C 286 16.54 -27.66 48.34
C ASN C 286 15.60 -26.49 48.03
N LYS C 287 15.12 -25.85 49.10
CA LYS C 287 14.57 -24.49 49.08
C LYS C 287 15.35 -23.50 48.20
N LEU C 288 16.64 -23.31 48.50
CA LEU C 288 17.45 -22.27 47.83
C LEU C 288 17.74 -22.66 46.43
N GLY C 289 18.21 -23.91 46.26
CA GLY C 289 18.44 -24.52 44.97
C GLY C 289 17.22 -24.45 44.09
N GLY C 290 16.05 -24.73 44.68
CA GLY C 290 14.81 -24.77 43.93
C GLY C 290 14.45 -23.41 43.37
N VAL C 291 14.48 -22.40 44.25
CA VAL C 291 14.23 -21.00 43.86
C VAL C 291 15.29 -20.42 42.91
N LEU C 292 16.57 -20.70 43.19
CA LEU C 292 17.66 -20.39 42.26
C LEU C 292 17.54 -21.06 40.91
N ALA C 293 16.97 -22.27 40.87
CA ALA C 293 16.72 -22.94 39.59
C ALA C 293 15.54 -22.38 38.82
N LEU C 294 14.49 -21.96 39.54
CA LEU C 294 13.30 -21.34 38.93
C LEU C 294 13.61 -19.97 38.26
N ALA C 295 14.22 -19.07 39.05
CA ALA C 295 15.03 -17.99 38.54
C ALA C 295 15.72 -18.40 37.25
N PHE C 296 16.63 -19.41 37.34
CA PHE C 296 17.50 -19.76 36.23
C PHE C 296 16.74 -20.33 35.05
N SER C 297 15.50 -20.77 35.30
CA SER C 297 14.70 -21.41 34.27
C SER C 297 14.16 -20.43 33.23
N ILE C 298 14.08 -19.14 33.59
CA ILE C 298 13.70 -18.08 32.65
C ILE C 298 14.88 -17.14 32.22
N LEU C 299 15.63 -16.61 33.19
CA LEU C 299 16.89 -15.85 32.88
C LEU C 299 17.90 -16.55 31.93
N ILE C 300 17.77 -17.86 31.80
CA ILE C 300 18.40 -18.62 30.73
C ILE C 300 18.22 -18.06 29.29
N LEU C 301 17.13 -17.33 29.05
CA LEU C 301 16.89 -16.76 27.74
C LEU C 301 17.89 -15.62 27.38
N ALA C 302 18.28 -14.85 28.38
CA ALA C 302 19.42 -13.96 28.31
C ALA C 302 20.78 -14.66 28.10
N LEU C 303 20.80 -15.99 28.06
CA LEU C 303 22.03 -16.72 27.72
C LEU C 303 22.11 -17.15 26.29
N ILE C 304 20.94 -17.47 25.70
CA ILE C 304 20.86 -18.08 24.38
C ILE C 304 21.77 -17.43 23.30
N PRO C 305 21.71 -16.07 23.08
CA PRO C 305 22.69 -15.40 22.22
C PRO C 305 24.14 -15.76 22.45
N LEU C 306 24.57 -16.00 23.69
CA LEU C 306 25.97 -16.29 23.96
C LEU C 306 26.35 -17.69 23.53
N LEU C 307 25.33 -18.52 23.27
CA LEU C 307 25.50 -19.92 22.91
C LEU C 307 25.02 -20.19 21.49
N HIS C 308 25.27 -19.25 20.57
CA HIS C 308 24.83 -19.47 19.22
C HIS C 308 25.55 -20.52 18.42
N THR C 309 26.88 -20.42 18.33
CA THR C 309 27.76 -21.57 17.85
C THR C 309 27.74 -21.82 16.29
N SER C 310 26.54 -21.80 15.71
CA SER C 310 26.27 -22.12 14.32
C SER C 310 26.60 -20.97 13.35
N LYS C 311 27.04 -21.34 12.15
CA LYS C 311 27.40 -20.35 11.14
C LYS C 311 26.19 -19.84 10.32
N GLN C 312 25.03 -20.49 10.46
CA GLN C 312 23.77 -20.00 9.91
C GLN C 312 22.87 -19.44 11.01
N ARG C 313 22.01 -18.45 10.66
CA ARG C 313 21.19 -17.73 11.63
C ARG C 313 20.11 -18.64 12.13
N SER C 314 19.36 -19.21 11.18
CA SER C 314 18.06 -19.86 11.43
C SER C 314 18.23 -21.37 11.67
N MET C 315 17.14 -22.03 12.02
CA MET C 315 17.10 -23.47 12.01
C MET C 315 16.65 -24.10 10.68
N MET C 316 16.08 -23.31 9.77
CA MET C 316 15.39 -23.87 8.57
C MET C 316 16.23 -24.89 7.75
N PHE C 317 17.53 -24.63 7.67
CA PHE C 317 18.48 -25.52 7.01
C PHE C 317 19.32 -26.35 7.97
N ARG C 318 18.91 -26.46 9.22
CA ARG C 318 19.68 -27.23 10.14
C ARG C 318 19.07 -28.44 10.95
N PRO C 319 19.06 -29.64 10.33
CA PRO C 319 18.20 -30.77 10.78
C PRO C 319 18.58 -31.34 12.17
N LEU C 320 19.86 -31.38 12.55
CA LEU C 320 20.27 -31.75 13.92
C LEU C 320 19.49 -30.98 14.97
N SER C 321 19.33 -29.66 14.74
CA SER C 321 18.96 -28.73 15.82
C SER C 321 17.49 -28.48 15.81
N GLN C 322 16.89 -28.53 14.62
CA GLN C 322 15.50 -28.92 14.41
C GLN C 322 15.00 -30.00 15.40
N CYS C 323 15.77 -31.09 15.49
CA CYS C 323 15.40 -32.24 16.31
C CYS C 323 15.56 -31.89 17.76
N LEU C 324 16.59 -31.11 18.04
CA LEU C 324 16.89 -30.71 19.39
C LEU C 324 15.89 -29.68 19.92
N PHE C 325 15.40 -28.83 19.01
CA PHE C 325 14.35 -27.84 19.31
C PHE C 325 13.05 -28.52 19.75
N TRP C 326 12.58 -29.50 18.95
CA TRP C 326 11.27 -30.10 19.20
C TRP C 326 11.30 -30.95 20.44
N ALA C 327 12.45 -31.61 20.66
CA ALA C 327 12.84 -32.14 21.96
C ALA C 327 12.71 -31.17 23.13
N LEU C 328 13.15 -29.88 22.94
CA LEU C 328 12.88 -28.80 23.96
C LEU C 328 11.40 -28.55 24.21
N VAL C 329 10.63 -28.53 23.14
CA VAL C 329 9.21 -28.25 23.19
C VAL C 329 8.46 -29.39 23.86
N ALA C 330 8.72 -30.62 23.42
CA ALA C 330 8.20 -31.84 24.08
C ALA C 330 8.76 -32.11 25.48
N ASP C 331 9.98 -31.66 25.77
CA ASP C 331 10.43 -31.61 27.17
C ASP C 331 9.65 -30.61 28.04
N LEU C 332 9.36 -29.45 27.45
CA LEU C 332 8.53 -28.45 28.09
C LEU C 332 7.14 -28.96 28.29
N LEU C 333 6.62 -29.74 27.31
CA LEU C 333 5.30 -30.36 27.45
C LEU C 333 5.22 -31.37 28.60
N THR C 334 6.31 -32.14 28.79
CA THR C 334 6.47 -33.01 29.99
C THR C 334 6.42 -32.18 31.25
N LEU C 335 7.16 -31.08 31.25
CA LEU C 335 7.36 -30.29 32.45
C LEU C 335 6.05 -29.62 32.85
N THR C 336 5.27 -29.22 31.84
CA THR C 336 3.93 -28.69 32.08
C THR C 336 2.91 -29.70 32.67
N TRP C 337 2.87 -30.88 32.07
CA TRP C 337 2.15 -32.04 32.61
C TRP C 337 2.48 -32.36 34.10
N ILE C 338 3.79 -32.41 34.42
CA ILE C 338 4.31 -32.92 35.73
C ILE C 338 4.03 -31.97 36.88
N GLY C 339 4.14 -30.64 36.62
CA GLY C 339 3.78 -29.62 37.59
C GLY C 339 2.28 -29.58 37.83
N GLY C 340 1.50 -29.94 36.80
CA GLY C 340 0.07 -30.27 36.91
C GLY C 340 -0.37 -31.56 37.64
N GLN C 341 0.45 -32.03 38.60
CA GLN C 341 0.61 -33.46 38.92
C GLN C 341 1.38 -33.67 40.24
N PRO C 342 0.85 -34.52 41.14
CA PRO C 342 1.39 -34.66 42.52
C PRO C 342 2.89 -35.04 42.63
N VAL C 343 3.49 -34.71 43.79
CA VAL C 343 4.94 -34.96 44.08
C VAL C 343 5.20 -36.24 44.91
N GLU C 344 5.44 -37.34 44.18
CA GLU C 344 5.00 -38.70 44.52
C GLU C 344 5.55 -39.59 43.38
N HIS C 345 5.50 -40.93 43.55
CA HIS C 345 6.58 -41.82 43.07
C HIS C 345 7.09 -41.52 41.65
N PRO C 346 6.29 -41.78 40.56
CA PRO C 346 6.92 -41.86 39.20
C PRO C 346 7.45 -40.46 38.73
N TYR C 347 6.59 -39.63 38.17
CA TYR C 347 6.25 -38.30 38.68
C TYR C 347 7.34 -37.38 39.28
N ILE C 348 7.92 -37.74 40.45
CA ILE C 348 9.17 -37.08 40.93
C ILE C 348 10.29 -37.21 39.89
N THR C 349 10.72 -38.44 39.61
CA THR C 349 12.08 -38.67 39.08
C THR C 349 12.14 -38.34 37.61
N ILE C 350 11.00 -38.51 36.92
CA ILE C 350 10.87 -38.04 35.53
C ILE C 350 10.88 -36.53 35.43
N GLY C 351 10.04 -35.91 36.26
CA GLY C 351 10.12 -34.48 36.57
C GLY C 351 11.51 -33.96 36.88
N GLN C 352 12.27 -34.72 37.68
CA GLN C 352 13.69 -34.43 37.92
C GLN C 352 14.52 -34.48 36.64
N LEU C 353 14.22 -35.46 35.78
CA LEU C 353 15.05 -35.80 34.61
C LEU C 353 14.78 -34.82 33.50
N ALA C 354 13.49 -34.52 33.30
CA ALA C 354 13.03 -33.47 32.40
C ALA C 354 13.63 -32.08 32.70
N SER C 355 13.62 -31.72 34.00
CA SER C 355 14.42 -30.61 34.56
C SER C 355 15.89 -30.51 34.14
N VAL C 356 16.70 -31.56 34.42
CA VAL C 356 18.05 -31.72 33.82
C VAL C 356 18.04 -31.50 32.28
N LEU C 357 17.09 -32.13 31.59
CA LEU C 357 17.08 -32.16 30.12
C LEU C 357 16.90 -30.75 29.51
N TYR C 358 15.93 -29.98 30.07
CA TYR C 358 15.73 -28.55 29.77
C TYR C 358 17.08 -27.78 29.79
N PHE C 359 17.74 -27.78 30.95
CA PHE C 359 19.05 -27.20 31.10
C PHE C 359 20.13 -27.80 30.24
N LEU C 360 20.01 -29.09 29.92
CA LEU C 360 21.01 -29.75 29.10
C LEU C 360 20.92 -29.38 27.63
N LEU C 361 19.70 -29.35 27.10
CA LEU C 361 19.52 -28.95 25.71
C LEU C 361 20.02 -27.48 25.42
N ILE C 362 19.57 -26.53 26.22
CA ILE C 362 19.90 -25.14 26.07
C ILE C 362 21.39 -24.85 26.39
N LEU C 363 21.90 -25.41 27.48
CA LEU C 363 23.28 -25.12 27.89
C LEU C 363 24.34 -25.81 27.04
N VAL C 364 24.08 -27.07 26.65
CA VAL C 364 25.13 -28.03 26.25
C VAL C 364 24.83 -28.65 24.87
N LEU C 365 23.63 -29.22 24.72
CA LEU C 365 23.33 -30.09 23.59
C LEU C 365 23.05 -29.33 22.30
N MET C 366 22.24 -28.26 22.36
CA MET C 366 21.98 -27.39 21.20
C MET C 366 23.21 -26.64 20.68
N PRO C 367 24.07 -26.10 21.58
CA PRO C 367 25.39 -25.62 21.15
C PRO C 367 26.26 -26.63 20.43
N THR C 368 26.33 -27.84 20.94
CA THR C 368 27.17 -28.88 20.34
C THR C 368 26.66 -29.31 18.94
N ALA C 369 25.33 -29.45 18.79
CA ALA C 369 24.68 -29.70 17.49
C ALA C 369 25.07 -28.69 16.42
N GLY C 370 25.04 -27.40 16.77
CA GLY C 370 25.39 -26.32 15.86
C GLY C 370 26.85 -26.36 15.42
N THR C 371 27.77 -26.69 16.34
CA THR C 371 29.16 -27.00 16.02
C THR C 371 29.29 -28.21 15.10
N ILE C 372 28.60 -29.32 15.46
CA ILE C 372 28.56 -30.54 14.58
C ILE C 372 28.09 -30.21 13.13
N GLU C 373 27.04 -29.39 13.03
CA GLU C 373 26.46 -29.03 11.74
C GLU C 373 27.43 -28.22 10.88
N ASN C 374 28.21 -27.38 11.55
CA ASN C 374 29.22 -26.60 10.86
C ASN C 374 30.33 -27.47 10.33
N LYS C 375 30.74 -28.45 11.14
CA LYS C 375 31.79 -29.39 10.77
C LYS C 375 31.39 -30.20 9.54
N LEU C 376 30.07 -30.45 9.39
CA LEU C 376 29.51 -31.23 8.29
C LEU C 376 29.42 -30.44 6.99
N LEU C 377 29.40 -29.10 7.11
CA LEU C 377 29.39 -28.18 5.95
C LEU C 377 30.78 -27.64 5.49
N LYS C 378 31.83 -28.20 6.09
CA LYS C 378 33.21 -27.69 6.06
C LYS C 378 33.40 -26.21 6.40
N TRP C 379 32.73 -25.78 7.46
CA TRP C 379 32.60 -24.36 7.86
C TRP C 379 33.14 -24.21 9.30
N SER D 1 -8.29 -40.94 52.79
CA SER D 1 -7.29 -42.04 52.83
C SER D 1 -7.09 -42.66 51.42
N ASP D 2 -6.77 -41.79 50.44
CA ASP D 2 -5.76 -42.07 49.38
C ASP D 2 -6.30 -42.90 48.16
N LEU D 3 -7.63 -42.95 48.03
CA LEU D 3 -8.30 -43.67 46.91
C LEU D 3 -9.64 -43.02 46.55
N GLU D 4 -9.87 -42.81 45.24
CA GLU D 4 -10.99 -41.99 44.74
C GLU D 4 -11.68 -42.64 43.56
N LEU D 5 -13.02 -42.58 43.56
CA LEU D 5 -13.82 -42.82 42.35
C LEU D 5 -14.34 -41.51 41.78
N HIS D 6 -14.03 -41.28 40.50
CA HIS D 6 -14.46 -40.08 39.77
C HIS D 6 -15.71 -40.39 38.95
N PRO D 7 -16.70 -39.46 38.94
CA PRO D 7 -18.07 -39.75 38.46
C PRO D 7 -18.13 -40.24 36.98
N PRO D 8 -19.21 -40.92 36.59
CA PRO D 8 -19.57 -41.01 35.17
C PRO D 8 -20.04 -39.69 34.57
N SER D 9 -20.37 -39.70 33.28
CA SER D 9 -20.87 -38.50 32.58
C SER D 9 -22.39 -38.62 32.32
N TYR D 10 -23.17 -38.11 33.27
CA TYR D 10 -24.64 -38.18 33.17
C TYR D 10 -25.12 -37.18 32.10
N PRO D 11 -25.91 -37.65 31.11
CA PRO D 11 -26.13 -36.88 29.88
C PRO D 11 -27.27 -35.85 30.07
N TRP D 12 -26.90 -34.70 30.63
CA TRP D 12 -27.84 -33.61 30.95
C TRP D 12 -28.49 -33.01 29.70
N SER D 13 -29.42 -32.08 29.90
CA SER D 13 -30.03 -31.33 28.80
C SER D 13 -29.22 -30.09 28.36
N HIS D 14 -27.95 -30.03 28.80
CA HIS D 14 -27.08 -28.83 28.76
C HIS D 14 -25.52 -29.15 28.86
N ARG D 15 -25.20 -30.41 29.19
CA ARG D 15 -24.01 -31.14 28.70
C ARG D 15 -23.58 -30.76 27.27
N GLY D 16 -24.53 -30.81 26.32
CA GLY D 16 -24.34 -30.29 24.97
C GLY D 16 -23.78 -28.87 24.87
N LEU D 17 -23.05 -28.59 23.77
CA LEU D 17 -22.26 -27.34 23.63
C LEU D 17 -23.11 -26.09 23.42
N LEU D 18 -24.37 -26.29 23.00
CA LEU D 18 -25.17 -25.27 22.34
C LEU D 18 -26.57 -25.20 22.97
N SER D 19 -26.64 -25.53 24.26
CA SER D 19 -27.70 -26.36 24.80
C SER D 19 -28.19 -25.81 26.12
N SER D 20 -29.39 -25.24 26.07
CA SER D 20 -29.99 -24.47 27.16
C SER D 20 -30.30 -25.37 28.35
N LEU D 21 -30.36 -24.74 29.53
CA LEU D 21 -30.93 -25.37 30.72
C LEU D 21 -32.42 -25.71 30.60
N ASP D 22 -32.86 -26.67 31.40
CA ASP D 22 -34.28 -27.06 31.49
C ASP D 22 -34.92 -26.30 32.67
N HIS D 23 -36.01 -25.58 32.37
CA HIS D 23 -36.39 -24.39 33.12
C HIS D 23 -37.54 -24.65 34.08
N THR D 24 -38.56 -25.34 33.58
CA THR D 24 -39.12 -26.53 34.21
C THR D 24 -38.25 -27.17 35.29
N SER D 25 -37.08 -27.70 34.91
CA SER D 25 -36.29 -28.51 35.83
C SER D 25 -35.57 -27.72 36.91
N ILE D 26 -35.20 -26.47 36.57
CA ILE D 26 -34.72 -25.48 37.55
C ILE D 26 -35.79 -25.18 38.59
N ARG D 27 -37.06 -25.09 38.15
CA ARG D 27 -38.19 -24.73 39.02
C ARG D 27 -38.37 -25.73 40.15
N ARG D 28 -38.54 -27.00 39.77
CA ARG D 28 -38.62 -28.12 40.70
C ARG D 28 -37.36 -28.17 41.58
N GLY D 29 -36.20 -27.90 40.99
CA GLY D 29 -34.94 -27.97 41.69
C GLY D 29 -34.72 -26.85 42.68
N PHE D 30 -35.29 -25.67 42.40
CA PHE D 30 -35.46 -24.63 43.41
C PHE D 30 -36.33 -25.12 44.55
N GLN D 31 -37.48 -25.74 44.21
CA GLN D 31 -38.38 -26.33 45.23
C GLN D 31 -37.64 -27.38 46.09
N VAL D 32 -36.87 -28.25 45.44
CA VAL D 32 -35.94 -29.18 46.11
C VAL D 32 -34.93 -28.46 46.99
N TYR D 33 -34.37 -27.35 46.50
CA TYR D 33 -33.51 -26.50 47.35
C TYR D 33 -34.27 -25.93 48.56
N LYS D 34 -35.52 -25.51 48.31
CA LYS D 34 -36.26 -24.61 49.19
C LYS D 34 -36.57 -25.30 50.52
N GLN D 35 -37.12 -26.51 50.44
CA GLN D 35 -37.54 -27.29 51.62
C GLN D 35 -36.39 -28.13 52.17
N VAL D 36 -35.70 -28.85 51.28
CA VAL D 36 -34.81 -29.97 51.67
C VAL D 36 -33.39 -29.46 52.06
N CYS D 37 -32.87 -28.52 51.27
CA CYS D 37 -31.43 -28.21 51.24
C CYS D 37 -31.07 -27.04 52.17
N SER D 38 -32.07 -26.18 52.44
CA SER D 38 -31.88 -24.76 52.74
C SER D 38 -31.91 -24.49 54.25
N SER D 39 -32.05 -25.56 55.02
CA SER D 39 -32.02 -25.49 56.49
C SER D 39 -30.60 -25.72 57.05
N CYS D 40 -29.63 -25.79 56.13
CA CYS D 40 -28.27 -26.32 56.42
C CYS D 40 -27.23 -25.70 55.51
N HIS D 41 -27.66 -25.25 54.33
CA HIS D 41 -26.77 -24.74 53.28
C HIS D 41 -27.13 -23.33 52.86
N SER D 42 -26.17 -22.42 53.04
CA SER D 42 -26.24 -21.04 52.51
C SER D 42 -26.38 -20.98 50.99
N MET D 43 -27.02 -19.93 50.52
CA MET D 43 -26.94 -19.56 49.11
C MET D 43 -26.77 -18.06 48.96
N ASP D 44 -25.61 -17.56 49.41
CA ASP D 44 -25.41 -16.15 49.83
C ASP D 44 -25.57 -15.11 48.71
N TYR D 45 -25.67 -15.61 47.48
CA TYR D 45 -25.37 -14.88 46.25
C TYR D 45 -26.52 -14.99 45.24
N VAL D 46 -27.57 -15.72 45.60
CA VAL D 46 -28.83 -15.71 44.81
C VAL D 46 -29.95 -14.97 45.57
N ALA D 47 -30.74 -14.20 44.81
CA ALA D 47 -31.88 -13.44 45.36
C ALA D 47 -33.15 -13.83 44.62
N TYR D 48 -34.30 -13.38 45.15
CA TYR D 48 -35.60 -13.74 44.59
C TYR D 48 -35.87 -13.10 43.20
N ARG D 49 -35.52 -11.80 43.06
CA ARG D 49 -35.09 -11.16 41.78
C ARG D 49 -34.51 -12.12 40.71
N HIS D 50 -33.52 -12.94 41.09
CA HIS D 50 -32.78 -13.79 40.14
C HIS D 50 -33.68 -14.88 39.53
N LEU D 51 -34.82 -15.14 40.18
CA LEU D 51 -35.70 -16.23 39.76
C LEU D 51 -36.63 -15.93 38.57
N VAL D 52 -36.62 -14.67 38.11
CA VAL D 52 -37.84 -14.00 37.58
C VAL D 52 -37.90 -14.02 36.03
N GLY D 53 -36.75 -13.89 35.39
CA GLY D 53 -36.58 -14.35 34.01
C GLY D 53 -37.02 -15.80 33.80
N VAL D 54 -36.72 -16.64 34.77
CA VAL D 54 -36.01 -17.86 34.51
C VAL D 54 -37.02 -19.03 34.58
N CYS D 55 -37.30 -19.50 35.81
CA CYS D 55 -38.52 -20.29 36.13
C CYS D 55 -39.78 -19.40 36.20
N TYR D 56 -39.79 -18.47 37.18
CA TYR D 56 -41.01 -17.97 37.80
C TYR D 56 -41.60 -16.77 37.05
N THR D 57 -42.64 -16.18 37.63
CA THR D 57 -43.11 -14.86 37.25
C THR D 57 -42.78 -13.86 38.36
N GLU D 58 -42.83 -12.55 38.02
CA GLU D 58 -42.83 -11.45 38.98
C GLU D 58 -43.68 -11.66 40.25
N ASP D 59 -44.94 -12.07 40.06
CA ASP D 59 -45.88 -12.30 41.17
C ASP D 59 -45.45 -13.44 42.10
N GLU D 60 -45.09 -14.59 41.51
CA GLU D 60 -44.75 -15.82 42.26
C GLU D 60 -43.48 -15.65 43.09
N ALA D 61 -42.50 -14.92 42.53
CA ALA D 61 -41.18 -14.78 43.14
C ALA D 61 -41.21 -13.91 44.39
N LYS D 62 -41.96 -12.80 44.32
CA LYS D 62 -42.37 -12.02 45.50
C LYS D 62 -43.17 -12.84 46.51
N ALA D 63 -44.06 -13.71 46.00
CA ALA D 63 -44.85 -14.63 46.84
C ALA D 63 -43.99 -15.63 47.60
N LEU D 64 -42.89 -16.07 46.96
CA LEU D 64 -41.93 -16.98 47.58
C LEU D 64 -41.05 -16.30 48.61
N ALA D 65 -40.83 -15.00 48.41
CA ALA D 65 -40.01 -14.17 49.30
C ALA D 65 -40.71 -13.86 50.62
N GLU D 66 -42.04 -13.75 50.55
CA GLU D 66 -42.89 -13.35 51.67
C GLU D 66 -42.89 -14.40 52.82
N GLU D 67 -42.31 -15.56 52.56
CA GLU D 67 -42.36 -16.72 53.44
C GLU D 67 -41.16 -16.79 54.43
N VAL D 68 -40.30 -15.77 54.43
CA VAL D 68 -39.24 -15.62 55.46
C VAL D 68 -39.39 -14.32 56.27
N GLU D 69 -38.94 -14.36 57.52
CA GLU D 69 -38.36 -13.19 58.21
C GLU D 69 -36.88 -12.94 57.85
N VAL D 70 -36.47 -11.65 57.88
CA VAL D 70 -35.13 -11.23 57.40
C VAL D 70 -34.17 -10.69 58.50
N GLN D 71 -34.72 -9.88 59.43
CA GLN D 71 -34.18 -8.55 59.81
C GLN D 71 -34.26 -7.52 58.71
N ASP D 72 -34.96 -6.43 58.98
CA ASP D 72 -34.76 -5.19 58.25
C ASP D 72 -34.06 -4.14 59.08
N GLY D 73 -33.54 -3.12 58.40
CA GLY D 73 -32.58 -2.19 58.98
C GLY D 73 -33.27 -1.18 59.88
N PRO D 74 -32.48 -0.42 60.68
CA PRO D 74 -33.02 0.32 61.83
C PRO D 74 -33.95 1.50 61.44
N ASN D 75 -35.14 1.55 62.03
CA ASN D 75 -35.71 2.81 62.57
C ASN D 75 -35.35 3.02 64.07
N GLU D 76 -36.14 3.80 64.79
CA GLU D 76 -35.67 5.05 65.38
C GLU D 76 -35.89 5.11 66.92
N ASP D 77 -36.19 3.95 67.51
CA ASP D 77 -35.63 3.57 68.82
C ASP D 77 -34.23 2.93 68.73
N GLY D 78 -33.88 2.43 67.53
CA GLY D 78 -32.55 1.91 67.23
C GLY D 78 -32.45 0.40 67.28
N GLU D 79 -33.23 -0.27 66.42
CA GLU D 79 -33.97 -1.50 66.81
C GLU D 79 -33.47 -2.76 66.07
N MET D 80 -33.45 -2.69 64.73
CA MET D 80 -33.84 -3.80 63.80
C MET D 80 -35.20 -4.49 64.06
N PHE D 81 -36.22 -4.07 63.31
CA PHE D 81 -37.44 -4.88 63.04
C PHE D 81 -37.23 -6.08 62.08
N MET D 82 -38.26 -6.95 61.98
CA MET D 82 -38.23 -8.14 61.10
C MET D 82 -39.34 -8.12 60.04
N ARG D 83 -38.97 -8.42 58.80
CA ARG D 83 -39.76 -8.04 57.61
C ARG D 83 -40.17 -9.27 56.80
N PRO D 84 -41.41 -9.28 56.24
CA PRO D 84 -41.84 -10.32 55.26
C PRO D 84 -40.96 -10.42 53.99
N GLY D 85 -40.58 -9.27 53.42
CA GLY D 85 -39.34 -9.16 52.69
C GLY D 85 -39.43 -9.59 51.23
N LYS D 86 -38.43 -9.19 50.46
CA LYS D 86 -38.62 -8.27 49.35
C LYS D 86 -38.42 -9.01 47.99
N LEU D 87 -37.46 -8.59 47.18
CA LEU D 87 -36.99 -9.43 46.06
C LEU D 87 -35.46 -9.44 45.95
N SER D 88 -34.79 -9.07 47.04
CA SER D 88 -33.75 -8.03 47.06
C SER D 88 -32.67 -8.36 48.09
N ASP D 89 -33.09 -8.57 49.34
CA ASP D 89 -33.28 -9.91 49.92
C ASP D 89 -32.82 -11.13 49.10
N TYR D 90 -31.60 -11.56 49.44
CA TYR D 90 -31.12 -12.89 49.18
C TYR D 90 -31.80 -13.99 50.05
N PHE D 91 -31.69 -15.23 49.57
CA PHE D 91 -31.80 -16.47 50.35
C PHE D 91 -31.36 -16.53 51.87
N PRO D 92 -30.06 -16.22 52.21
CA PRO D 92 -29.45 -16.48 53.53
C PRO D 92 -30.02 -17.42 54.61
N LYS D 93 -29.20 -18.41 54.99
CA LYS D 93 -28.49 -18.48 56.31
C LYS D 93 -29.34 -19.10 57.48
N PRO D 94 -29.39 -20.45 57.54
CA PRO D 94 -29.37 -21.19 58.81
C PRO D 94 -28.47 -20.63 59.93
N TYR D 95 -27.22 -20.28 59.60
CA TYR D 95 -26.21 -19.97 60.62
C TYR D 95 -25.56 -18.60 60.40
N PRO D 96 -25.49 -17.77 61.45
CA PRO D 96 -24.74 -16.50 61.38
C PRO D 96 -23.22 -16.62 61.61
N ASN D 97 -22.79 -17.62 62.41
CA ASN D 97 -21.36 -17.97 62.55
C ASN D 97 -20.98 -19.27 61.81
N PRO D 98 -19.76 -19.34 61.24
CA PRO D 98 -19.23 -20.61 60.68
C PRO D 98 -18.98 -21.72 61.74
N GLU D 99 -18.60 -21.34 62.96
CA GLU D 99 -18.52 -22.29 64.09
C GLU D 99 -19.91 -22.81 64.57
N ALA D 100 -20.94 -22.00 64.37
CA ALA D 100 -22.34 -22.37 64.66
C ALA D 100 -22.92 -23.42 63.71
N ALA D 101 -22.37 -23.49 62.50
CA ALA D 101 -22.62 -24.62 61.58
C ALA D 101 -22.20 -25.97 62.14
N ARG D 102 -21.09 -25.97 62.89
CA ARG D 102 -20.45 -27.17 63.41
C ARG D 102 -21.21 -27.74 64.63
N ALA D 103 -21.66 -26.85 65.52
CA ALA D 103 -22.34 -27.23 66.76
C ALA D 103 -23.80 -27.69 66.55
N ALA D 104 -24.36 -27.42 65.36
CA ALA D 104 -25.31 -28.35 64.72
C ALA D 104 -24.66 -29.67 64.33
N ASN D 105 -23.76 -29.65 63.33
CA ASN D 105 -23.70 -30.72 62.32
C ASN D 105 -22.56 -31.78 62.53
N ASN D 106 -22.48 -32.33 63.75
CA ASN D 106 -21.26 -32.34 64.61
C ASN D 106 -19.90 -32.52 63.89
N GLY D 107 -18.89 -31.77 64.36
CA GLY D 107 -17.65 -31.58 63.62
C GLY D 107 -17.61 -30.31 62.78
N ALA D 108 -18.64 -30.11 61.95
CA ALA D 108 -18.51 -30.16 60.48
C ALA D 108 -19.18 -28.97 59.79
N LEU D 109 -18.44 -28.32 58.87
CA LEU D 109 -19.00 -27.32 57.94
C LEU D 109 -19.65 -28.02 56.75
N PRO D 110 -20.99 -27.88 56.59
CA PRO D 110 -21.60 -27.69 55.27
C PRO D 110 -20.95 -26.54 54.46
N PRO D 111 -20.75 -26.75 53.15
CA PRO D 111 -20.76 -25.68 52.13
C PRO D 111 -21.65 -24.48 52.33
N ASP D 112 -21.20 -23.33 51.80
CA ASP D 112 -22.01 -22.53 50.89
C ASP D 112 -22.35 -23.23 49.59
N LEU D 113 -23.61 -23.12 49.18
CA LEU D 113 -24.14 -23.83 48.02
C LEU D 113 -24.21 -23.03 46.73
N SER D 114 -24.42 -21.72 46.84
CA SER D 114 -24.47 -20.81 45.69
C SER D 114 -23.48 -21.14 44.56
N TYR D 115 -22.23 -21.50 44.90
CA TYR D 115 -21.21 -21.78 43.87
C TYR D 115 -20.82 -23.25 43.58
N ILE D 116 -21.62 -24.21 44.07
CA ILE D 116 -21.09 -25.56 44.38
C ILE D 116 -20.65 -26.39 43.13
N VAL D 117 -21.27 -26.08 41.98
CA VAL D 117 -21.19 -26.91 40.78
C VAL D 117 -19.92 -26.53 39.98
N ARG D 118 -19.56 -25.26 40.03
CA ARG D 118 -18.30 -24.75 39.52
C ARG D 118 -17.10 -24.99 40.45
N ALA D 119 -17.39 -25.49 41.66
CA ALA D 119 -16.44 -25.56 42.77
C ALA D 119 -15.95 -27.01 43.09
N ARG D 120 -16.42 -27.99 42.33
CA ARG D 120 -16.02 -29.35 42.61
C ARG D 120 -15.08 -30.11 41.68
N HIS D 121 -15.57 -30.48 40.47
CA HIS D 121 -14.86 -31.35 39.46
C HIS D 121 -15.83 -32.38 38.87
N GLY D 122 -15.88 -32.48 37.55
CA GLY D 122 -16.97 -33.15 36.83
C GLY D 122 -18.36 -32.54 37.03
N GLY D 123 -18.43 -31.23 37.24
CA GLY D 123 -18.73 -30.64 38.54
C GLY D 123 -20.11 -30.97 39.03
N GLU D 124 -21.12 -30.87 38.17
CA GLU D 124 -22.51 -31.26 38.51
C GLU D 124 -22.68 -32.75 38.71
N ASP D 125 -21.93 -33.53 37.94
CA ASP D 125 -21.97 -34.97 38.05
C ASP D 125 -21.43 -35.49 39.37
N TYR D 126 -20.38 -34.87 39.91
CA TYR D 126 -19.96 -35.13 41.31
C TYR D 126 -21.05 -34.87 42.33
N VAL D 127 -21.78 -33.78 42.15
CA VAL D 127 -22.95 -33.47 42.98
C VAL D 127 -24.08 -34.51 42.80
N PHE D 128 -24.43 -34.82 41.53
CA PHE D 128 -25.41 -35.88 41.21
C PHE D 128 -25.05 -37.26 41.76
N SER D 129 -23.79 -37.64 41.59
CA SER D 129 -23.27 -38.91 42.08
C SER D 129 -23.23 -39.04 43.61
N LEU D 130 -22.81 -37.96 44.30
CA LEU D 130 -22.70 -37.96 45.77
C LEU D 130 -24.08 -38.08 46.43
N LEU D 131 -25.09 -37.46 45.80
CA LEU D 131 -26.51 -37.66 46.20
C LEU D 131 -27.00 -39.07 45.89
N THR D 132 -26.76 -39.52 44.65
CA THR D 132 -27.37 -40.76 44.14
C THR D 132 -26.71 -42.03 44.73
N GLY D 133 -25.38 -42.03 44.81
CA GLY D 133 -24.60 -43.25 44.95
C GLY D 133 -24.12 -43.53 46.37
N TYR D 134 -24.70 -42.81 47.35
CA TYR D 134 -24.83 -43.26 48.76
C TYR D 134 -25.04 -44.77 48.95
N CYS D 135 -24.15 -45.40 49.75
CA CYS D 135 -24.27 -46.83 50.15
C CYS D 135 -23.53 -47.17 51.49
N GLU D 136 -23.07 -48.42 51.61
CA GLU D 136 -22.98 -49.17 52.88
C GLU D 136 -21.55 -49.71 53.03
N PRO D 137 -20.90 -49.49 54.20
CA PRO D 137 -19.44 -49.66 54.35
C PRO D 137 -18.93 -51.06 53.94
N PRO D 138 -17.87 -51.15 53.12
CA PRO D 138 -16.86 -52.21 53.24
C PRO D 138 -16.43 -52.47 54.69
N THR D 139 -16.56 -53.71 55.12
CA THR D 139 -15.42 -54.57 55.45
C THR D 139 -14.06 -53.86 55.65
N GLY D 140 -13.88 -53.35 56.88
CA GLY D 140 -12.56 -53.24 57.51
C GLY D 140 -12.27 -51.84 58.01
N VAL D 141 -12.83 -50.84 57.33
CA VAL D 141 -13.50 -49.70 57.97
C VAL D 141 -14.85 -50.02 58.67
N SER D 142 -14.84 -49.89 60.00
CA SER D 142 -15.76 -49.01 60.72
C SER D 142 -15.89 -47.60 60.11
N LEU D 143 -17.13 -47.08 60.10
CA LEU D 143 -17.43 -45.62 59.98
C LEU D 143 -16.95 -44.76 61.22
N ARG D 144 -17.64 -43.65 61.50
CA ARG D 144 -18.25 -43.45 62.83
C ARG D 144 -19.78 -43.68 62.86
N GLU D 145 -20.48 -43.14 61.84
CA GLU D 145 -21.86 -42.57 61.99
C GLU D 145 -22.04 -41.58 63.18
N GLY D 146 -21.07 -40.68 63.33
CA GLY D 146 -21.21 -39.29 62.94
C GLY D 146 -20.80 -39.06 61.49
N LEU D 147 -19.59 -39.54 61.16
CA LEU D 147 -19.11 -39.64 59.77
C LEU D 147 -19.79 -40.82 59.03
N TYR D 148 -20.85 -40.48 58.28
CA TYR D 148 -21.50 -41.38 57.29
C TYR D 148 -20.53 -41.96 56.22
N PHE D 149 -21.04 -42.87 55.37
CA PHE D 149 -20.26 -43.43 54.23
C PHE D 149 -20.81 -42.98 52.86
N ASN D 150 -19.93 -42.34 52.08
CA ASN D 150 -20.12 -42.11 50.64
C ASN D 150 -18.86 -42.47 49.81
N PRO D 151 -19.04 -43.18 48.67
CA PRO D 151 -17.92 -43.50 47.78
C PRO D 151 -17.47 -42.39 46.84
N TYR D 152 -18.39 -41.52 46.41
CA TYR D 152 -18.03 -40.24 45.80
C TYR D 152 -17.76 -39.18 46.89
N PHE D 153 -16.81 -39.45 47.77
CA PHE D 153 -16.30 -38.45 48.71
C PHE D 153 -14.80 -38.65 48.94
N PRO D 154 -14.02 -37.67 48.48
CA PRO D 154 -12.77 -37.25 49.14
C PRO D 154 -12.67 -37.48 50.67
N GLY D 155 -12.22 -38.68 51.04
CA GLY D 155 -12.18 -39.15 52.43
C GLY D 155 -12.92 -40.47 52.61
N GLN D 156 -14.14 -40.53 52.03
CA GLN D 156 -15.17 -41.56 52.30
C GLN D 156 -15.71 -41.62 53.73
N ALA D 157 -15.09 -40.89 54.65
CA ALA D 157 -15.73 -40.41 55.90
C ALA D 157 -16.27 -38.94 55.82
N ILE D 158 -17.60 -38.82 55.99
CA ILE D 158 -18.40 -37.68 55.48
C ILE D 158 -19.49 -37.30 56.51
N GLY D 159 -19.49 -36.03 56.91
CA GLY D 159 -20.42 -35.51 57.93
C GLY D 159 -21.87 -35.29 57.49
N MET D 160 -22.14 -35.43 56.18
CA MET D 160 -23.51 -35.42 55.63
C MET D 160 -24.05 -36.85 55.48
N ALA D 161 -25.25 -36.97 54.88
CA ALA D 161 -26.48 -37.50 55.50
C ALA D 161 -27.69 -37.07 54.63
N PRO D 162 -28.46 -38.04 54.11
CA PRO D 162 -28.30 -38.53 52.73
C PRO D 162 -29.39 -38.04 51.68
N PRO D 163 -29.91 -36.82 51.83
CA PRO D 163 -31.26 -36.59 52.34
C PRO D 163 -32.33 -36.51 51.21
N ILE D 164 -32.33 -37.49 50.31
CA ILE D 164 -32.84 -37.32 48.95
C ILE D 164 -33.88 -38.38 48.49
N TYR D 165 -34.13 -39.40 49.32
CA TYR D 165 -35.47 -40.04 49.36
C TYR D 165 -36.33 -39.95 50.61
N ASN D 166 -35.71 -39.59 51.74
CA ASN D 166 -36.17 -38.49 52.59
C ASN D 166 -37.00 -37.37 51.85
N GLU D 167 -38.33 -37.60 51.80
CA GLU D 167 -39.18 -36.98 50.79
C GLU D 167 -39.99 -35.82 51.39
N VAL D 168 -39.58 -34.60 51.02
CA VAL D 168 -40.53 -33.55 50.62
C VAL D 168 -40.91 -33.68 49.12
N LEU D 169 -42.01 -33.03 48.74
CA LEU D 169 -42.42 -32.83 47.34
C LEU D 169 -42.99 -31.41 47.18
N GLU D 170 -43.08 -30.95 45.92
CA GLU D 170 -44.29 -30.29 45.37
C GLU D 170 -44.10 -30.02 43.86
N PHE D 171 -44.42 -30.99 43.00
CA PHE D 171 -43.96 -30.95 41.59
C PHE D 171 -45.08 -30.62 40.58
N ASP D 172 -46.30 -30.44 41.09
CA ASP D 172 -47.03 -29.15 41.10
C ASP D 172 -47.85 -28.76 39.86
N ASP D 173 -47.28 -28.99 38.67
CA ASP D 173 -47.91 -29.81 37.64
C ASP D 173 -46.90 -30.81 37.02
N GLY D 174 -47.00 -32.07 37.47
CA GLY D 174 -47.02 -33.21 36.56
C GLY D 174 -46.34 -34.48 37.09
N THR D 175 -45.16 -34.33 37.71
CA THR D 175 -44.94 -34.61 39.16
C THR D 175 -43.90 -35.71 39.67
N PRO D 176 -43.80 -36.90 39.01
CA PRO D 176 -43.56 -38.14 39.77
C PRO D 176 -42.09 -38.25 40.29
N ALA D 177 -41.95 -38.26 41.62
CA ALA D 177 -40.86 -37.56 42.30
C ALA D 177 -39.86 -38.53 42.98
N THR D 178 -39.27 -39.38 42.15
CA THR D 178 -38.35 -40.46 42.60
C THR D 178 -37.00 -39.85 42.99
N MET D 179 -36.16 -40.63 43.68
CA MET D 179 -34.85 -40.15 44.17
C MET D 179 -33.94 -39.50 43.08
N SER D 180 -33.75 -40.24 41.97
CA SER D 180 -33.13 -39.72 40.73
C SER D 180 -33.76 -38.44 40.23
N GLN D 181 -35.10 -38.38 40.27
CA GLN D 181 -35.89 -37.35 39.60
C GLN D 181 -35.83 -35.98 40.28
N VAL D 182 -36.11 -35.96 41.59
CA VAL D 182 -35.38 -35.17 42.62
C VAL D 182 -33.91 -34.79 42.23
N ALA D 183 -33.00 -35.78 42.20
CA ALA D 183 -31.54 -35.50 42.18
C ALA D 183 -31.05 -34.73 40.92
N LYS D 184 -31.69 -35.04 39.78
CA LYS D 184 -31.55 -34.30 38.50
C LYS D 184 -31.91 -32.84 38.66
N ASP D 185 -33.05 -32.60 39.33
CA ASP D 185 -33.61 -31.27 39.44
C ASP D 185 -32.74 -30.32 40.26
N VAL D 186 -32.18 -30.81 41.39
CA VAL D 186 -31.26 -30.02 42.25
C VAL D 186 -30.06 -29.53 41.48
N CYS D 187 -29.40 -30.45 40.77
CA CYS D 187 -28.22 -30.12 39.99
C CYS D 187 -28.59 -29.19 38.82
N THR D 188 -29.70 -29.47 38.12
CA THR D 188 -30.23 -28.62 37.04
C THR D 188 -30.63 -27.20 37.48
N PHE D 189 -31.02 -27.03 38.74
CA PHE D 189 -31.07 -25.72 39.40
C PHE D 189 -29.68 -25.21 39.78
N LEU D 190 -28.84 -26.09 40.33
CA LEU D 190 -27.58 -25.65 40.93
C LEU D 190 -26.47 -25.23 39.91
N ARG D 191 -26.53 -25.79 38.70
CA ARG D 191 -25.80 -25.27 37.55
C ARG D 191 -26.12 -23.82 37.35
N TRP D 192 -27.43 -23.51 37.37
CA TRP D 192 -27.92 -22.16 37.13
C TRP D 192 -27.49 -21.20 38.24
N ALA D 193 -27.34 -21.71 39.47
CA ALA D 193 -26.85 -20.90 40.61
C ALA D 193 -25.34 -20.66 40.58
N ALA D 194 -24.59 -21.58 39.97
CA ALA D 194 -23.17 -21.33 39.64
C ALA D 194 -22.99 -20.32 38.50
N GLU D 195 -23.96 -20.30 37.58
CA GLU D 195 -23.76 -19.89 36.20
C GLU D 195 -25.11 -19.51 35.53
N PRO D 196 -25.72 -18.37 35.94
CA PRO D 196 -27.02 -17.93 35.37
C PRO D 196 -26.91 -17.47 33.91
N GLU D 197 -25.73 -16.98 33.51
CA GLU D 197 -25.46 -16.49 32.15
C GLU D 197 -25.50 -17.58 31.08
N HIS D 198 -25.20 -18.83 31.49
CA HIS D 198 -25.37 -20.08 30.71
C HIS D 198 -26.03 -19.93 29.33
N ASP D 199 -27.32 -19.61 29.32
CA ASP D 199 -28.14 -19.73 28.14
C ASP D 199 -27.73 -18.70 27.12
N HIS D 200 -27.76 -17.43 27.52
CA HIS D 200 -27.11 -16.31 26.82
C HIS D 200 -25.68 -16.57 26.28
N ARG D 201 -24.80 -17.08 27.16
CA ARG D 201 -23.40 -17.37 26.83
C ARG D 201 -23.33 -18.28 25.59
N LYS D 202 -24.10 -19.37 25.62
CA LYS D 202 -24.17 -20.32 24.51
C LYS D 202 -24.95 -19.80 23.30
N ARG D 203 -25.89 -18.88 23.54
CA ARG D 203 -26.60 -18.18 22.46
C ARG D 203 -25.65 -17.30 21.70
N MET D 204 -24.79 -16.61 22.46
CA MET D 204 -23.76 -15.74 21.90
C MET D 204 -22.73 -16.51 21.10
N GLY D 205 -22.27 -17.64 21.65
CA GLY D 205 -21.28 -18.48 21.00
C GLY D 205 -21.75 -19.09 19.68
N LEU D 206 -23.07 -19.37 19.59
CA LEU D 206 -23.70 -19.75 18.33
C LEU D 206 -23.54 -18.64 17.33
N LYS D 207 -23.87 -17.43 17.76
CA LYS D 207 -23.70 -16.23 16.96
C LYS D 207 -22.20 -15.95 16.62
N MET D 208 -21.30 -16.24 17.58
CA MET D 208 -19.84 -16.19 17.39
C MET D 208 -19.39 -17.11 16.29
N LEU D 209 -19.69 -18.41 16.42
CA LEU D 209 -19.54 -19.38 15.32
C LEU D 209 -20.06 -18.91 13.94
N LEU D 210 -21.38 -18.68 13.80
CA LEU D 210 -21.98 -18.18 12.52
C LEU D 210 -21.38 -16.88 11.98
N MET D 211 -20.98 -15.97 12.89
CA MET D 211 -20.24 -14.75 12.52
C MET D 211 -18.88 -15.06 11.96
N MET D 212 -18.05 -15.70 12.81
CA MET D 212 -16.69 -16.15 12.50
C MET D 212 -16.63 -17.02 11.24
N GLY D 213 -17.66 -17.81 11.02
CA GLY D 213 -17.77 -18.67 9.84
C GLY D 213 -18.05 -17.95 8.53
N LEU D 214 -18.83 -16.88 8.59
CA LEU D 214 -18.91 -15.93 7.47
C LEU D 214 -17.64 -15.07 7.34
N LEU D 215 -17.04 -14.70 8.48
CA LEU D 215 -15.99 -13.66 8.52
C LEU D 215 -14.59 -14.20 8.21
N LEU D 216 -14.34 -15.46 8.54
CA LEU D 216 -13.04 -16.03 8.33
C LEU D 216 -12.68 -16.20 6.86
N PRO D 217 -13.52 -16.86 6.02
CA PRO D 217 -13.19 -16.99 4.60
C PRO D 217 -13.12 -15.63 3.94
N LEU D 218 -13.96 -14.69 4.38
CA LEU D 218 -14.06 -13.36 3.75
C LEU D 218 -12.85 -12.44 3.98
N VAL D 219 -12.38 -12.36 5.24
CA VAL D 219 -11.09 -11.74 5.57
C VAL D 219 -9.91 -12.41 4.82
N TYR D 220 -9.82 -13.73 4.93
CA TYR D 220 -8.83 -14.53 4.22
C TYR D 220 -8.81 -14.24 2.72
N ALA D 221 -10.00 -14.24 2.10
CA ALA D 221 -10.20 -13.80 0.71
C ALA D 221 -9.68 -12.42 0.44
N MET D 222 -9.85 -11.51 1.41
CA MET D 222 -9.31 -10.16 1.31
C MET D 222 -7.78 -10.20 1.25
N LYS D 223 -7.17 -10.94 2.19
CA LYS D 223 -5.72 -11.07 2.22
C LYS D 223 -5.12 -11.80 1.00
N ARG D 224 -5.82 -12.81 0.47
CA ARG D 224 -5.37 -13.49 -0.75
C ARG D 224 -5.27 -12.53 -1.91
N HIS D 225 -6.33 -11.74 -2.10
CA HIS D 225 -6.46 -10.80 -3.25
C HIS D 225 -5.34 -9.76 -3.22
N LYS D 226 -5.09 -9.21 -2.05
CA LYS D 226 -3.94 -8.36 -1.79
C LYS D 226 -2.57 -9.07 -1.99
N TRP D 227 -2.41 -10.29 -1.45
CA TRP D 227 -1.15 -11.00 -1.53
C TRP D 227 -0.88 -11.57 -2.89
N SER D 228 -1.90 -11.51 -3.76
CA SER D 228 -1.88 -12.22 -5.03
C SER D 228 -0.87 -11.61 -5.98
N VAL D 229 -0.63 -10.30 -5.82
CA VAL D 229 0.37 -9.53 -6.60
C VAL D 229 1.73 -10.12 -6.41
N LEU D 230 2.07 -10.38 -5.15
CA LEU D 230 3.25 -11.19 -4.81
C LEU D 230 3.21 -12.70 -5.28
N LYS D 231 2.13 -13.43 -5.00
CA LYS D 231 2.13 -14.88 -5.15
C LYS D 231 2.33 -15.38 -6.61
N SER D 232 1.97 -14.54 -7.59
CA SER D 232 2.14 -14.85 -9.00
C SER D 232 3.24 -14.05 -9.73
N ARG D 233 3.99 -13.22 -8.96
CA ARG D 233 5.12 -12.45 -9.52
C ARG D 233 6.12 -13.39 -10.11
N LYS D 234 6.39 -13.17 -11.38
CA LYS D 234 7.45 -13.90 -12.06
C LYS D 234 8.77 -13.09 -12.08
N LEU D 235 9.89 -13.76 -11.80
CA LEU D 235 11.24 -13.15 -11.85
C LEU D 235 12.02 -13.62 -13.03
N ALA D 236 12.97 -12.77 -13.42
CA ALA D 236 13.97 -13.06 -14.42
C ALA D 236 15.24 -12.30 -14.06
N TYR D 237 16.37 -12.95 -14.23
CA TYR D 237 17.68 -12.35 -14.04
C TYR D 237 18.43 -12.32 -15.35
N ARG D 238 18.92 -11.15 -15.69
CA ARG D 238 19.49 -10.94 -16.99
C ARG D 238 20.83 -10.18 -16.85
N PRO D 239 21.89 -10.83 -16.34
CA PRO D 239 23.17 -10.13 -16.21
C PRO D 239 23.77 -9.90 -17.60
N PRO D 240 24.58 -8.84 -17.79
CA PRO D 240 25.33 -8.67 -19.04
C PRO D 240 26.39 -9.76 -19.31
N LYS D 241 26.91 -9.78 -20.56
CA LYS D 241 27.36 -11.00 -21.28
C LYS D 241 26.57 -12.31 -20.90
N SER E 1 17.29 -5.88 -28.30
CA SER E 1 17.74 -6.89 -27.30
C SER E 1 17.00 -6.75 -25.99
N HIS E 2 16.57 -5.52 -25.65
CA HIS E 2 15.67 -5.40 -24.51
C HIS E 2 14.27 -5.83 -25.08
N THR E 3 14.27 -6.07 -26.40
CA THR E 3 13.11 -6.51 -27.15
C THR E 3 12.91 -8.03 -27.05
N ASP E 4 13.89 -8.75 -26.50
CA ASP E 4 13.73 -10.21 -26.28
C ASP E 4 12.85 -10.44 -25.01
N ILE E 5 12.42 -9.36 -24.40
CA ILE E 5 11.65 -9.51 -23.22
C ILE E 5 10.18 -9.60 -23.58
N LYS E 6 9.59 -10.75 -23.29
CA LYS E 6 8.15 -10.87 -23.38
C LYS E 6 7.76 -11.05 -21.94
N VAL E 7 6.51 -10.72 -21.61
CA VAL E 7 6.03 -10.96 -20.26
C VAL E 7 5.54 -12.43 -20.21
N PRO E 8 5.97 -13.15 -19.18
CA PRO E 8 5.54 -14.53 -18.96
C PRO E 8 4.03 -14.68 -19.03
N ASP E 9 3.56 -15.90 -19.33
CA ASP E 9 2.16 -16.16 -19.45
C ASP E 9 1.57 -16.28 -18.06
N PHE E 10 0.44 -15.61 -17.83
CA PHE E 10 -0.24 -15.64 -16.55
C PHE E 10 -1.56 -16.33 -16.65
N SER E 11 -1.76 -17.09 -17.73
CA SER E 11 -3.04 -17.73 -17.95
C SER E 11 -3.54 -18.57 -16.80
N ASP E 12 -2.61 -19.22 -16.11
CA ASP E 12 -2.95 -20.01 -14.93
C ASP E 12 -3.63 -19.13 -13.93
N TYR E 13 -3.19 -17.90 -13.86
CA TYR E 13 -3.70 -17.01 -12.85
C TYR E 13 -4.86 -16.11 -13.25
N ARG E 14 -4.93 -15.75 -14.51
CA ARG E 14 -5.95 -14.85 -14.98
C ARG E 14 -7.32 -15.35 -14.68
N ARG E 15 -8.16 -14.49 -14.10
CA ARG E 15 -9.59 -14.81 -13.92
C ARG E 15 -10.15 -15.15 -15.32
N PRO E 16 -11.28 -15.80 -15.40
CA PRO E 16 -11.80 -16.25 -16.71
C PRO E 16 -12.19 -15.09 -17.66
N GLU E 17 -12.82 -14.09 -17.10
CA GLU E 17 -13.37 -12.99 -17.85
C GLU E 17 -12.31 -12.22 -18.58
N VAL E 18 -11.08 -12.62 -18.29
CA VAL E 18 -9.89 -11.98 -18.80
C VAL E 18 -9.01 -13.10 -19.32
N LEU E 19 -9.45 -13.79 -20.35
CA LEU E 19 -8.64 -14.86 -20.88
C LEU E 19 -8.34 -14.67 -22.34
N ASP E 20 -9.12 -13.81 -22.97
CA ASP E 20 -8.93 -13.59 -24.37
C ASP E 20 -8.11 -12.37 -24.82
N SER E 21 -6.95 -12.65 -25.41
CA SER E 21 -6.15 -11.60 -26.04
C SER E 21 -7.00 -10.90 -27.11
N THR E 22 -7.90 -11.66 -27.71
CA THR E 22 -8.74 -11.15 -28.75
C THR E 22 -9.83 -10.17 -28.29
N LYS E 23 -10.20 -10.20 -27.01
CA LYS E 23 -11.21 -9.24 -26.55
C LYS E 23 -10.90 -8.30 -25.39
N SER E 24 -11.59 -7.14 -25.38
CA SER E 24 -11.41 -6.10 -24.40
C SER E 24 -11.57 -6.58 -22.99
N SER E 25 -11.08 -5.80 -22.06
CA SER E 25 -11.11 -6.17 -20.68
C SER E 25 -11.91 -5.15 -19.94
N LYS E 26 -12.08 -4.02 -20.60
CA LYS E 26 -12.84 -2.93 -20.08
C LYS E 26 -14.21 -3.46 -19.66
N GLU E 27 -14.65 -4.52 -20.31
CA GLU E 27 -15.95 -5.00 -20.02
C GLU E 27 -16.05 -5.70 -18.66
N SER E 28 -15.30 -6.78 -18.47
CA SER E 28 -15.36 -7.52 -17.21
C SER E 28 -14.89 -6.76 -15.96
N SER E 29 -14.25 -5.62 -16.16
CA SER E 29 -13.73 -4.82 -15.06
C SER E 29 -14.77 -4.57 -13.98
N GLU E 30 -15.91 -4.11 -14.41
CA GLU E 30 -16.96 -3.74 -13.49
C GLU E 30 -17.33 -4.90 -12.56
N ALA E 31 -17.64 -6.04 -13.16
CA ALA E 31 -17.99 -7.22 -12.40
C ALA E 31 -16.81 -7.64 -11.56
N ARG E 32 -15.63 -7.55 -12.13
CA ARG E 32 -14.44 -7.96 -11.43
C ARG E 32 -14.16 -7.13 -10.22
N LYS E 33 -14.24 -5.79 -10.33
CA LYS E 33 -14.05 -4.92 -9.16
C LYS E 33 -15.27 -5.11 -8.31
N GLY E 34 -16.44 -5.06 -8.94
CA GLY E 34 -17.67 -5.29 -8.22
C GLY E 34 -17.51 -6.45 -7.28
N PHE E 35 -17.18 -7.60 -7.84
CA PHE E 35 -16.98 -8.80 -7.05
C PHE E 35 -16.01 -8.63 -5.88
N SER E 36 -14.80 -8.17 -6.15
CA SER E 36 -13.79 -8.03 -5.09
C SER E 36 -14.15 -6.98 -4.06
N TYR E 37 -14.86 -5.95 -4.50
CA TYR E 37 -15.28 -4.94 -3.58
C TYR E 37 -16.42 -5.45 -2.70
N LEU E 38 -17.39 -6.12 -3.31
CA LEU E 38 -18.48 -6.69 -2.54
C LEU E 38 -17.92 -7.42 -1.33
N VAL E 39 -16.98 -8.32 -1.57
CA VAL E 39 -16.30 -9.06 -0.51
C VAL E 39 -15.89 -8.13 0.65
N THR E 40 -15.19 -7.04 0.34
CA THR E 40 -14.79 -6.12 1.40
C THR E 40 -15.98 -5.41 2.09
N ALA E 41 -16.99 -5.05 1.30
CA ALA E 41 -18.18 -4.42 1.87
C ALA E 41 -18.76 -5.40 2.90
N THR E 42 -19.21 -6.55 2.39
CA THR E 42 -19.76 -7.64 3.20
C THR E 42 -18.96 -7.83 4.49
N THR E 43 -17.63 -7.85 4.37
CA THR E 43 -16.73 -7.98 5.51
C THR E 43 -16.89 -6.87 6.54
N THR E 44 -16.87 -5.61 6.10
CA THR E 44 -17.06 -4.51 7.06
C THR E 44 -18.44 -4.63 7.69
N VAL E 45 -19.45 -4.90 6.86
CA VAL E 45 -20.82 -5.08 7.34
C VAL E 45 -20.79 -6.08 8.51
N GLY E 46 -20.23 -7.24 8.29
CA GLY E 46 -20.12 -8.22 9.36
C GLY E 46 -19.35 -7.65 10.54
N VAL E 47 -18.17 -7.13 10.28
CA VAL E 47 -17.35 -6.54 11.33
C VAL E 47 -18.14 -5.54 12.13
N ALA E 48 -18.83 -4.65 11.43
CA ALA E 48 -19.63 -3.65 12.06
C ALA E 48 -20.47 -4.32 13.11
N TYR E 49 -21.27 -5.29 12.65
CA TYR E 49 -22.17 -6.04 13.52
C TYR E 49 -21.56 -6.38 14.86
N ALA E 50 -20.35 -6.95 14.84
CA ALA E 50 -19.66 -7.39 16.06
C ALA E 50 -19.16 -6.22 16.87
N ALA E 51 -18.55 -5.27 16.17
CA ALA E 51 -17.97 -4.14 16.82
C ALA E 51 -18.99 -3.47 17.73
N LYS E 52 -20.18 -3.20 17.23
CA LYS E 52 -21.14 -2.56 18.09
C LYS E 52 -21.46 -3.42 19.26
N ASN E 53 -21.89 -4.65 18.97
CA ASN E 53 -22.26 -5.56 20.02
C ASN E 53 -21.30 -5.45 21.18
N VAL E 54 -19.99 -5.69 20.92
CA VAL E 54 -18.92 -5.58 21.93
C VAL E 54 -18.85 -4.18 22.55
N VAL E 55 -18.90 -3.16 21.70
CA VAL E 55 -18.87 -1.79 22.23
C VAL E 55 -20.12 -1.60 23.11
N SER E 56 -21.27 -1.92 22.55
CA SER E 56 -22.52 -1.80 23.26
C SER E 56 -22.43 -2.50 24.63
N GLN E 57 -22.05 -3.76 24.63
CA GLN E 57 -21.94 -4.49 25.88
C GLN E 57 -21.09 -3.78 26.93
N PHE E 58 -19.87 -3.39 26.56
CA PHE E 58 -19.03 -2.64 27.50
C PHE E 58 -19.73 -1.35 27.96
N VAL E 59 -20.39 -0.66 27.03
CA VAL E 59 -21.10 0.53 27.37
C VAL E 59 -22.15 0.17 28.41
N SER E 60 -23.04 -0.76 28.07
CA SER E 60 -24.10 -1.22 29.00
C SER E 60 -23.68 -1.64 30.43
N SER E 61 -22.42 -1.98 30.62
CA SER E 61 -21.95 -2.46 31.91
C SER E 61 -21.71 -1.35 32.87
N MET E 62 -21.79 -0.13 32.40
CA MET E 62 -21.59 1.00 33.29
C MET E 62 -22.95 1.52 33.80
N SER E 63 -24.04 0.89 33.39
CA SER E 63 -25.38 1.38 33.68
C SER E 63 -26.11 0.81 34.88
N ALA E 64 -26.85 -0.24 34.58
CA ALA E 64 -27.73 -0.81 35.55
C ALA E 64 -26.97 -1.42 36.71
N SER E 65 -27.29 -2.69 36.93
CA SER E 65 -26.77 -3.53 37.97
C SER E 65 -27.98 -4.06 38.56
N ALA E 66 -28.39 -5.27 38.16
CA ALA E 66 -29.57 -5.93 38.73
C ALA E 66 -29.68 -5.44 40.16
N ASP E 67 -28.51 -5.38 40.80
CA ASP E 67 -28.25 -4.82 42.13
C ASP E 67 -29.02 -3.51 42.36
N VAL E 68 -28.44 -2.43 41.82
CA VAL E 68 -29.00 -1.12 41.92
C VAL E 68 -30.40 -1.08 41.35
N LEU E 69 -30.55 -1.39 40.06
CA LEU E 69 -31.86 -1.40 39.39
C LEU E 69 -33.13 -1.64 40.22
N ALA E 70 -33.51 -2.90 40.35
CA ALA E 70 -34.69 -3.28 41.06
C ALA E 70 -34.91 -2.47 42.36
N MET E 71 -33.84 -2.11 43.07
CA MET E 71 -33.98 -1.30 44.32
C MET E 71 -34.79 0.03 44.12
N SER E 72 -35.46 0.15 42.97
CA SER E 72 -36.30 1.29 42.67
C SER E 72 -37.75 0.91 42.90
N LYS E 73 -38.40 1.59 43.83
CA LYS E 73 -39.83 1.42 44.20
C LYS E 73 -40.11 1.90 45.64
N ILE E 74 -40.65 1.02 46.49
CA ILE E 74 -40.92 1.32 47.92
C ILE E 74 -42.38 1.44 48.34
N GLU E 75 -42.72 0.75 49.41
CA GLU E 75 -44.07 0.75 49.96
C GLU E 75 -43.99 1.37 51.36
N ILE E 76 -44.68 2.50 51.56
CA ILE E 76 -44.61 3.24 52.82
C ILE E 76 -45.91 3.24 53.64
N LYS E 77 -45.78 3.02 54.95
CA LYS E 77 -46.93 3.00 55.86
C LYS E 77 -47.36 4.43 56.24
N LEU E 78 -48.51 4.86 55.70
CA LEU E 78 -49.03 6.21 55.89
C LEU E 78 -49.34 6.63 57.33
N SER E 79 -49.82 5.70 58.16
CA SER E 79 -50.15 6.00 59.57
C SER E 79 -48.93 6.32 60.47
N ASP E 80 -47.71 6.05 59.98
CA ASP E 80 -46.45 6.33 60.72
C ASP E 80 -46.07 7.83 60.65
N ILE E 81 -46.69 8.54 59.70
CA ILE E 81 -46.42 9.97 59.47
C ILE E 81 -47.63 10.81 59.90
N PRO E 82 -47.54 11.46 61.07
CA PRO E 82 -48.63 12.28 61.61
C PRO E 82 -48.91 13.57 60.81
N GLU E 83 -50.04 14.22 61.10
CA GLU E 83 -50.41 15.48 60.43
C GLU E 83 -49.36 16.57 60.60
N GLY E 84 -48.94 17.17 59.48
CA GLY E 84 -47.98 18.25 59.49
C GLY E 84 -46.52 17.84 59.35
N LYS E 85 -46.25 16.54 59.40
CA LYS E 85 -44.87 16.04 59.35
C LYS E 85 -44.40 15.61 57.95
N ASN E 86 -43.14 15.93 57.65
CA ASN E 86 -42.50 15.53 56.38
C ASN E 86 -41.47 14.45 56.66
N MET E 87 -41.73 13.24 56.16
CA MET E 87 -40.82 12.11 56.38
C MET E 87 -40.02 11.76 55.11
N ALA E 88 -38.71 11.65 55.26
CA ALA E 88 -37.82 11.34 54.14
C ALA E 88 -37.34 9.89 54.17
N PHE E 89 -37.32 9.26 52.99
CA PHE E 89 -36.85 7.89 52.84
C PHE E 89 -35.79 7.92 51.73
N LYS E 90 -35.10 6.81 51.52
CA LYS E 90 -34.11 6.72 50.45
C LYS E 90 -34.75 5.99 49.27
N TRP E 91 -34.82 6.67 48.13
CA TRP E 91 -35.45 6.09 46.96
C TRP E 91 -34.67 6.37 45.66
N ARG E 92 -34.22 5.28 45.02
CA ARG E 92 -33.41 5.37 43.79
C ARG E 92 -32.12 6.11 44.09
N GLY E 93 -31.62 5.97 45.30
CA GLY E 93 -30.42 6.69 45.71
C GLY E 93 -30.67 8.17 46.04
N LYS E 94 -31.92 8.61 45.95
CA LYS E 94 -32.27 10.01 46.26
C LYS E 94 -33.32 10.02 47.36
N PRO E 95 -33.43 11.13 48.09
CA PRO E 95 -34.42 11.23 49.17
C PRO E 95 -35.86 11.25 48.65
N LEU E 96 -36.78 10.58 49.37
CA LEU E 96 -38.21 10.55 48.98
C LEU E 96 -39.05 11.19 50.09
N PHE E 97 -39.80 12.22 49.71
CA PHE E 97 -40.63 12.93 50.68
C PHE E 97 -42.08 12.49 50.63
N VAL E 98 -42.61 12.05 51.76
CA VAL E 98 -44.03 11.73 51.88
C VAL E 98 -44.52 12.61 53.01
N ARG E 99 -45.28 13.65 52.66
CA ARG E 99 -45.74 14.63 53.64
C ARG E 99 -47.25 14.64 53.86
N HIS E 100 -47.66 14.58 55.12
CA HIS E 100 -49.09 14.64 55.49
C HIS E 100 -49.49 16.11 55.68
N ARG E 101 -50.44 16.56 54.87
CA ARG E 101 -50.91 17.94 54.94
C ARG E 101 -52.19 18.07 55.79
N THR E 102 -52.27 19.14 56.58
CA THR E 102 -53.44 19.41 57.39
C THR E 102 -54.42 20.20 56.53
N LYS E 103 -55.60 20.49 57.06
CA LYS E 103 -56.61 21.22 56.29
C LYS E 103 -56.12 22.59 55.81
N LYS E 104 -55.41 23.30 56.68
CA LYS E 104 -54.90 24.64 56.36
C LYS E 104 -53.96 24.67 55.13
N GLU E 105 -53.06 23.69 55.03
CA GLU E 105 -52.12 23.61 53.90
C GLU E 105 -52.78 23.35 52.53
N ILE E 106 -53.77 22.44 52.47
CA ILE E 106 -54.49 22.12 51.22
C ILE E 106 -55.24 23.34 50.66
N ASP E 107 -55.94 24.06 51.54
CA ASP E 107 -56.70 25.27 51.17
C ASP E 107 -55.76 26.35 50.61
N GLN E 108 -54.61 26.50 51.26
CA GLN E 108 -53.60 27.49 50.90
C GLN E 108 -53.00 27.25 49.49
N GLU E 109 -52.77 25.98 49.14
CA GLU E 109 -52.25 25.62 47.81
C GLU E 109 -53.35 25.73 46.74
N ALA E 110 -54.59 25.48 47.13
CA ALA E 110 -55.75 25.59 46.23
C ALA E 110 -56.09 27.06 45.93
N ALA E 111 -55.65 27.96 46.79
CA ALA E 111 -55.93 29.39 46.64
C ALA E 111 -54.83 30.19 45.88
N VAL E 112 -53.70 29.54 45.56
CA VAL E 112 -52.61 30.20 44.83
C VAL E 112 -53.02 30.45 43.38
N GLU E 113 -52.71 31.65 42.87
CA GLU E 113 -53.04 32.01 41.49
C GLU E 113 -52.06 31.36 40.50
N VAL E 114 -52.56 30.37 39.77
CA VAL E 114 -51.77 29.55 38.83
C VAL E 114 -50.97 30.27 37.69
N SER E 115 -51.57 31.28 37.05
CA SER E 115 -50.91 31.98 35.93
C SER E 115 -49.61 32.76 36.24
N GLN E 116 -49.34 33.02 37.52
CA GLN E 116 -48.13 33.75 37.92
C GLN E 116 -46.95 32.80 38.20
N LEU E 117 -47.24 31.51 38.30
CA LEU E 117 -46.21 30.49 38.56
C LEU E 117 -45.27 30.31 37.37
N ARG E 118 -44.00 30.05 37.66
CA ARG E 118 -43.01 29.81 36.61
C ARG E 118 -43.29 28.47 35.90
N ASP E 119 -43.78 27.49 36.68
CA ASP E 119 -44.20 26.17 36.16
C ASP E 119 -45.65 25.99 36.63
N PRO E 120 -46.60 26.51 35.83
CA PRO E 120 -48.04 26.49 36.19
C PRO E 120 -48.63 25.10 36.40
N GLN E 121 -49.12 24.85 37.61
CA GLN E 121 -49.80 23.60 37.96
C GLN E 121 -50.72 23.83 39.16
N HIS E 122 -51.94 23.30 39.09
CA HIS E 122 -52.87 23.39 40.22
C HIS E 122 -52.43 22.30 41.20
N ASP E 123 -52.73 22.48 42.48
CA ASP E 123 -52.35 21.49 43.49
C ASP E 123 -52.96 20.10 43.29
N LEU E 124 -54.18 20.06 42.74
CA LEU E 124 -54.92 18.80 42.56
C LEU E 124 -54.44 17.91 41.38
N GLU E 125 -53.48 18.40 40.60
CA GLU E 125 -52.92 17.62 39.50
C GLU E 125 -51.50 17.15 39.86
N ARG E 126 -51.09 17.45 41.08
CA ARG E 126 -49.79 17.06 41.63
C ARG E 126 -49.96 16.05 42.78
N VAL E 127 -51.20 15.85 43.21
CA VAL E 127 -51.51 14.88 44.27
C VAL E 127 -52.77 14.08 43.87
N LYS E 128 -53.01 12.95 44.53
CA LYS E 128 -54.22 12.14 44.26
C LYS E 128 -55.20 12.21 45.44
N LYS E 129 -54.64 12.26 46.65
CA LYS E 129 -55.41 12.46 47.88
C LYS E 129 -54.90 13.78 48.44
N PRO E 130 -55.80 14.75 48.63
CA PRO E 130 -55.41 16.09 49.08
C PRO E 130 -54.50 16.16 50.31
N GLU E 131 -54.67 15.27 51.28
CA GLU E 131 -53.85 15.31 52.50
C GLU E 131 -52.47 14.65 52.36
N TRP E 132 -52.13 14.19 51.16
CA TRP E 132 -50.85 13.53 50.92
C TRP E 132 -50.04 14.13 49.76
N VAL E 133 -48.89 14.71 50.09
CA VAL E 133 -48.02 15.26 49.07
C VAL E 133 -46.68 14.46 49.01
N ILE E 134 -46.40 13.90 47.84
CA ILE E 134 -45.23 13.05 47.65
C ILE E 134 -44.37 13.58 46.51
N LEU E 135 -43.11 13.90 46.84
CA LEU E 135 -42.19 14.50 45.86
C LEU E 135 -40.76 14.01 46.00
N ILE E 136 -39.97 14.22 44.96
CA ILE E 136 -38.53 13.89 44.98
C ILE E 136 -37.78 15.01 45.73
N GLY E 137 -37.03 14.63 46.75
CA GLY E 137 -36.25 15.58 47.54
C GLY E 137 -35.00 16.04 46.84
N VAL E 138 -35.15 16.41 45.57
CA VAL E 138 -34.04 16.90 44.75
C VAL E 138 -34.49 18.21 44.08
N CYS E 139 -33.84 19.32 44.44
CA CYS E 139 -34.18 20.65 43.89
C CYS E 139 -33.85 20.72 42.39
N THR E 140 -34.82 21.17 41.60
CA THR E 140 -34.69 21.21 40.13
C THR E 140 -33.63 22.19 39.60
N HIS E 141 -33.05 22.99 40.48
CA HIS E 141 -32.00 23.94 40.11
C HIS E 141 -30.67 23.21 39.87
N LEU E 142 -30.00 22.80 40.95
CA LEU E 142 -28.71 22.10 40.84
C LEU E 142 -28.58 20.80 41.64
N GLY E 143 -29.72 20.21 42.02
CA GLY E 143 -29.75 18.92 42.69
C GLY E 143 -29.53 18.80 44.19
N CYS E 144 -29.56 19.90 44.92
CA CYS E 144 -29.42 19.85 46.39
C CYS E 144 -30.73 19.37 47.04
N VAL E 145 -30.72 19.22 48.36
CA VAL E 145 -31.91 18.74 49.07
C VAL E 145 -32.72 19.85 49.77
N PRO E 146 -33.98 20.02 49.36
CA PRO E 146 -34.87 21.01 49.98
C PRO E 146 -35.22 20.60 51.42
N ILE E 147 -35.15 21.57 52.33
CA ILE E 147 -35.47 21.36 53.74
C ILE E 147 -36.95 21.70 54.04
N ALA E 148 -37.64 20.75 54.67
CA ALA E 148 -39.06 20.91 54.99
C ALA E 148 -39.38 22.02 56.00
N ASN E 149 -40.53 22.68 55.77
CA ASN E 149 -41.04 23.76 56.62
C ASN E 149 -40.09 24.95 56.76
N ALA E 150 -39.43 25.30 55.66
CA ALA E 150 -38.53 26.43 55.62
C ALA E 150 -38.89 27.26 54.40
N GLY E 151 -38.48 28.51 54.38
CA GLY E 151 -38.83 29.38 53.28
C GLY E 151 -40.09 30.19 53.54
N ASP E 152 -40.43 31.06 52.59
CA ASP E 152 -41.56 31.98 52.72
C ASP E 152 -42.93 31.38 52.40
N PHE E 153 -42.98 30.09 52.06
CA PHE E 153 -44.25 29.49 51.65
C PHE E 153 -44.73 28.27 52.45
N GLY E 154 -44.09 28.03 53.60
CA GLY E 154 -44.47 26.92 54.47
C GLY E 154 -44.41 25.56 53.82
N GLY E 155 -43.48 25.41 52.87
CA GLY E 155 -43.31 24.15 52.17
C GLY E 155 -41.88 23.67 52.23
N TYR E 156 -41.05 24.13 51.30
CA TYR E 156 -39.65 23.72 51.24
C TYR E 156 -38.70 24.88 50.89
N TYR E 157 -37.44 24.75 51.31
CA TYR E 157 -36.41 25.74 50.99
C TYR E 157 -35.07 25.04 50.76
N CYS E 158 -34.42 25.36 49.65
CA CYS E 158 -33.12 24.76 49.36
C CYS E 158 -32.01 25.80 49.53
N PRO E 159 -31.10 25.57 50.48
CA PRO E 159 -30.06 26.54 50.85
C PRO E 159 -28.93 26.81 49.86
N CYS E 160 -28.71 25.89 48.91
CA CYS E 160 -27.60 26.05 47.95
C CYS E 160 -27.61 27.38 47.19
N HIS E 161 -28.76 27.75 46.63
CA HIS E 161 -28.87 29.02 45.87
C HIS E 161 -30.19 29.77 46.15
N GLY E 162 -30.91 29.37 47.19
CA GLY E 162 -32.11 30.06 47.65
C GLY E 162 -33.48 29.84 47.01
N SER E 163 -33.85 28.59 46.73
CA SER E 163 -35.16 28.30 46.14
C SER E 163 -36.23 28.01 47.19
N HIS E 164 -37.36 28.70 47.09
CA HIS E 164 -38.47 28.54 48.02
C HIS E 164 -39.59 27.72 47.37
N TYR E 165 -40.14 26.75 48.11
CA TYR E 165 -41.22 25.90 47.60
C TYR E 165 -42.44 25.94 48.55
N ASP E 166 -43.64 25.84 47.98
CA ASP E 166 -44.85 25.78 48.80
C ASP E 166 -45.14 24.32 49.21
N ALA E 167 -46.23 24.10 49.95
CA ALA E 167 -46.55 22.75 50.42
C ALA E 167 -46.94 21.77 49.31
N SER E 168 -47.03 22.29 48.09
CA SER E 168 -47.37 21.48 46.91
C SER E 168 -46.09 21.08 46.21
N GLY E 169 -44.98 21.66 46.62
CA GLY E 169 -43.68 21.39 46.02
C GLY E 169 -43.36 22.29 44.83
N ARG E 170 -44.23 23.26 44.58
CA ARG E 170 -44.07 24.19 43.44
C ARG E 170 -43.03 25.29 43.71
N ILE E 171 -42.24 25.64 42.69
CA ILE E 171 -41.26 26.72 42.83
C ILE E 171 -41.98 28.10 42.85
N ARG E 172 -41.66 28.91 43.86
CA ARG E 172 -42.33 30.20 44.04
C ARG E 172 -41.36 31.40 44.09
N LYS E 173 -40.11 31.14 44.44
CA LYS E 173 -39.07 32.18 44.53
C LYS E 173 -37.69 31.54 44.38
N GLY E 174 -36.72 32.30 43.88
CA GLY E 174 -35.38 31.78 43.68
C GLY E 174 -35.10 31.36 42.24
N PRO E 175 -33.92 30.79 42.02
CA PRO E 175 -33.47 30.38 40.68
C PRO E 175 -34.03 29.07 40.08
N ALA E 176 -34.63 28.19 40.89
CA ALA E 176 -35.17 26.90 40.37
C ALA E 176 -36.17 27.03 39.21
N PRO E 177 -35.90 26.33 38.10
CA PRO E 177 -36.72 26.40 36.89
C PRO E 177 -38.06 25.66 36.96
N LEU E 178 -38.14 24.55 37.70
CA LEU E 178 -39.37 23.73 37.74
C LEU E 178 -39.82 23.31 39.15
N ASN E 179 -41.04 22.81 39.24
CA ASN E 179 -41.60 22.30 40.51
C ASN E 179 -40.91 20.97 40.84
N LEU E 180 -40.80 20.64 42.12
CA LEU E 180 -40.20 19.38 42.53
C LEU E 180 -40.95 18.23 41.87
N GLU E 181 -40.21 17.22 41.43
CA GLU E 181 -40.78 16.10 40.69
C GLU E 181 -41.74 15.26 41.51
N VAL E 182 -42.89 14.94 40.91
CA VAL E 182 -43.86 14.05 41.52
C VAL E 182 -43.68 12.71 40.81
N PRO E 183 -43.24 11.69 41.55
CA PRO E 183 -42.99 10.36 40.98
C PRO E 183 -44.29 9.58 40.75
N SER E 184 -44.21 8.47 40.04
CA SER E 184 -45.38 7.66 39.81
C SER E 184 -45.71 6.97 41.12
N TYR E 185 -46.95 7.12 41.58
CA TYR E 185 -47.37 6.50 42.84
C TYR E 185 -48.84 6.11 42.93
N GLU E 186 -49.17 5.19 43.84
CA GLU E 186 -50.55 4.75 44.05
C GLU E 186 -50.81 4.27 45.48
N PHE E 187 -52.01 4.57 45.99
CA PHE E 187 -52.44 4.13 47.33
C PHE E 187 -53.06 2.74 47.21
N THR E 188 -52.50 1.75 47.91
CA THR E 188 -53.03 0.39 47.85
C THR E 188 -54.05 0.16 48.95
N SER E 189 -54.12 1.11 49.88
CA SER E 189 -55.03 1.06 51.00
C SER E 189 -55.02 2.40 51.74
N ASP E 190 -55.83 2.53 52.79
CA ASP E 190 -55.89 3.76 53.58
C ASP E 190 -54.59 4.02 54.35
N ASP E 191 -53.79 2.97 54.55
CA ASP E 191 -52.55 3.06 55.29
C ASP E 191 -51.28 2.88 54.44
N MET E 192 -51.42 2.44 53.19
CA MET E 192 -50.24 2.17 52.35
C MET E 192 -50.13 2.96 51.04
N VAL E 193 -48.90 3.32 50.68
CA VAL E 193 -48.60 3.98 49.40
C VAL E 193 -47.43 3.28 48.69
N ILE E 194 -47.62 2.96 47.42
CA ILE E 194 -46.57 2.33 46.64
C ILE E 194 -46.01 3.31 45.61
N VAL E 195 -44.73 3.64 45.76
CA VAL E 195 -44.05 4.61 44.88
C VAL E 195 -43.18 3.91 43.86
N GLY E 196 -43.25 4.34 42.60
CA GLY E 196 -42.41 3.79 41.56
C GLY E 196 -43.17 3.12 40.43
N VAL F 6 43.11 -40.81 1.61
CA VAL F 6 42.75 -41.30 0.24
C VAL F 6 41.36 -41.99 0.26
N SER F 7 41.15 -42.92 1.19
CA SER F 7 40.74 -44.30 0.86
C SER F 7 39.19 -44.45 1.00
N ALA F 8 38.69 -45.69 1.10
CA ALA F 8 37.23 -46.03 1.09
C ALA F 8 36.40 -45.43 2.28
N SER F 9 37.10 -44.93 3.31
CA SER F 9 36.47 -44.47 4.56
C SER F 9 36.16 -42.97 4.54
N SER F 10 37.05 -42.19 3.90
CA SER F 10 36.82 -40.76 3.67
C SER F 10 35.67 -40.46 2.67
N ARG F 11 35.23 -41.50 1.93
CA ARG F 11 34.01 -41.43 1.08
C ARG F 11 32.71 -41.89 1.72
N TRP F 12 32.81 -42.47 2.91
CA TRP F 12 31.72 -42.43 3.89
C TRP F 12 31.53 -41.12 4.59
N LEU F 13 32.61 -40.53 5.13
CA LEU F 13 32.56 -39.11 5.57
C LEU F 13 32.02 -38.16 4.50
N GLU F 14 32.47 -38.36 3.25
CA GLU F 14 31.90 -37.69 2.09
C GLU F 14 30.47 -38.03 1.81
N GLY F 15 30.07 -39.27 2.10
CA GLY F 15 28.69 -39.71 1.93
C GLY F 15 27.75 -39.12 2.98
N ILE F 16 28.28 -39.00 4.22
CA ILE F 16 27.55 -38.45 5.38
C ILE F 16 27.36 -36.94 5.20
N ARG F 17 28.48 -36.22 4.95
CA ARG F 17 28.47 -34.86 4.40
C ARG F 17 27.43 -34.63 3.32
N LYS F 18 27.44 -35.46 2.25
CA LYS F 18 26.49 -35.29 1.13
C LYS F 18 25.06 -35.50 1.56
N TRP F 19 24.86 -36.35 2.56
CA TRP F 19 23.53 -36.63 3.10
C TRP F 19 23.01 -35.40 3.83
N TYR F 20 23.87 -34.82 4.69
CA TYR F 20 23.49 -33.73 5.57
C TYR F 20 23.18 -32.52 4.76
N TYR F 21 24.09 -32.21 3.83
CA TYR F 21 23.81 -31.30 2.74
C TYR F 21 22.39 -31.41 2.20
N ASN F 22 21.96 -32.62 1.83
CA ASN F 22 20.65 -32.81 1.24
C ASN F 22 19.54 -32.61 2.24
N ALA F 23 19.84 -32.97 3.49
CA ALA F 23 18.93 -32.79 4.61
C ALA F 23 18.76 -31.31 4.98
N ALA F 24 19.89 -30.58 5.05
CA ALA F 24 19.89 -29.13 5.18
C ALA F 24 18.91 -28.42 4.22
N GLY F 25 18.94 -28.82 2.96
CA GLY F 25 17.86 -28.49 2.03
C GLY F 25 17.79 -27.02 1.58
N PHE F 26 18.91 -26.27 1.68
CA PHE F 26 19.04 -24.97 1.00
C PHE F 26 19.14 -25.05 -0.48
N ASN F 27 19.63 -26.21 -0.97
CA ASN F 27 19.74 -26.51 -2.40
C ASN F 27 18.40 -26.68 -3.07
N LYS F 28 17.43 -27.14 -2.31
CA LYS F 28 16.03 -27.16 -2.72
C LYS F 28 15.47 -25.80 -3.12
N LEU F 29 16.10 -24.73 -2.59
CA LEU F 29 15.80 -23.38 -3.00
C LEU F 29 16.94 -22.73 -3.74
N GLY F 30 17.67 -23.50 -4.54
CA GLY F 30 18.68 -22.96 -5.46
C GLY F 30 19.91 -22.30 -4.81
N LEU F 31 20.01 -22.39 -3.48
CA LEU F 31 20.99 -21.63 -2.74
C LEU F 31 22.31 -22.34 -2.71
N MET F 32 23.40 -21.59 -2.78
CA MET F 32 24.68 -22.19 -2.41
C MET F 32 24.94 -22.03 -0.94
N ARG F 33 25.84 -22.87 -0.41
CA ARG F 33 26.16 -22.89 1.02
C ARG F 33 26.48 -21.52 1.58
N ASP F 34 27.31 -20.75 0.85
CA ASP F 34 27.72 -19.41 1.27
C ASP F 34 26.64 -18.33 1.21
N ASP F 35 25.61 -18.49 0.34
CA ASP F 35 24.32 -17.77 0.48
C ASP F 35 23.68 -17.82 1.86
N THR F 36 23.92 -18.90 2.59
CA THR F 36 23.21 -19.14 3.83
C THR F 36 23.94 -18.70 5.10
N ILE F 37 25.25 -18.40 4.99
CA ILE F 37 26.09 -17.80 6.08
C ILE F 37 25.42 -16.61 6.73
N HIS F 38 25.36 -16.65 8.08
CA HIS F 38 25.08 -15.47 8.91
C HIS F 38 25.98 -14.31 8.67
N GLU F 39 25.37 -13.17 8.34
CA GLU F 39 26.09 -11.95 8.02
C GLU F 39 26.50 -11.30 9.32
N ASN F 40 27.67 -11.64 9.82
CA ASN F 40 28.34 -10.84 10.83
C ASN F 40 29.28 -9.80 10.18
N ASP F 41 30.09 -9.12 11.01
CA ASP F 41 31.02 -8.11 10.54
C ASP F 41 32.00 -8.61 9.47
N ASP F 42 32.73 -9.73 9.73
CA ASP F 42 33.71 -10.28 8.74
C ASP F 42 33.01 -10.63 7.45
N VAL F 43 31.83 -11.25 7.57
CA VAL F 43 31.04 -11.74 6.43
C VAL F 43 30.57 -10.57 5.54
N LYS F 44 30.03 -9.54 6.19
CA LYS F 44 29.71 -8.28 5.55
C LYS F 44 30.84 -7.70 4.71
N GLU F 45 32.08 -7.72 5.23
CA GLU F 45 33.23 -7.25 4.45
C GLU F 45 33.51 -8.08 3.24
N ALA F 46 33.40 -9.41 3.38
CA ALA F 46 33.62 -10.34 2.27
C ALA F 46 32.59 -10.15 1.14
N ILE F 47 31.30 -10.06 1.48
CA ILE F 47 30.29 -9.62 0.47
C ILE F 47 30.69 -8.35 -0.24
N ARG F 48 31.23 -7.40 0.53
CA ARG F 48 31.72 -6.13 -0.01
C ARG F 48 32.85 -6.35 -1.02
N ARG F 49 33.74 -7.30 -0.73
CA ARG F 49 34.90 -7.51 -1.57
C ARG F 49 34.58 -8.33 -2.82
N LEU F 50 33.34 -8.79 -2.96
CA LEU F 50 33.00 -9.70 -4.04
C LEU F 50 32.90 -8.92 -5.30
N PRO F 51 33.35 -9.46 -6.40
CA PRO F 51 33.26 -8.74 -7.66
C PRO F 51 31.84 -8.80 -8.22
N GLU F 52 31.59 -8.00 -9.27
CA GLU F 52 30.26 -7.49 -9.59
C GLU F 52 29.39 -8.70 -9.99
N ASN F 53 29.96 -9.54 -10.89
CA ASN F 53 29.39 -10.82 -11.35
C ASN F 53 28.88 -11.78 -10.27
N LEU F 54 29.71 -12.04 -9.25
CA LEU F 54 29.33 -12.95 -8.18
C LEU F 54 28.30 -12.35 -7.23
N TYR F 55 28.48 -11.05 -6.89
CA TYR F 55 27.49 -10.30 -6.10
C TYR F 55 26.12 -10.32 -6.81
N ASP F 56 26.11 -9.90 -8.07
CA ASP F 56 24.91 -9.98 -8.85
C ASP F 56 24.21 -11.31 -8.88
N ASP F 57 24.98 -12.44 -8.93
CA ASP F 57 24.45 -13.85 -8.89
C ASP F 57 23.99 -14.24 -7.47
N ARG F 58 24.87 -14.02 -6.48
CA ARG F 58 24.46 -13.97 -5.06
C ARG F 58 23.11 -13.33 -4.75
N VAL F 59 22.87 -12.07 -5.19
CA VAL F 59 21.57 -11.44 -4.91
C VAL F 59 20.39 -12.08 -5.62
N PHE F 60 20.63 -12.58 -6.82
CA PHE F 60 19.55 -13.21 -7.51
C PHE F 60 19.18 -14.50 -6.89
N ARG F 61 20.18 -15.24 -6.44
CA ARG F 61 19.96 -16.48 -5.72
C ARG F 61 19.10 -16.22 -4.48
N ILE F 62 19.48 -15.22 -3.69
CA ILE F 62 18.77 -14.95 -2.45
C ILE F 62 17.35 -14.41 -2.75
N LYS F 63 17.21 -13.71 -3.88
CA LYS F 63 15.90 -13.22 -4.29
C LYS F 63 15.00 -14.37 -4.67
N ARG F 64 15.56 -15.33 -5.45
CA ARG F 64 14.86 -16.61 -5.80
C ARG F 64 14.27 -17.35 -4.59
N ALA F 65 15.12 -17.52 -3.57
CA ALA F 65 14.84 -18.39 -2.46
C ALA F 65 13.89 -17.71 -1.49
N LEU F 66 14.07 -16.40 -1.26
CA LEU F 66 13.09 -15.65 -0.48
C LEU F 66 11.71 -15.63 -1.16
N ASP F 67 11.70 -15.64 -2.49
CA ASP F 67 10.46 -15.75 -3.23
C ASP F 67 9.77 -17.12 -3.03
N LEU F 68 10.55 -18.21 -3.16
CA LEU F 68 10.03 -19.58 -2.93
C LEU F 68 9.55 -19.71 -1.50
N SER F 69 10.48 -19.51 -0.59
CA SER F 69 10.25 -19.35 0.85
C SER F 69 9.01 -18.64 1.23
N MET F 70 8.65 -17.62 0.44
CA MET F 70 7.38 -16.92 0.62
C MET F 70 6.19 -17.81 0.26
N ARG F 71 6.14 -18.31 -0.97
CA ARG F 71 4.97 -19.08 -1.43
C ARG F 71 5.07 -20.56 -1.01
N GLN F 72 5.90 -20.75 0.03
CA GLN F 72 6.25 -22.04 0.61
C GLN F 72 6.46 -23.23 -0.33
N GLN F 73 7.19 -22.91 -1.40
CA GLN F 73 7.50 -23.83 -2.46
C GLN F 73 8.99 -24.25 -2.48
N ILE F 74 9.27 -25.17 -3.41
CA ILE F 74 10.58 -25.69 -3.68
C ILE F 74 10.79 -25.66 -5.20
N LEU F 75 12.03 -25.70 -5.63
CA LEU F 75 12.34 -25.84 -7.03
C LEU F 75 12.09 -27.30 -7.56
N PRO F 76 11.93 -27.49 -8.89
CA PRO F 76 12.06 -28.83 -9.48
C PRO F 76 13.39 -29.47 -9.16
N LYS F 77 13.40 -30.81 -9.04
CA LYS F 77 14.56 -31.56 -8.55
C LYS F 77 15.83 -31.41 -9.39
N GLU F 78 15.67 -31.28 -10.73
CA GLU F 78 16.81 -30.92 -11.62
C GLU F 78 17.56 -29.67 -11.18
N GLN F 79 16.80 -28.66 -10.74
CA GLN F 79 17.29 -27.29 -10.57
C GLN F 79 17.78 -26.99 -9.13
N TRP F 80 17.64 -27.97 -8.21
CA TRP F 80 18.37 -27.99 -6.94
C TRP F 80 19.85 -27.98 -7.15
N THR F 81 20.57 -27.43 -6.24
CA THR F 81 22.00 -27.39 -6.40
C THR F 81 22.65 -28.61 -5.84
N LYS F 82 23.57 -29.15 -6.62
CA LYS F 82 24.16 -30.44 -6.39
C LYS F 82 25.36 -30.20 -5.49
N TYR F 83 25.71 -31.19 -4.67
CA TYR F 83 26.65 -31.05 -3.56
C TYR F 83 28.13 -30.79 -3.96
N GLU F 84 28.76 -31.75 -4.65
CA GLU F 84 29.48 -31.53 -5.93
C GLU F 84 28.84 -30.34 -6.64
N GLU F 85 29.61 -29.37 -7.14
CA GLU F 85 29.04 -28.17 -7.83
C GLU F 85 28.75 -26.99 -6.93
N ASP F 86 28.80 -27.20 -5.60
CA ASP F 86 28.56 -26.13 -4.64
C ASP F 86 29.88 -25.42 -4.31
N LYS F 87 30.48 -24.81 -5.35
CA LYS F 87 30.88 -23.35 -5.40
C LYS F 87 30.87 -22.56 -4.09
N SER F 88 32.01 -22.54 -3.39
CA SER F 88 32.13 -21.72 -2.21
C SER F 88 32.88 -20.44 -2.47
N TYR F 89 32.17 -19.53 -3.11
CA TYR F 89 32.74 -18.35 -3.68
C TYR F 89 33.22 -17.37 -2.62
N LEU F 90 32.56 -17.38 -1.45
CA LEU F 90 32.84 -16.42 -0.38
C LEU F 90 34.12 -16.73 0.36
N GLU F 91 34.36 -18.03 0.63
CA GLU F 91 35.37 -18.50 1.63
C GLU F 91 36.77 -17.87 1.46
N PRO F 92 37.34 -17.86 0.24
CA PRO F 92 38.66 -17.22 0.09
C PRO F 92 38.65 -15.77 0.64
N TYR F 93 37.57 -14.99 0.35
CA TYR F 93 37.40 -13.61 0.85
C TYR F 93 37.17 -13.58 2.31
N LEU F 94 36.36 -14.51 2.82
CA LEU F 94 36.11 -14.58 4.26
C LEU F 94 37.38 -14.87 5.04
N LYS F 95 38.19 -15.81 4.50
CA LYS F 95 39.42 -16.25 5.12
C LYS F 95 40.33 -15.06 5.29
N GLU F 96 40.34 -14.19 4.25
CA GLU F 96 41.32 -13.10 4.15
C GLU F 96 40.94 -11.94 5.07
N VAL F 97 39.63 -11.59 5.10
CA VAL F 97 39.08 -10.63 6.04
C VAL F 97 39.42 -11.01 7.49
N ILE F 98 39.25 -12.30 7.82
CA ILE F 98 39.57 -12.81 9.13
C ILE F 98 41.05 -12.74 9.38
N ARG F 99 41.85 -13.05 8.34
CA ARG F 99 43.29 -13.07 8.49
C ARG F 99 43.76 -11.67 8.96
N GLU F 100 43.11 -10.65 8.41
CA GLU F 100 43.43 -9.25 8.68
C GLU F 100 42.93 -8.84 10.09
N ARG F 101 41.67 -9.17 10.40
CA ARG F 101 41.12 -8.92 11.74
C ARG F 101 41.99 -9.49 12.85
N LYS F 102 42.68 -10.58 12.56
CA LYS F 102 43.42 -11.29 13.56
C LYS F 102 44.83 -10.66 13.67
N GLU F 103 45.38 -10.21 12.52
CA GLU F 103 46.61 -9.40 12.55
C GLU F 103 46.42 -8.12 13.37
N ARG F 104 45.26 -7.50 13.20
CA ARG F 104 44.90 -6.31 13.93
C ARG F 104 44.87 -6.64 15.42
N GLU F 105 44.18 -7.75 15.74
CA GLU F 105 44.03 -8.25 17.08
C GLU F 105 45.37 -8.59 17.77
N GLU F 106 46.36 -9.12 17.01
CA GLU F 106 47.69 -9.37 17.61
C GLU F 106 48.40 -8.08 17.90
N TRP F 107 48.28 -7.10 16.98
CA TRP F 107 48.95 -5.79 17.16
C TRP F 107 48.41 -5.07 18.36
N ALA F 108 47.13 -5.32 18.67
CA ALA F 108 46.44 -4.69 19.77
C ALA F 108 46.95 -5.18 21.13
N LYS F 109 47.62 -6.33 21.15
CA LYS F 109 48.09 -6.97 22.38
C LYS F 109 49.41 -6.40 22.93
N LYS F 110 50.26 -5.89 22.05
CA LYS F 110 51.66 -5.62 22.42
C LYS F 110 51.85 -4.32 23.22
N GLY G 1 15.80 3.37 11.63
CA GLY G 1 16.52 2.81 10.42
C GLY G 1 15.65 2.60 9.18
N ARG G 2 16.28 2.64 7.99
CA ARG G 2 16.03 1.67 6.84
C ARG G 2 14.77 2.03 6.09
N GLN G 3 14.93 2.76 4.98
CA GLN G 3 13.80 3.51 4.43
C GLN G 3 13.09 2.91 3.25
N PHE G 4 13.86 2.29 2.31
CA PHE G 4 13.48 2.05 0.87
C PHE G 4 14.12 3.07 -0.05
N GLY G 5 14.86 2.58 -1.04
CA GLY G 5 15.83 3.39 -1.76
C GLY G 5 17.18 3.54 -1.06
N HIS G 6 17.28 3.02 0.18
CA HIS G 6 18.54 2.95 0.92
C HIS G 6 18.76 1.58 1.57
N LEU G 7 18.12 0.54 1.01
CA LEU G 7 18.28 -0.80 1.57
C LEU G 7 19.55 -1.46 1.11
N THR G 8 19.64 -1.73 -0.20
CA THR G 8 20.82 -2.40 -0.79
C THR G 8 20.88 -2.29 -2.34
N ARG G 9 22.08 -2.47 -2.89
CA ARG G 9 22.30 -2.53 -4.37
C ARG G 9 21.71 -3.80 -5.00
N VAL G 10 20.97 -3.66 -6.07
CA VAL G 10 20.46 -4.81 -6.83
C VAL G 10 20.51 -4.41 -8.28
N ARG G 11 21.07 -5.30 -9.12
CA ARG G 11 21.20 -5.08 -10.57
C ARG G 11 20.61 -6.28 -11.38
N HIS G 12 19.93 -5.98 -12.49
CA HIS G 12 19.61 -6.96 -13.59
C HIS G 12 18.47 -7.99 -13.32
N VAL G 13 17.56 -7.62 -12.42
CA VAL G 13 16.45 -8.46 -12.04
C VAL G 13 15.19 -7.80 -12.59
N ILE G 14 14.58 -8.41 -13.59
CA ILE G 14 13.21 -8.00 -14.00
C ILE G 14 12.17 -8.67 -13.12
N THR G 15 11.04 -7.96 -12.83
CA THR G 15 9.93 -8.53 -12.04
C THR G 15 8.55 -8.30 -12.64
N TYR G 16 7.95 -9.38 -13.14
CA TYR G 16 6.63 -9.30 -13.76
C TYR G 16 5.51 -9.53 -12.73
N SER G 17 4.69 -8.50 -12.54
CA SER G 17 3.53 -8.57 -11.64
C SER G 17 2.21 -8.33 -12.38
N LEU G 18 1.11 -8.79 -11.75
CA LEU G 18 -0.23 -8.65 -12.29
C LEU G 18 -1.26 -8.08 -11.27
N SER G 19 -2.11 -7.14 -11.72
CA SER G 19 -3.18 -6.58 -10.89
C SER G 19 -4.09 -7.67 -10.23
N PRO G 20 -4.43 -7.49 -8.91
CA PRO G 20 -5.32 -8.46 -8.21
C PRO G 20 -6.71 -8.58 -8.84
N PHE G 21 -7.15 -7.54 -9.52
CA PHE G 21 -8.44 -7.54 -10.18
C PHE G 21 -8.37 -8.29 -11.54
N GLU G 22 -7.16 -8.63 -11.98
CA GLU G 22 -6.97 -9.51 -13.15
C GLU G 22 -6.83 -11.04 -12.79
N GLN G 23 -6.63 -11.33 -11.52
CA GLN G 23 -6.21 -12.66 -11.11
C GLN G 23 -7.07 -13.30 -10.01
N ARG G 24 -7.22 -14.62 -10.11
CA ARG G 24 -8.08 -15.33 -9.21
C ARG G 24 -7.31 -15.55 -7.92
N ALA G 25 -7.95 -15.21 -6.81
CA ALA G 25 -7.34 -15.18 -5.47
C ALA G 25 -7.00 -16.59 -4.92
N PHE G 26 -7.70 -17.60 -5.44
CA PHE G 26 -7.38 -19.01 -5.19
C PHE G 26 -7.18 -19.78 -6.54
N PRO G 27 -6.00 -19.61 -7.16
CA PRO G 27 -5.60 -20.48 -8.25
C PRO G 27 -5.24 -21.88 -7.73
N HIS G 28 -6.00 -22.88 -8.21
CA HIS G 28 -5.72 -24.33 -8.00
C HIS G 28 -5.58 -24.67 -6.52
N TYR G 29 -6.55 -24.22 -5.74
CA TYR G 29 -6.40 -24.12 -4.30
C TYR G 29 -6.27 -25.51 -3.68
N PHE G 30 -7.10 -26.44 -4.16
CA PHE G 30 -6.98 -27.86 -3.85
C PHE G 30 -6.04 -28.60 -4.79
N SER G 31 -6.19 -28.37 -6.11
CA SER G 31 -5.38 -29.03 -7.16
C SER G 31 -3.85 -28.97 -6.91
N LYS G 32 -3.34 -27.78 -6.58
CA LYS G 32 -1.93 -27.59 -6.16
C LYS G 32 -1.71 -27.64 -4.65
N GLY G 33 -2.71 -27.21 -3.88
CA GLY G 33 -2.52 -26.93 -2.47
C GLY G 33 -2.30 -28.19 -1.67
N ILE G 34 -3.26 -29.11 -1.72
CA ILE G 34 -3.14 -30.38 -0.99
C ILE G 34 -1.84 -31.22 -1.25
N PRO G 35 -1.41 -31.41 -2.53
CA PRO G 35 -0.04 -31.83 -2.83
C PRO G 35 1.05 -31.20 -1.93
N ASN G 36 0.97 -29.88 -1.72
CA ASN G 36 2.04 -29.12 -1.09
C ASN G 36 2.07 -29.37 0.38
N VAL G 37 0.88 -29.45 0.99
CA VAL G 37 0.80 -29.66 2.43
C VAL G 37 1.29 -31.06 2.85
N LEU G 38 0.98 -32.06 2.02
CA LEU G 38 1.66 -33.36 2.10
C LEU G 38 3.21 -33.28 2.00
N ARG G 39 3.70 -32.55 0.99
CA ARG G 39 5.16 -32.41 0.73
C ARG G 39 5.89 -31.73 1.93
N ARG G 40 5.23 -30.74 2.56
CA ARG G 40 5.81 -30.02 3.70
C ARG G 40 5.72 -30.88 4.95
N THR G 41 4.63 -31.62 5.08
CA THR G 41 4.47 -32.60 6.16
C THR G 41 5.55 -33.66 6.06
N ARG G 42 5.67 -34.24 4.85
CA ARG G 42 6.70 -35.22 4.46
C ARG G 42 8.11 -34.71 4.73
N ALA G 43 8.30 -33.39 4.48
CA ALA G 43 9.60 -32.73 4.57
C ALA G 43 10.06 -32.63 6.01
N CYS G 44 9.10 -32.73 6.95
CA CYS G 44 9.30 -32.27 8.31
C CYS G 44 8.85 -33.25 9.40
N ILE G 45 8.03 -34.29 9.05
CA ILE G 45 7.57 -35.30 10.04
C ILE G 45 8.68 -35.82 10.92
N LEU G 46 9.79 -36.18 10.30
CA LEU G 46 10.87 -36.85 11.00
C LEU G 46 11.69 -35.94 11.94
N ARG G 47 11.29 -34.70 12.02
CA ARG G 47 11.97 -33.73 12.85
C ARG G 47 11.10 -33.16 13.97
N VAL G 48 9.83 -32.95 13.65
CA VAL G 48 8.83 -32.54 14.64
C VAL G 48 8.27 -33.73 15.42
N ALA G 49 7.80 -34.77 14.70
CA ALA G 49 7.09 -35.93 15.33
C ALA G 49 7.83 -36.70 16.46
N PRO G 50 9.08 -37.16 16.24
CA PRO G 50 9.70 -38.13 17.16
C PRO G 50 10.04 -37.70 18.63
N PRO G 51 10.17 -36.41 18.99
CA PRO G 51 10.11 -36.04 20.43
C PRO G 51 8.72 -36.02 21.05
N PHE G 52 7.70 -35.69 20.26
CA PHE G 52 6.33 -35.68 20.77
C PHE G 52 5.79 -37.05 21.12
N VAL G 53 6.06 -38.07 20.26
CA VAL G 53 5.76 -39.48 20.60
C VAL G 53 6.55 -39.99 21.79
N ALA G 54 7.82 -39.57 21.91
CA ALA G 54 8.63 -39.81 23.12
C ALA G 54 8.04 -39.25 24.41
N PHE G 55 7.52 -38.00 24.35
CA PHE G 55 6.58 -37.49 25.36
C PHE G 55 5.37 -38.39 25.55
N TYR G 56 4.65 -38.71 24.46
CA TYR G 56 3.38 -39.43 24.58
C TYR G 56 3.53 -40.72 25.38
N LEU G 57 4.57 -41.49 25.08
CA LEU G 57 4.85 -42.72 25.80
C LEU G 57 5.30 -42.51 27.25
N VAL G 58 6.15 -41.49 27.48
CA VAL G 58 6.56 -41.11 28.85
C VAL G 58 5.37 -40.57 29.70
N TYR G 59 4.42 -39.90 29.04
CA TYR G 59 3.11 -39.60 29.61
C TYR G 59 2.23 -40.84 29.92
N THR G 60 2.03 -41.73 28.94
CA THR G 60 1.11 -42.88 29.14
C THR G 60 1.59 -44.03 30.08
N TRP G 61 2.88 -44.33 30.05
CA TRP G 61 3.58 -44.98 31.13
C TRP G 61 3.39 -44.37 32.53
N GLY G 62 3.73 -43.08 32.66
CA GLY G 62 3.86 -42.41 33.96
C GLY G 62 2.53 -42.34 34.72
N THR G 63 1.48 -42.03 33.96
CA THR G 63 0.08 -42.10 34.38
C THR G 63 -0.34 -43.49 34.87
N GLN G 64 0.18 -44.53 34.20
CA GLN G 64 -0.17 -45.93 34.50
C GLN G 64 0.58 -46.47 35.69
N GLU G 65 1.90 -46.19 35.75
CA GLU G 65 2.73 -46.47 36.94
C GLU G 65 2.26 -45.79 38.22
N PHE G 66 1.80 -44.54 38.10
CA PHE G 66 1.21 -43.79 39.24
C PHE G 66 -0.02 -44.51 39.82
N GLU G 67 -0.88 -45.00 38.91
CA GLU G 67 -2.23 -45.47 39.21
C GLU G 67 -2.24 -46.96 39.74
N LYS G 68 -1.46 -47.82 39.08
CA LYS G 68 -0.97 -49.11 39.61
C LYS G 68 -0.29 -49.04 40.98
N SER G 69 0.50 -47.97 41.22
CA SER G 69 1.37 -47.89 42.41
C SER G 69 0.62 -47.76 43.74
N LYS G 70 -0.60 -47.22 43.68
CA LYS G 70 -1.28 -46.60 44.83
C LYS G 70 -2.39 -47.55 45.39
N ARG G 71 -1.94 -48.65 46.01
CA ARG G 71 -2.45 -50.02 45.78
C ARG G 71 -1.51 -51.02 46.46
N LYS G 72 -2.07 -52.12 47.00
CA LYS G 72 -1.28 -53.27 47.48
C LYS G 72 -1.78 -54.64 46.98
N ASN G 73 -1.10 -55.72 47.39
CA ASN G 73 -1.78 -56.96 47.82
C ASN G 73 -1.42 -57.59 49.23
N PRO G 74 -0.32 -58.38 49.39
CA PRO G 74 0.16 -58.75 50.75
C PRO G 74 1.08 -57.70 51.40
N ALA G 75 1.35 -57.86 52.71
CA ALA G 75 0.86 -56.95 53.78
C ALA G 75 -0.64 -56.73 53.76
N GLU H 9 -38.33 -48.09 52.45
CA GLU H 9 -39.14 -47.78 53.66
C GLU H 9 -39.92 -49.02 54.19
N GLU H 10 -41.10 -49.30 53.60
CA GLU H 10 -41.71 -50.66 53.56
C GLU H 10 -42.44 -51.02 52.22
N GLU H 11 -43.38 -50.16 51.77
CA GLU H 11 -43.96 -50.21 50.40
C GLU H 11 -44.33 -48.82 49.78
N GLU H 12 -43.50 -48.36 48.81
CA GLU H 12 -43.90 -48.12 47.39
C GLU H 12 -44.01 -46.63 47.02
N LEU H 13 -42.94 -46.07 46.44
CA LEU H 13 -42.94 -45.63 45.02
C LEU H 13 -41.65 -46.01 44.27
N VAL H 14 -41.68 -45.91 42.93
CA VAL H 14 -41.10 -46.92 42.02
C VAL H 14 -39.87 -46.37 41.22
N ASP H 15 -38.66 -46.64 41.76
CA ASP H 15 -37.49 -45.74 41.57
C ASP H 15 -36.51 -46.25 40.46
N PRO H 16 -36.35 -45.46 39.37
CA PRO H 16 -35.77 -45.97 38.12
C PRO H 16 -34.27 -46.22 38.22
N LEU H 17 -33.61 -45.63 39.23
CA LEU H 17 -32.25 -45.99 39.62
C LEU H 17 -32.06 -47.49 39.78
N THR H 18 -32.81 -48.10 40.70
CA THR H 18 -32.66 -49.53 41.01
C THR H 18 -33.24 -50.46 39.94
N THR H 19 -34.34 -50.03 39.29
CA THR H 19 -34.80 -50.58 37.97
C THR H 19 -33.70 -50.72 36.91
N VAL H 20 -32.77 -49.76 36.88
CA VAL H 20 -31.65 -49.76 35.92
C VAL H 20 -30.30 -50.25 36.50
N ARG H 21 -30.15 -50.16 37.83
CA ARG H 21 -29.06 -50.85 38.58
C ARG H 21 -29.06 -52.41 38.46
N GLU H 22 -30.25 -52.99 38.32
CA GLU H 22 -30.38 -54.45 38.10
C GLU H 22 -30.21 -54.85 36.64
N GLN H 23 -30.51 -53.92 35.73
CA GLN H 23 -29.96 -53.94 34.37
C GLN H 23 -28.42 -53.88 34.36
N CYS H 24 -27.83 -53.27 35.40
CA CYS H 24 -26.41 -52.91 35.43
C CYS H 24 -25.56 -54.02 36.03
N GLU H 25 -26.01 -54.56 37.17
CA GLU H 25 -25.22 -55.47 38.01
C GLU H 25 -25.06 -56.88 37.37
N GLN H 26 -25.94 -57.21 36.41
CA GLN H 26 -25.58 -57.81 35.08
C GLN H 26 -24.15 -57.44 34.50
N LEU H 27 -24.12 -56.92 33.27
CA LEU H 27 -23.42 -57.55 32.15
C LEU H 27 -21.90 -57.31 32.24
N GLU H 28 -21.10 -58.24 31.67
CA GLU H 28 -20.11 -59.07 32.42
C GLU H 28 -19.52 -58.41 33.67
N LYS H 29 -19.02 -57.18 33.50
CA LYS H 29 -17.83 -56.72 34.18
C LYS H 29 -18.12 -56.28 35.64
N CYS H 30 -19.41 -56.02 35.93
CA CYS H 30 -19.95 -56.06 37.32
C CYS H 30 -19.78 -57.41 38.02
N VAL H 31 -20.26 -58.49 37.39
CA VAL H 31 -20.29 -59.86 38.01
C VAL H 31 -18.90 -60.21 38.53
N LYS H 32 -17.89 -59.94 37.68
CA LYS H 32 -16.50 -60.27 37.94
C LYS H 32 -15.90 -59.39 39.06
N ALA H 33 -16.38 -58.15 39.15
CA ALA H 33 -15.86 -57.18 40.12
C ALA H 33 -16.64 -57.18 41.43
N ARG H 34 -17.93 -57.56 41.37
CA ARG H 34 -18.67 -58.18 42.48
C ARG H 34 -17.94 -59.41 43.08
N GLU H 35 -17.37 -60.27 42.21
CA GLU H 35 -16.74 -61.53 42.59
C GLU H 35 -15.43 -61.35 43.37
N ARG H 36 -14.55 -60.46 42.89
CA ARG H 36 -13.28 -60.16 43.61
C ARG H 36 -13.45 -59.22 44.81
N LEU H 37 -14.63 -58.60 44.89
CA LEU H 37 -15.10 -57.94 46.12
C LEU H 37 -15.51 -58.95 47.19
N GLU H 38 -16.34 -59.93 46.79
CA GLU H 38 -16.73 -61.05 47.65
C GLU H 38 -15.55 -61.96 48.06
N LEU H 39 -14.60 -62.14 47.12
CA LEU H 39 -13.29 -62.79 47.37
C LEU H 39 -12.45 -62.09 48.44
N CYS H 40 -12.37 -60.76 48.31
CA CYS H 40 -11.98 -59.87 49.41
C CYS H 40 -12.85 -60.06 50.68
N ASP H 41 -14.19 -60.12 50.51
CA ASP H 41 -15.18 -60.07 51.63
C ASP H 41 -15.02 -61.25 52.64
N GLU H 42 -15.13 -62.48 52.12
CA GLU H 42 -14.36 -63.66 52.57
C GLU H 42 -13.11 -63.33 53.39
N ARG H 43 -12.01 -62.94 52.72
CA ARG H 43 -10.67 -62.97 53.35
C ARG H 43 -10.46 -61.89 54.45
N VAL H 44 -11.22 -60.79 54.36
CA VAL H 44 -11.36 -59.78 55.43
C VAL H 44 -12.02 -60.35 56.70
N SER H 45 -13.19 -60.99 56.53
CA SER H 45 -13.87 -61.75 57.60
C SER H 45 -12.97 -62.85 58.26
N SER H 46 -12.20 -63.54 57.42
CA SER H 46 -11.65 -64.87 57.73
C SER H 46 -10.32 -64.85 58.53
N ARG H 47 -10.02 -63.72 59.19
CA ARG H 47 -8.63 -63.34 59.50
C ARG H 47 -8.46 -62.68 60.90
N SER H 48 -7.20 -62.67 61.38
CA SER H 48 -6.86 -62.42 62.78
C SER H 48 -6.59 -60.90 63.04
N GLN H 49 -5.34 -60.46 62.81
CA GLN H 49 -4.81 -59.18 63.36
C GLN H 49 -4.94 -57.99 62.36
N THR H 50 -5.72 -58.19 61.29
CA THR H 50 -5.47 -57.53 59.98
C THR H 50 -6.01 -56.09 59.93
N GLU H 51 -5.34 -55.25 59.13
CA GLU H 51 -5.99 -54.14 58.43
C GLU H 51 -5.72 -54.23 56.91
N GLU H 52 -6.63 -54.90 56.19
CA GLU H 52 -6.47 -55.17 54.75
C GLU H 52 -7.79 -55.19 53.97
N ASP H 53 -8.22 -54.02 53.53
CA ASP H 53 -9.32 -53.30 54.17
C ASP H 53 -10.39 -52.87 53.14
N CYS H 54 -10.37 -53.50 51.97
CA CYS H 54 -11.56 -53.81 51.14
C CYS H 54 -12.35 -52.61 50.55
N THR H 55 -11.92 -51.40 50.91
CA THR H 55 -12.32 -50.13 50.28
C THR H 55 -12.15 -50.12 48.75
N GLU H 56 -11.04 -50.73 48.28
CA GLU H 56 -10.66 -50.84 46.84
C GLU H 56 -11.76 -51.47 45.96
N GLU H 57 -12.20 -52.67 46.34
CA GLU H 57 -12.86 -53.60 45.42
C GLU H 57 -14.33 -53.23 45.24
N LEU H 58 -14.86 -52.54 46.26
CA LEU H 58 -16.10 -51.74 46.14
C LEU H 58 -16.08 -50.73 44.98
N LEU H 59 -14.99 -49.97 44.85
CA LEU H 59 -14.97 -48.82 43.96
C LEU H 59 -14.97 -49.17 42.47
N ASP H 60 -14.11 -50.14 42.07
CA ASP H 60 -14.07 -50.67 40.65
C ASP H 60 -15.37 -51.35 40.24
N PHE H 61 -16.07 -51.95 41.21
CA PHE H 61 -17.45 -52.37 41.06
C PHE H 61 -18.38 -51.18 40.70
N LEU H 62 -18.33 -50.12 41.52
CA LEU H 62 -19.22 -48.96 41.34
C LEU H 62 -18.91 -48.18 40.05
N HIS H 63 -17.61 -48.01 39.76
CA HIS H 63 -17.09 -47.60 38.44
C HIS H 63 -17.75 -48.28 37.20
N ALA H 64 -17.69 -49.61 37.15
CA ALA H 64 -18.28 -50.38 36.05
C ALA H 64 -19.81 -50.33 36.06
N ARG H 65 -20.37 -50.26 37.28
CA ARG H 65 -21.80 -50.07 37.49
C ARG H 65 -22.29 -48.72 36.93
N ASP H 66 -21.51 -47.67 37.16
CA ASP H 66 -22.03 -46.31 37.02
C ASP H 66 -21.76 -45.63 35.69
N HIS H 67 -20.69 -46.05 35.01
CA HIS H 67 -20.60 -45.97 33.53
C HIS H 67 -21.85 -46.55 32.83
N CYS H 68 -22.29 -47.72 33.29
CA CYS H 68 -23.51 -48.35 32.82
C CYS H 68 -24.80 -47.62 33.27
N VAL H 69 -24.80 -47.12 34.53
CA VAL H 69 -25.92 -46.32 35.07
C VAL H 69 -26.20 -45.09 34.19
N ALA H 70 -25.14 -44.35 33.85
CA ALA H 70 -25.25 -42.99 33.32
C ALA H 70 -25.80 -42.97 31.89
N HIS H 71 -25.30 -43.90 31.04
CA HIS H 71 -25.78 -44.09 29.66
C HIS H 71 -27.28 -44.36 29.61
N LYS H 72 -27.73 -45.19 30.56
CA LYS H 72 -29.00 -45.92 30.44
C LYS H 72 -30.18 -45.23 31.15
N LEU H 73 -29.88 -44.32 32.11
CA LEU H 73 -30.84 -43.81 33.12
C LEU H 73 -31.98 -42.92 32.48
N PHE H 74 -32.27 -41.74 33.05
CA PHE H 74 -32.48 -40.47 32.30
C PHE H 74 -33.48 -40.45 31.09
N ASN H 75 -33.80 -41.63 30.53
CA ASN H 75 -34.67 -41.80 29.35
C ASN H 75 -36.19 -41.81 29.70
N SER H 76 -36.48 -41.75 31.01
CA SER H 76 -37.75 -42.27 31.60
C SER H 76 -38.16 -41.43 32.85
N LEU H 77 -37.16 -41.13 33.71
CA LEU H 77 -36.86 -39.76 34.22
C LEU H 77 -37.28 -38.59 33.33
N LYS H 78 -38.15 -37.74 33.87
CA LYS H 78 -39.18 -37.04 33.09
C LYS H 78 -39.12 -35.49 33.37
N MET I 1 21.19 35.99 -47.74
CA MET I 1 21.24 34.52 -47.44
C MET I 1 21.28 34.19 -45.93
N LEU I 2 20.87 35.16 -45.11
CA LEU I 2 21.60 35.55 -43.90
C LEU I 2 20.79 35.07 -42.70
N SER I 3 21.22 33.94 -42.12
CA SER I 3 20.73 33.45 -40.84
C SER I 3 21.83 32.66 -40.16
N VAL I 4 22.56 33.34 -39.26
CA VAL I 4 24.02 33.16 -39.06
C VAL I 4 24.34 31.69 -38.65
N ALA I 5 23.58 31.17 -37.68
CA ALA I 5 23.22 29.74 -37.55
C ALA I 5 22.88 28.97 -38.85
N ALA I 6 21.61 28.98 -39.31
CA ALA I 6 21.13 28.04 -40.37
C ALA I 6 21.59 28.40 -41.84
N ARG I 7 22.68 29.17 -41.93
CA ARG I 7 23.80 28.97 -42.87
C ARG I 7 24.67 27.71 -42.62
N SER I 8 24.65 27.20 -41.38
CA SER I 8 24.20 25.82 -41.00
C SER I 8 25.38 25.00 -40.50
N GLY I 9 25.67 25.16 -39.21
CA GLY I 9 27.07 25.28 -38.79
C GLY I 9 27.33 25.73 -37.37
N PRO I 10 27.33 27.05 -37.12
CA PRO I 10 27.69 27.58 -35.79
C PRO I 10 26.59 27.35 -34.79
N PHE I 11 26.86 27.49 -33.49
CA PHE I 11 25.82 27.26 -32.48
C PHE I 11 24.76 28.32 -32.26
N ALA I 12 23.52 27.84 -32.04
CA ALA I 12 22.39 28.59 -31.51
C ALA I 12 21.75 27.81 -30.33
N PRO I 13 21.96 28.24 -29.07
CA PRO I 13 21.07 27.92 -27.94
C PRO I 13 19.80 28.65 -27.86
N VAL I 14 18.85 28.03 -27.17
CA VAL I 14 17.46 28.44 -27.09
C VAL I 14 16.98 28.00 -25.70
N LEU I 15 16.54 28.96 -24.90
CA LEU I 15 15.73 28.78 -23.65
C LEU I 15 14.28 29.14 -23.81
N SER I 16 13.47 28.82 -22.79
CA SER I 16 12.01 28.98 -22.86
C SER I 16 11.41 29.09 -21.44
N ALA I 17 10.32 29.91 -21.27
CA ALA I 17 9.24 29.62 -20.26
C ALA I 17 8.77 28.07 -20.23
N THR I 18 8.42 27.57 -21.41
CA THR I 18 7.32 26.60 -21.58
C THR I 18 7.90 25.29 -22.15
N SER I 19 8.39 25.30 -23.39
CA SER I 19 9.22 24.19 -23.95
C SER I 19 10.72 24.17 -23.46
N ARG I 20 11.57 23.36 -24.10
CA ARG I 20 12.82 22.78 -23.46
C ARG I 20 14.07 23.35 -24.14
N GLY I 21 15.18 23.44 -23.39
CA GLY I 21 16.46 24.01 -23.85
C GLY I 21 17.10 23.30 -25.05
N VAL I 22 17.39 24.06 -26.11
CA VAL I 22 17.93 23.53 -27.38
C VAL I 22 19.37 24.10 -27.62
N ALA I 23 20.20 23.31 -28.34
CA ALA I 23 21.44 23.75 -29.05
C ALA I 23 21.51 23.19 -30.53
N GLY I 24 22.48 23.68 -31.33
CA GLY I 24 22.21 24.37 -32.57
C GLY I 24 22.17 23.42 -33.71
N ALA I 25 23.34 23.10 -34.27
CA ALA I 25 23.68 23.40 -35.68
C ALA I 25 24.51 22.28 -36.39
N LEU I 26 25.58 22.59 -37.15
CA LEU I 26 26.09 21.66 -38.24
C LEU I 26 27.64 21.58 -38.66
N ARG I 27 28.54 21.03 -37.81
CA ARG I 27 28.49 19.68 -37.19
C ARG I 27 27.68 18.46 -37.78
N PRO I 28 28.37 17.35 -38.07
CA PRO I 28 27.83 16.01 -37.84
C PRO I 28 27.80 15.58 -36.39
N LEU I 29 26.67 15.03 -35.96
CA LEU I 29 26.49 13.58 -35.84
C LEU I 29 26.30 12.92 -37.21
N VAL I 30 25.60 13.61 -38.12
CA VAL I 30 24.23 13.24 -38.53
C VAL I 30 24.13 11.91 -39.38
N GLN I 31 25.01 11.73 -40.37
CA GLN I 31 25.28 10.41 -41.03
C GLN I 31 26.07 9.40 -40.13
N ALA I 32 25.82 9.43 -38.81
CA ALA I 32 26.56 8.58 -37.84
C ALA I 32 25.74 8.08 -36.66
N ALA I 33 24.41 8.07 -36.82
CA ALA I 33 23.52 7.17 -36.08
C ALA I 33 23.29 5.80 -36.80
N VAL I 34 24.04 5.57 -37.88
CA VAL I 34 23.51 5.10 -39.16
C VAL I 34 24.53 4.11 -39.81
N PRO I 35 25.84 4.34 -39.59
CA PRO I 35 26.67 3.43 -38.79
C PRO I 35 26.81 3.81 -37.29
N ALA I 36 27.25 2.86 -36.48
CA ALA I 36 26.47 2.41 -35.33
C ALA I 36 27.36 1.81 -34.17
N THR I 37 26.73 1.37 -33.08
CA THR I 37 27.12 1.70 -31.66
C THR I 37 27.53 3.18 -31.39
N SER I 38 26.77 4.12 -31.96
CA SER I 38 26.61 5.46 -31.38
C SER I 38 25.29 5.60 -30.59
N GLU I 39 25.29 5.02 -29.39
CA GLU I 39 24.77 5.68 -28.18
C GLU I 39 25.72 6.79 -27.59
N SER I 40 25.50 7.16 -26.31
CA SER I 40 24.58 8.24 -25.85
C SER I 40 23.44 7.73 -24.92
N PRO I 41 23.25 8.40 -23.76
CA PRO I 41 21.97 9.01 -23.37
C PRO I 41 20.89 9.11 -24.48
N VAL I 42 19.78 8.39 -24.29
CA VAL I 42 18.49 9.03 -23.99
C VAL I 42 17.99 8.79 -22.50
N LEU I 43 18.53 9.66 -21.60
CA LEU I 43 17.85 10.40 -20.46
C LEU I 43 18.54 10.23 -19.05
N ASP I 44 19.73 10.89 -18.89
CA ASP I 44 20.57 10.95 -17.64
C ASP I 44 21.50 12.21 -17.61
N LEU I 45 21.87 12.73 -16.40
CA LEU I 45 21.27 13.99 -15.80
C LEU I 45 20.84 15.26 -16.70
N LYS I 46 19.53 15.33 -17.05
CA LYS I 46 19.01 15.68 -18.44
C LYS I 46 17.46 16.12 -18.50
N ARG I 47 16.77 15.86 -19.62
CA ARG I 47 16.12 16.84 -20.52
C ARG I 47 15.49 16.02 -21.70
N SER I 48 14.46 16.54 -22.36
CA SER I 48 13.80 15.74 -23.42
C SER I 48 13.91 16.30 -24.83
N VAL I 49 13.67 15.43 -25.82
CA VAL I 49 14.27 15.55 -27.17
C VAL I 49 13.12 15.41 -28.22
N LEU I 50 13.30 16.07 -29.38
CA LEU I 50 12.28 16.87 -30.10
C LEU I 50 11.35 17.71 -29.25
N CYS I 51 10.63 17.02 -28.33
CA CYS I 51 9.59 17.58 -27.44
C CYS I 51 8.50 18.51 -28.07
N ARG I 52 8.03 19.51 -27.29
CA ARG I 52 6.67 19.47 -26.71
C ARG I 52 5.93 20.85 -26.45
N GLU I 53 4.61 20.82 -26.55
CA GLU I 53 3.81 21.55 -27.56
C GLU I 53 3.75 20.97 -29.06
N SER I 54 3.33 19.67 -29.18
CA SER I 54 3.50 18.80 -30.43
C SER I 54 2.67 17.43 -30.48
N LEU I 55 1.56 17.43 -31.27
CA LEU I 55 0.21 17.01 -30.78
C LEU I 55 -0.82 16.66 -31.86
N ARG I 56 -2.12 16.92 -31.56
CA ARG I 56 -3.26 16.03 -31.93
C ARG I 56 -4.63 16.54 -31.38
N GLY I 57 -5.70 16.30 -32.13
CA GLY I 57 -6.91 15.74 -31.55
C GLY I 57 -6.71 14.44 -30.78
N PRO J 3 -24.04 -11.69 -16.59
CA PRO J 3 -22.78 -10.90 -16.32
C PRO J 3 -22.99 -9.64 -15.43
N THR J 4 -24.08 -8.91 -15.65
CA THR J 4 -24.18 -7.48 -15.36
C THR J 4 -24.70 -7.18 -13.92
N LEU J 5 -24.20 -7.92 -12.93
CA LEU J 5 -24.88 -8.04 -11.61
C LEU J 5 -24.11 -7.42 -10.45
N THR J 6 -22.88 -7.89 -10.26
CA THR J 6 -21.82 -7.10 -9.63
C THR J 6 -21.43 -5.87 -10.43
N ALA J 7 -21.46 -5.99 -11.78
CA ALA J 7 -21.28 -4.85 -12.69
C ALA J 7 -22.18 -3.63 -12.37
N ARG J 8 -23.47 -3.91 -12.09
CA ARG J 8 -24.43 -2.87 -11.75
C ARG J 8 -24.32 -2.41 -10.30
N LEU J 9 -24.02 -3.34 -9.40
CA LEU J 9 -23.61 -3.06 -8.02
C LEU J 9 -22.38 -2.15 -7.89
N TYR J 10 -21.42 -2.30 -8.80
CA TYR J 10 -20.21 -1.47 -8.82
C TYR J 10 -20.44 -0.05 -9.33
N SER J 11 -21.06 0.06 -10.52
CA SER J 11 -21.59 1.32 -11.08
C SER J 11 -22.37 2.19 -10.09
N LEU J 12 -23.27 1.58 -9.33
CA LEU J 12 -24.36 2.29 -8.67
C LEU J 12 -24.10 2.58 -7.19
N LEU J 13 -23.12 1.88 -6.60
CA LEU J 13 -22.90 1.93 -5.17
C LEU J 13 -21.44 1.84 -4.78
N PHE J 14 -20.68 0.96 -5.45
CA PHE J 14 -19.28 0.65 -5.07
C PHE J 14 -18.19 1.67 -5.52
N ARG J 15 -18.48 2.49 -6.54
CA ARG J 15 -17.48 3.39 -7.17
C ARG J 15 -17.00 4.49 -6.22
N ARG J 16 -17.89 5.46 -5.94
CA ARG J 16 -17.63 6.51 -4.92
C ARG J 16 -17.60 5.90 -3.54
N THR J 17 -16.54 6.22 -2.80
CA THR J 17 -16.32 5.70 -1.47
C THR J 17 -17.47 6.01 -0.51
N SER J 18 -17.82 7.29 -0.38
CA SER J 18 -19.21 7.77 -0.39
C SER J 18 -20.35 6.71 -0.34
N THR J 19 -20.82 6.31 -1.52
CA THR J 19 -21.98 5.44 -1.65
C THR J 19 -21.64 3.99 -1.26
N PHE J 20 -20.36 3.63 -1.35
CA PHE J 20 -19.84 2.40 -0.77
C PHE J 20 -20.06 2.38 0.75
N ALA J 21 -19.65 3.44 1.44
CA ALA J 21 -19.88 3.55 2.87
C ALA J 21 -21.37 3.65 3.23
N LEU J 22 -22.14 4.39 2.41
CA LEU J 22 -23.61 4.42 2.54
C LEU J 22 -24.24 3.06 2.39
N THR J 23 -23.79 2.31 1.40
CA THR J 23 -24.19 0.92 1.24
C THR J 23 -23.87 0.09 2.44
N ILE J 24 -22.60 0.08 2.87
CA ILE J 24 -22.26 -0.70 4.08
C ILE J 24 -22.99 -0.29 5.40
N VAL J 25 -23.25 0.99 5.59
CA VAL J 25 -24.01 1.40 6.76
C VAL J 25 -25.49 0.96 6.71
N VAL J 26 -26.19 1.27 5.61
CA VAL J 26 -27.56 0.77 5.34
C VAL J 26 -27.62 -0.77 5.38
N GLY J 27 -26.58 -1.40 4.81
CA GLY J 27 -26.42 -2.82 4.77
C GLY J 27 -26.18 -3.48 6.12
N ALA J 28 -25.47 -2.78 7.03
CA ALA J 28 -25.20 -3.30 8.40
C ALA J 28 -26.49 -3.39 9.22
N LEU J 29 -27.36 -2.40 9.02
CA LEU J 29 -28.52 -2.17 9.86
C LEU J 29 -29.62 -3.21 9.58
N PHE J 30 -29.91 -3.41 8.29
CA PHE J 30 -30.68 -4.57 7.78
C PHE J 30 -30.11 -5.91 8.23
N PHE J 31 -28.81 -6.12 7.99
CA PHE J 31 -28.11 -7.36 8.36
C PHE J 31 -28.40 -7.76 9.81
N GLU J 32 -28.27 -6.81 10.73
CA GLU J 32 -28.26 -7.09 12.16
C GLU J 32 -29.66 -7.48 12.67
N ARG J 33 -30.71 -6.87 12.07
CA ARG J 33 -32.06 -7.42 12.11
C ARG J 33 -32.14 -8.87 11.58
N ALA J 34 -31.83 -9.09 10.29
CA ALA J 34 -32.10 -10.38 9.62
C ALA J 34 -31.24 -11.52 10.19
N PHE J 35 -30.03 -11.19 10.63
CA PHE J 35 -29.17 -12.12 11.38
C PHE J 35 -29.68 -12.48 12.78
N ASP J 36 -30.04 -11.47 13.58
CA ASP J 36 -30.43 -11.67 14.99
C ASP J 36 -31.64 -12.64 15.21
N GLN J 37 -32.89 -12.17 14.94
CA GLN J 37 -33.98 -12.97 14.32
C GLN J 37 -33.63 -14.45 13.98
N GLY J 38 -32.89 -14.66 12.90
CA GLY J 38 -32.65 -15.98 12.34
C GLY J 38 -31.62 -16.79 13.10
N ALA J 39 -30.77 -16.14 13.89
CA ALA J 39 -29.95 -16.83 14.90
C ALA J 39 -30.71 -17.16 16.19
N ASP J 40 -31.57 -16.22 16.63
CA ASP J 40 -32.53 -16.43 17.76
C ASP J 40 -33.43 -17.60 17.45
N ALA J 41 -34.12 -17.52 16.30
CA ALA J 41 -34.96 -18.63 15.73
C ALA J 41 -34.31 -19.99 15.66
N ILE J 42 -33.04 -20.05 15.26
CA ILE J 42 -32.24 -21.28 15.33
C ILE J 42 -31.96 -21.74 16.78
N TYR J 43 -31.67 -20.80 17.65
CA TYR J 43 -31.39 -21.10 19.06
C TYR J 43 -32.65 -21.50 19.85
N GLU J 44 -33.65 -20.60 19.87
CA GLU J 44 -35.11 -20.91 19.85
C GLU J 44 -35.55 -22.38 19.44
N HIS J 45 -35.13 -22.85 18.26
CA HIS J 45 -35.54 -24.17 17.74
C HIS J 45 -34.96 -25.36 18.50
N ILE J 46 -33.65 -25.38 18.67
CA ILE J 46 -32.97 -26.59 19.16
C ILE J 46 -32.70 -26.54 20.69
N ASN J 47 -33.46 -25.69 21.38
CA ASN J 47 -33.89 -25.93 22.77
C ASN J 47 -35.42 -25.88 22.87
N GLU J 48 -36.00 -26.49 23.93
CA GLU J 48 -37.39 -26.20 24.35
C GLU J 48 -37.64 -26.18 25.89
N GLY J 49 -36.57 -26.25 26.69
CA GLY J 49 -35.89 -25.06 27.21
C GLY J 49 -36.72 -24.09 28.05
N LYS J 50 -36.86 -22.84 27.55
CA LYS J 50 -37.12 -21.60 28.36
C LYS J 50 -38.52 -21.07 28.02
N LEU J 51 -38.92 -19.91 28.59
CA LEU J 51 -40.32 -19.38 28.51
C LEU J 51 -40.94 -19.23 27.05
N TRP J 52 -41.04 -20.37 26.33
CA TRP J 52 -42.31 -20.99 25.86
C TRP J 52 -43.29 -21.40 26.98
N LYS J 53 -42.72 -21.76 28.13
CA LYS J 53 -43.46 -22.12 29.36
C LYS J 53 -44.12 -20.93 30.10
N HIS J 54 -43.76 -19.69 29.71
CA HIS J 54 -44.73 -18.62 29.30
C HIS J 54 -46.24 -18.98 29.35
N ILE J 55 -46.63 -19.99 28.54
CA ILE J 55 -48.05 -20.30 28.24
C ILE J 55 -48.82 -20.81 29.48
N LYS J 56 -48.07 -21.17 30.53
CA LYS J 56 -48.59 -21.90 31.69
C LYS J 56 -48.95 -20.96 32.85
N HIS J 57 -48.04 -20.02 33.19
CA HIS J 57 -48.01 -19.37 34.51
C HIS J 57 -48.44 -17.88 34.50
N LYS J 58 -48.46 -17.28 33.29
CA LYS J 58 -48.50 -15.80 33.11
C LYS J 58 -49.91 -15.22 32.84
N TYR J 59 -50.87 -16.09 32.49
CA TYR J 59 -52.30 -15.73 32.41
C TYR J 59 -52.96 -15.39 33.76
N GLU J 60 -52.38 -15.91 34.87
CA GLU J 60 -53.04 -15.93 36.21
C GLU J 60 -53.11 -14.55 36.91
N ASN J 61 -52.36 -13.56 36.38
CA ASN J 61 -51.30 -12.89 37.13
C ASN J 61 -51.88 -11.90 38.16
N MET K 1 -8.25 38.43 7.15
CA MET K 1 -7.65 37.05 7.20
C MET K 1 -8.71 35.91 7.05
N LEU K 2 -9.77 36.18 6.25
CA LEU K 2 -10.97 35.30 6.09
C LEU K 2 -11.34 34.91 4.59
N THR K 3 -10.53 35.36 3.62
CA THR K 3 -10.94 36.40 2.65
C THR K 3 -10.43 36.21 1.20
N ARG K 4 -9.13 35.93 1.05
CA ARG K 4 -8.58 34.73 0.36
C ARG K 4 -9.57 33.84 -0.47
N PHE K 5 -10.63 33.33 0.17
CA PHE K 5 -11.27 32.08 -0.27
C PHE K 5 -12.55 32.26 -1.07
N LEU K 6 -12.72 33.43 -1.69
CA LEU K 6 -14.00 33.89 -2.22
C LEU K 6 -13.90 34.39 -3.66
N GLY K 7 -14.54 33.67 -4.58
CA GLY K 7 -14.21 33.75 -6.00
C GLY K 7 -14.78 32.63 -6.86
N PRO K 8 -14.81 32.81 -8.21
CA PRO K 8 -15.38 31.83 -9.15
C PRO K 8 -14.89 30.38 -9.01
N ARG K 9 -13.60 30.20 -8.84
CA ARG K 9 -13.02 28.87 -8.66
C ARG K 9 -13.46 28.22 -7.34
N TYR K 10 -13.62 29.03 -6.30
CA TYR K 10 -14.04 28.50 -5.04
C TYR K 10 -15.52 28.10 -5.03
N ARG K 11 -16.37 28.98 -5.60
CA ARG K 11 -17.72 28.62 -5.99
C ARG K 11 -17.81 27.29 -6.78
N GLN K 12 -16.94 27.12 -7.77
CA GLN K 12 -16.83 25.87 -8.54
C GLN K 12 -16.45 24.69 -7.66
N LEU K 13 -15.49 24.92 -6.74
CA LEU K 13 -14.93 23.88 -5.88
C LEU K 13 -15.95 23.40 -4.88
N ALA K 14 -16.62 24.35 -4.22
CA ALA K 14 -17.83 24.09 -3.43
C ALA K 14 -18.83 23.11 -4.08
N ARG K 15 -19.21 23.38 -5.33
CA ARG K 15 -20.33 22.70 -6.03
C ARG K 15 -19.94 21.24 -6.36
N ASN K 16 -18.68 21.06 -6.74
CA ASN K 16 -18.10 19.78 -7.17
C ASN K 16 -17.98 18.80 -6.01
N TRP K 17 -17.82 19.38 -4.80
CA TRP K 17 -17.80 18.63 -3.52
C TRP K 17 -19.17 18.54 -2.77
N VAL K 18 -20.24 19.13 -3.32
CA VAL K 18 -21.55 19.08 -2.69
C VAL K 18 -22.24 17.69 -2.59
N PRO K 19 -22.40 16.95 -3.72
CA PRO K 19 -22.84 15.54 -3.68
C PRO K 19 -22.08 14.70 -2.65
N THR K 20 -20.76 14.88 -2.56
CA THR K 20 -19.93 14.09 -1.66
C THR K 20 -20.19 14.44 -0.19
N ALA K 21 -20.17 15.74 0.12
CA ALA K 21 -20.22 16.19 1.52
C ALA K 21 -21.63 16.00 2.14
N SER K 22 -22.64 15.81 1.28
CA SER K 22 -23.98 15.46 1.73
C SER K 22 -24.27 13.96 1.77
N LEU K 23 -23.70 13.21 0.81
CA LEU K 23 -23.54 11.74 0.94
C LEU K 23 -22.77 11.29 2.19
N TRP K 24 -21.79 12.09 2.62
CA TRP K 24 -21.12 11.87 3.91
C TRP K 24 -21.99 12.07 5.14
N GLY K 25 -22.90 13.01 5.09
CA GLY K 25 -23.82 13.27 6.19
C GLY K 25 -24.83 12.15 6.32
N ALA K 26 -25.35 11.71 5.16
CA ALA K 26 -26.14 10.49 4.98
C ALA K 26 -25.48 9.23 5.59
N VAL K 27 -24.19 8.99 5.25
CA VAL K 27 -23.35 8.06 6.01
C VAL K 27 -23.35 8.36 7.53
N GLY K 28 -22.94 9.58 7.91
CA GLY K 28 -22.93 10.02 9.29
C GLY K 28 -24.19 9.67 10.05
N ALA K 29 -25.37 9.98 9.49
CA ALA K 29 -26.62 10.01 10.27
C ALA K 29 -27.22 8.60 10.45
N VAL K 30 -27.36 7.89 9.32
CA VAL K 30 -27.75 6.48 9.30
C VAL K 30 -26.88 5.69 10.27
N GLY K 31 -25.56 5.81 10.09
CA GLY K 31 -24.52 5.49 11.10
C GLY K 31 -24.77 5.79 12.56
N LEU K 32 -25.13 7.04 12.85
CA LEU K 32 -25.48 7.46 14.21
C LEU K 32 -26.81 6.86 14.74
N VAL K 33 -27.79 6.75 13.84
CA VAL K 33 -29.10 6.14 14.14
C VAL K 33 -28.98 4.63 14.52
N TRP K 34 -28.42 3.84 13.58
CA TRP K 34 -28.08 2.43 13.78
C TRP K 34 -27.32 2.19 15.08
N ALA K 35 -26.14 2.81 15.25
CA ALA K 35 -25.25 2.53 16.37
C ALA K 35 -25.82 2.84 17.80
N THR K 36 -26.85 3.70 17.88
CA THR K 36 -27.54 3.96 19.16
C THR K 36 -28.93 3.28 19.29
N ASP K 37 -29.42 2.71 18.18
CA ASP K 37 -30.85 2.39 17.94
C ASP K 37 -31.77 3.52 18.33
N TRP K 38 -31.85 4.52 17.46
CA TRP K 38 -32.66 5.72 17.72
C TRP K 38 -34.06 5.54 17.11
N ARG K 39 -34.89 4.73 17.78
CA ARG K 39 -36.11 5.20 18.47
C ARG K 39 -36.96 6.09 17.55
N LEU K 40 -36.86 7.42 17.75
CA LEU K 40 -37.56 8.45 16.97
C LEU K 40 -37.55 8.15 15.46
N ILE K 41 -36.33 8.03 14.91
CA ILE K 41 -36.12 7.85 13.46
C ILE K 41 -36.36 6.38 13.07
N LEU K 42 -35.98 5.45 13.96
CA LEU K 42 -36.01 4.02 13.64
C LEU K 42 -37.39 3.35 13.69
N ASP K 43 -38.32 3.92 14.48
CA ASP K 43 -39.77 3.56 14.41
C ASP K 43 -40.39 3.67 12.98
N TRP K 44 -39.77 4.51 12.13
CA TRP K 44 -40.22 4.80 10.76
C TRP K 44 -39.93 3.71 9.71
N VAL K 45 -39.14 2.70 10.09
CA VAL K 45 -38.24 1.99 9.14
C VAL K 45 -38.73 0.52 8.83
N PRO K 46 -39.10 0.23 7.56
CA PRO K 46 -40.19 -0.72 7.26
C PRO K 46 -39.86 -2.24 7.41
N TYR K 47 -38.59 -2.60 7.67
CA TYR K 47 -38.27 -3.91 8.30
C TYR K 47 -38.03 -3.85 9.82
N ILE K 48 -37.47 -2.73 10.28
CA ILE K 48 -36.52 -2.72 11.39
C ILE K 48 -37.24 -2.50 12.77
N ASN K 49 -38.24 -1.59 12.78
CA ASN K 49 -39.65 -1.90 13.15
C ASN K 49 -39.90 -2.95 14.26
N GLY K 50 -39.85 -4.24 13.88
CA GLY K 50 -40.31 -5.32 14.73
C GLY K 50 -39.26 -5.89 15.67
N LYS K 51 -38.39 -5.01 16.19
CA LYS K 51 -37.43 -5.38 17.25
C LYS K 51 -37.84 -4.95 18.67
N PHE K 52 -38.45 -3.75 18.82
CA PHE K 52 -39.23 -3.46 20.05
C PHE K 52 -40.74 -3.75 19.96
N LYS K 53 -41.40 -3.23 18.92
CA LYS K 53 -42.86 -3.05 18.94
C LYS K 53 -43.59 -3.97 17.93
N LYS K 54 -44.52 -4.78 18.44
CA LYS K 54 -44.29 -6.21 18.65
C LYS K 54 -45.30 -7.10 17.92
FE HEC L . -5.94 -8.28 35.36
CHA HEC L . -7.74 -10.33 37.47
CHB HEC L . -7.60 -5.47 36.62
CHC HEC L . -4.37 -6.24 33.00
CHD HEC L . -4.02 -10.99 34.36
NA HEC L . -7.34 -7.95 36.80
C1A HEC L . -7.95 -8.95 37.51
C2A HEC L . -8.96 -8.29 38.37
C3A HEC L . -8.91 -6.95 38.11
C4A HEC L . -7.91 -6.74 37.06
CMA HEC L . -9.76 -5.87 38.76
CAA HEC L . -9.85 -8.96 39.45
CBA HEC L . -11.23 -9.39 38.86
CGA HEC L . -11.16 -10.69 38.25
O1A HEC L . -10.53 -11.63 38.81
O2A HEC L . -11.77 -10.93 37.17
NB HEC L . -5.99 -6.32 34.92
C1B HEC L . -6.72 -5.32 35.58
C2B HEC L . -6.45 -4.01 34.99
C3B HEC L . -5.56 -4.23 33.99
C4B HEC L . -5.21 -5.67 33.97
CMB HEC L . -7.03 -2.66 35.40
CAB HEC L . -4.97 -3.19 33.11
CBB HEC L . -3.84 -2.57 33.94
NC HEC L . -4.55 -8.53 33.94
C1C HEC L . -3.95 -7.54 33.17
C2C HEC L . -2.91 -8.14 32.37
C3C HEC L . -2.84 -9.43 32.73
C4C HEC L . -3.84 -9.69 33.73
CMC HEC L . -2.01 -7.45 31.36
CAC HEC L . -1.85 -10.44 32.24
CBC HEC L . -2.42 -11.12 31.00
ND HEC L . -5.89 -10.22 35.83
C1D HEC L . -5.09 -11.18 35.25
C2D HEC L . -5.39 -12.46 35.87
C3D HEC L . -6.40 -12.25 36.78
C4D HEC L . -6.73 -10.87 36.71
CMD HEC L . -4.66 -13.76 35.61
CAD HEC L . -7.16 -13.33 37.61
CBD HEC L . -8.09 -14.13 36.63
CGD HEC L . -9.34 -14.53 37.16
O1D HEC L . -9.51 -15.73 37.50
O2D HEC L . -10.34 -13.78 37.10
FE HEC M . 8.68 -9.28 20.80
CHA HEC M . 9.41 -9.09 17.44
CHB HEC M . 6.00 -7.22 20.47
CHC HEC M . 7.54 -10.26 23.86
CHD HEC M . 11.67 -10.94 21.30
NA HEC M . 7.88 -8.26 19.27
C1A HEC M . 8.25 -8.47 17.96
C2A HEC M . 7.27 -7.73 17.18
C3A HEC M . 6.37 -7.22 18.05
C4A HEC M . 6.65 -7.70 19.37
CMA HEC M . 5.20 -6.31 17.70
CAA HEC M . 7.18 -7.47 15.66
CBA HEC M . 7.80 -8.55 14.72
CGA HEC M . 7.29 -9.82 14.92
O1A HEC M . 8.06 -10.76 14.87
O2A HEC M . 6.08 -10.02 15.13
NB HEC M . 7.14 -8.80 21.96
C1B HEC M . 6.14 -7.93 21.63
C2B HEC M . 5.22 -7.83 22.71
C3B HEC M . 5.68 -8.63 23.71
C4B HEC M . 6.89 -9.24 23.22
CMB HEC M . 4.00 -6.93 22.72
CAB HEC M . 4.99 -8.95 25.01
CBB HEC M . 4.68 -7.68 25.86
NC HEC M . 9.47 -10.31 22.31
C1C HEC M . 8.78 -10.73 23.41
C2C HEC M . 9.56 -11.67 24.15
C3C HEC M . 10.70 -11.89 23.43
C4C HEC M . 10.55 -11.13 22.20
CMC HEC M . 9.10 -12.31 25.43
CAC HEC M . 11.92 -12.74 23.68
CBC HEC M . 12.20 -13.17 25.11
ND HEC M . 10.24 -9.87 19.62
C1D HEC M . 11.40 -10.46 20.05
C2D HEC M . 12.29 -10.61 18.92
C3D HEC M . 11.66 -10.13 17.84
C4D HEC M . 10.40 -9.61 18.27
CMD HEC M . 13.67 -11.26 18.91
CAD HEC M . 12.32 -10.19 16.45
CBD HEC M . 11.33 -10.45 15.29
CGD HEC M . 11.89 -11.28 14.32
O1D HEC M . 11.77 -12.54 14.35
O2D HEC M . 12.40 -10.72 13.35
C1 UQ2 N . 5.91 -4.97 13.12
C2 UQ2 N . 6.29 -6.21 12.31
C3 UQ2 N . 5.27 -7.34 12.17
C4 UQ2 N . 3.89 -7.18 12.73
C5 UQ2 N . 3.49 -5.93 13.46
C6 UQ2 N . 4.48 -4.82 13.71
CM2 UQ2 N . 7.85 -6.38 10.45
CM3 UQ2 N . 5.03 -8.37 10.12
CM5 UQ2 N . 2.07 -5.79 13.93
C7 UQ2 N . 4.06 -3.53 14.47
C8 UQ2 N . 3.38 -3.77 15.86
C9 UQ2 N . 2.08 -3.32 16.29
C10 UQ2 N . 1.18 -2.53 15.36
C11 UQ2 N . 1.48 -3.71 17.65
C12 UQ2 N . 2.40 -3.47 18.85
C13 UQ2 N . 1.65 -2.76 19.99
C14 UQ2 N . 2.26 -2.29 21.17
C15 UQ2 N . 1.40 -1.57 22.19
C16 UQ2 N . 3.75 -2.43 21.41
O1 UQ2 N . 6.80 -4.09 13.29
O2 UQ2 N . 7.64 -6.36 11.88
O3 UQ2 N . 5.54 -8.50 11.45
O4 UQ2 N . 3.05 -8.12 12.56
C5 OST O . -1.73 -17.25 37.33
O1 OST O . -1.17 -17.42 38.68
C1 OST O . -1.18 -18.66 39.23
O3 OST O . -1.68 -19.61 38.62
C2 OST O . -0.75 -18.73 40.63
C3 OST O . -0.86 -17.57 41.27
O2 OST O . -0.84 -17.57 42.55
C4 OST O . -1.12 -16.28 43.09
C6 OST O . -0.36 -20.05 41.29
C11 OST O . -1.39 -20.94 41.81
C7 OST O . 1.02 -20.56 41.35
C8 OST O . 1.34 -21.75 42.10
C9 OST O . 0.30 -22.56 42.62
C10 OST O . -1.06 -22.16 42.50
C12 OST O . 2.11 -19.76 40.80
C13 OST O . 3.10 -20.33 40.08
C14 OST O . 4.31 -19.60 39.70
C15 OST O . 4.28 -18.18 39.42
C16 OST O . 5.46 -17.50 39.01
C19 OST O . 5.52 -20.32 39.52
C18 OST O . 6.71 -19.66 39.09
C17 OST O . 6.68 -18.23 38.86
FE HEC P . -24.60 -31.12 52.71
CHA HEC P . -21.14 -31.36 52.93
CHB HEC P . -24.40 -30.88 49.22
CHC HEC P . -28.07 -31.06 52.46
CHD HEC P . -24.81 -31.45 56.18
NA HEC P . -23.07 -30.99 51.34
C1A HEC P . -21.76 -31.26 51.68
C2A HEC P . -20.98 -31.26 50.42
C3A HEC P . -21.90 -31.09 49.40
C4A HEC P . -23.25 -31.05 49.98
CMA HEC P . -21.58 -31.00 47.92
CAA HEC P . -19.42 -31.24 50.36
CBA HEC P . -18.67 -32.25 49.43
CGA HEC P . -17.25 -31.95 49.34
O1A HEC P . -16.72 -31.00 49.97
O2A HEC P . -16.49 -32.64 48.61
NB HEC P . -25.94 -30.96 51.20
C1B HEC P . -25.64 -30.99 49.84
C2B HEC P . -26.89 -30.96 49.11
C3B HEC P . -27.87 -31.00 50.01
C4B HEC P . -27.29 -31.07 51.32
CMB HEC P . -27.08 -30.88 47.60
CAB HEC P . -29.33 -31.03 49.73
CBB HEC P . -29.77 -32.45 49.39
NC HEC P . -26.11 -31.27 54.01
C1C HEC P . -27.46 -31.23 53.70
C2C HEC P . -28.24 -31.33 54.91
C3C HEC P . -27.36 -31.42 55.94
C4C HEC P . -26.01 -31.39 55.38
CMC HEC P . -29.75 -31.29 54.99
CAC HEC P . -27.71 -31.73 57.39
CBC HEC P . -27.71 -33.28 57.59
ND HEC P . -23.28 -31.30 54.21
C1D HEC P . -23.57 -31.42 55.56
C2D HEC P . -22.31 -31.58 56.27
C3D HEC P . -21.31 -31.61 55.36
C4D HEC P . -21.90 -31.45 54.09
CMD HEC P . -22.12 -31.72 57.76
CAD HEC P . -19.80 -31.69 55.72
CBD HEC P . -19.08 -33.01 55.29
CGD HEC P . -17.69 -32.95 55.62
O1D HEC P . -17.20 -33.84 56.37
O2D HEC P . -16.93 -32.05 55.15
FE1 FES Q . -31.65 24.11 45.11
FE2 FES Q . -29.72 25.68 44.13
S1 FES Q . -31.50 26.29 45.27
S2 FES Q . -29.71 23.49 44.23
#